data_5K77
#
_entry.id   5K77
#
_cell.length_a   73.151
_cell.length_b   141.892
_cell.length_c   212.511
_cell.angle_alpha   90.00
_cell.angle_beta   90.00
_cell.angle_gamma   90.00
#
_symmetry.space_group_name_H-M   'P 21 21 21'
#
loop_
_entity.id
_entity.type
_entity.pdbx_description
1 polymer 'RNA lariat debranching enzyme, putative'
2 polymer "branch 1 of branched RNA 5'-UAA(-2'GU)CA-3'"
3 polymer "brnch 2 of branched RNA 5'-UAA(-2'GU)CA-3'"
4 non-polymer 'ZINC ION'
5 non-polymer 'FE (II) ION'
6 non-polymer 'SULFATE ION'
7 non-polymer 'HYDROXIDE ION'
8 water water
#
loop_
_entity_poly.entity_id
_entity_poly.type
_entity_poly.pdbx_seq_one_letter_code
_entity_poly.pdbx_strand_id
1 'polypeptide(L)'
;MATEQIQHIAIVGCVHGKYREMYRQLSEYEKSTGKEISFVICTGDMQTLRYEADLVYLKVPPKYKQMGDFHLYYEGKEKA
PYLTLFIGGNAESSNVLLHLYNGGFVCFNMYYLGVCSCININGLRIVGVSGIYKSFDEKKPYTYPPSPNDVVSLFHTRNY
VIQMLSNLSQSSQIDISLSHDWPQGIVMKGNYKQLYRFQPGFKKDGASLGSPINKVILNTLKPKYWISGHMHCEYHAEEG
PTHFIALGKIGYKNAISYLDLPLKQKTDLEYDKDWVCNLIMTWPAFSNKAQFPDLSYSISELLSKRTKELDKKIIELWEK
YIGLKIIYDSDTFDIQFTSRRFYIEKIYNELNINHHHHHH
;
A,B,C,D,E
2 'polyribonucleotide' UAACA V,W,X,Y,Z
3 'polyribonucleotide' GU v,w,x,y,z
#
loop_
_chem_comp.id
_chem_comp.type
_chem_comp.name
_chem_comp.formula
A RNA linking ADENOSINE-5'-MONOPHOSPHATE 'C10 H14 N5 O7 P'
C RNA linking CYTIDINE-5'-MONOPHOSPHATE 'C9 H14 N3 O8 P'
FE2 non-polymer 'FE (II) ION' 'Fe 2'
G RNA linking GUANOSINE-5'-MONOPHOSPHATE 'C10 H14 N5 O8 P'
OH non-polymer 'HYDROXIDE ION' 'H O -1'
SO4 non-polymer 'SULFATE ION' 'O4 S -2'
U RNA linking URIDINE-5'-MONOPHOSPHATE 'C9 H13 N2 O9 P'
ZN non-polymer 'ZINC ION' 'Zn 2'
#
# COMPACT_ATOMS: atom_id res chain seq x y z
N GLN A 5 -46.29 -3.26 -27.22
CA GLN A 5 -45.42 -4.03 -26.34
C GLN A 5 -46.06 -4.18 -24.96
N ILE A 6 -46.19 -5.43 -24.51
CA ILE A 6 -46.93 -5.76 -23.30
C ILE A 6 -46.08 -6.64 -22.40
N GLN A 7 -46.10 -6.35 -21.10
CA GLN A 7 -45.52 -7.22 -20.09
C GLN A 7 -46.63 -7.92 -19.32
N HIS A 8 -46.44 -9.20 -19.05
CA HIS A 8 -47.42 -10.03 -18.37
C HIS A 8 -46.96 -10.27 -16.94
N ILE A 9 -47.72 -9.74 -15.99
CA ILE A 9 -47.37 -9.80 -14.57
C ILE A 9 -48.33 -10.75 -13.88
N ALA A 10 -47.79 -11.76 -13.20
CA ALA A 10 -48.61 -12.69 -12.43
C ALA A 10 -48.81 -12.14 -11.03
N ILE A 11 -50.06 -12.15 -10.58
CA ILE A 11 -50.41 -11.73 -9.23
C ILE A 11 -51.00 -12.94 -8.50
N VAL A 12 -50.45 -13.21 -7.32
CA VAL A 12 -50.73 -14.44 -6.57
C VAL A 12 -51.28 -14.08 -5.20
N GLY A 13 -52.27 -14.85 -4.74
CA GLY A 13 -52.81 -14.66 -3.41
C GLY A 13 -51.97 -15.29 -2.33
N CYS A 14 -52.59 -16.05 -1.44
CA CYS A 14 -51.87 -16.72 -0.36
C CYS A 14 -51.15 -17.96 -0.87
N VAL A 15 -49.87 -18.08 -0.55
CA VAL A 15 -49.10 -19.26 -0.91
C VAL A 15 -49.20 -20.34 0.15
N HIS A 16 -49.01 -19.97 1.42
CA HIS A 16 -49.07 -20.89 2.55
C HIS A 16 -48.13 -22.08 2.35
N GLY A 17 -46.93 -21.80 1.86
CA GLY A 17 -45.87 -22.77 1.75
C GLY A 17 -45.96 -23.76 0.62
N LYS A 18 -46.79 -23.50 -0.39
CA LYS A 18 -46.95 -24.40 -1.54
C LYS A 18 -46.33 -23.76 -2.78
N TYR A 19 -45.01 -23.63 -2.74
CA TYR A 19 -44.28 -22.94 -3.81
C TYR A 19 -44.19 -23.78 -5.07
N ARG A 20 -43.91 -25.09 -4.94
CA ARG A 20 -43.81 -25.94 -6.12
C ARG A 20 -45.13 -25.98 -6.88
N GLU A 21 -46.25 -25.97 -6.15
CA GLU A 21 -47.55 -25.95 -6.80
CA GLU A 21 -47.55 -25.95 -6.81
C GLU A 21 -47.80 -24.61 -7.48
N MET A 22 -47.37 -23.51 -6.85
CA MET A 22 -47.55 -22.19 -7.46
C MET A 22 -46.77 -22.07 -8.75
N TYR A 23 -45.51 -22.49 -8.73
CA TYR A 23 -44.67 -22.35 -9.92
C TYR A 23 -45.09 -23.31 -11.02
N ARG A 24 -45.63 -24.48 -10.65
CA ARG A 24 -46.16 -25.39 -11.65
C ARG A 24 -47.35 -24.78 -12.38
N GLN A 25 -48.23 -24.10 -11.65
N GLN A 25 -48.24 -24.11 -11.64
CA GLN A 25 -49.38 -23.46 -12.28
CA GLN A 25 -49.38 -23.45 -12.28
C GLN A 25 -48.98 -22.20 -13.05
C GLN A 25 -48.91 -22.27 -13.13
N LEU A 26 -47.89 -21.55 -12.67
CA LEU A 26 -47.38 -20.43 -13.44
C LEU A 26 -46.68 -20.91 -14.71
N SER A 27 -45.91 -22.01 -14.61
CA SER A 27 -45.25 -22.57 -15.78
C SER A 27 -46.26 -23.04 -16.81
N GLU A 28 -47.38 -23.60 -16.35
CA GLU A 28 -48.38 -24.10 -17.29
C GLU A 28 -49.13 -22.96 -17.97
N TYR A 29 -49.22 -21.81 -17.32
CA TYR A 29 -49.79 -20.63 -17.97
C TYR A 29 -48.98 -20.24 -19.19
N GLU A 30 -47.65 -20.24 -19.07
CA GLU A 30 -46.80 -19.85 -20.20
C GLU A 30 -46.91 -20.84 -21.35
N LYS A 31 -46.94 -22.14 -21.04
CA LYS A 31 -46.95 -23.13 -22.12
C LYS A 31 -48.32 -23.25 -22.76
N SER A 32 -49.39 -22.93 -22.03
CA SER A 32 -50.73 -23.03 -22.59
C SER A 32 -51.15 -21.77 -23.34
N THR A 33 -50.65 -20.60 -22.93
CA THR A 33 -51.03 -19.35 -23.58
C THR A 33 -49.96 -18.80 -24.51
N GLY A 34 -48.70 -19.23 -24.36
CA GLY A 34 -47.62 -18.68 -25.13
C GLY A 34 -47.08 -17.37 -24.63
N LYS A 35 -47.70 -16.77 -23.62
CA LYS A 35 -47.23 -15.51 -23.06
C LYS A 35 -46.07 -15.76 -22.10
N GLU A 36 -45.22 -14.75 -21.94
CA GLU A 36 -44.07 -14.81 -21.05
C GLU A 36 -44.35 -13.99 -19.80
N ILE A 37 -44.07 -14.58 -18.63
CA ILE A 37 -44.26 -13.89 -17.36
C ILE A 37 -43.04 -13.00 -17.11
N SER A 38 -43.28 -11.70 -16.93
CA SER A 38 -42.19 -10.79 -16.59
C SER A 38 -41.69 -11.04 -15.18
N PHE A 39 -42.61 -11.07 -14.21
CA PHE A 39 -42.28 -11.35 -12.82
C PHE A 39 -43.57 -11.66 -12.08
N VAL A 40 -43.43 -12.10 -10.83
CA VAL A 40 -44.54 -12.58 -10.02
C VAL A 40 -44.68 -11.69 -8.79
N ILE A 41 -45.93 -11.36 -8.45
CA ILE A 41 -46.26 -10.58 -7.27
C ILE A 41 -47.13 -11.44 -6.36
N CYS A 42 -46.78 -11.49 -5.07
N CYS A 42 -46.77 -11.50 -5.08
CA CYS A 42 -47.48 -12.29 -4.08
CA CYS A 42 -47.52 -12.27 -4.11
C CYS A 42 -47.94 -11.41 -2.92
C CYS A 42 -47.97 -11.38 -2.97
N THR A 43 -49.17 -11.65 -2.46
CA THR A 43 -49.81 -10.80 -1.46
C THR A 43 -49.62 -11.26 -0.02
N GLY A 44 -48.88 -12.34 0.24
CA GLY A 44 -48.50 -12.63 1.60
C GLY A 44 -48.81 -14.06 2.00
N ASP A 45 -48.64 -14.33 3.29
CA ASP A 45 -48.70 -15.67 3.88
C ASP A 45 -47.77 -16.63 3.14
N MET A 46 -46.49 -16.25 3.14
CA MET A 46 -45.48 -16.97 2.38
C MET A 46 -44.91 -18.16 3.14
N GLN A 47 -44.80 -18.05 4.46
CA GLN A 47 -44.26 -19.12 5.32
C GLN A 47 -42.85 -19.51 4.86
N THR A 48 -41.96 -18.51 4.87
CA THR A 48 -40.57 -18.70 4.42
C THR A 48 -39.71 -19.27 5.55
N LEU A 49 -40.06 -20.49 5.96
CA LEU A 49 -39.37 -21.17 7.04
C LEU A 49 -38.11 -21.85 6.51
N ARG A 50 -36.95 -21.42 7.00
CA ARG A 50 -35.69 -21.98 6.53
C ARG A 50 -35.50 -23.42 7.00
N TYR A 51 -35.81 -23.69 8.26
CA TYR A 51 -35.63 -25.01 8.85
C TYR A 51 -36.63 -25.19 9.97
N GLU A 52 -36.55 -26.35 10.63
CA GLU A 52 -37.55 -26.71 11.65
C GLU A 52 -37.63 -25.67 12.76
N ALA A 53 -36.49 -25.08 13.14
CA ALA A 53 -36.47 -24.13 14.25
C ALA A 53 -37.40 -22.94 13.99
N ASP A 54 -37.60 -22.57 12.73
CA ASP A 54 -38.43 -21.42 12.40
C ASP A 54 -39.92 -21.66 12.66
N LEU A 55 -40.33 -22.91 12.92
CA LEU A 55 -41.73 -23.18 13.18
C LEU A 55 -42.26 -22.43 14.39
N VAL A 56 -41.38 -22.04 15.33
CA VAL A 56 -41.81 -21.30 16.51
C VAL A 56 -42.51 -20.00 16.11
N TYR A 57 -42.04 -19.35 15.05
CA TYR A 57 -42.54 -18.05 14.65
C TYR A 57 -43.72 -18.11 13.71
N LEU A 58 -44.23 -19.30 13.41
CA LEU A 58 -45.38 -19.47 12.52
C LEU A 58 -46.64 -19.47 13.38
N LYS A 59 -47.35 -18.33 13.41
CA LYS A 59 -48.58 -18.20 14.18
C LYS A 59 -49.73 -18.69 13.32
N VAL A 60 -50.09 -19.96 13.50
CA VAL A 60 -51.20 -20.59 12.80
C VAL A 60 -51.85 -21.59 13.76
N PRO A 61 -53.08 -22.03 13.51
CA PRO A 61 -53.65 -23.11 14.32
C PRO A 61 -52.82 -24.37 14.21
N PRO A 62 -52.90 -25.27 15.20
CA PRO A 62 -52.00 -26.43 15.22
C PRO A 62 -51.98 -27.23 13.93
N LYS A 63 -53.13 -27.41 13.28
CA LYS A 63 -53.21 -28.23 12.07
C LYS A 63 -52.35 -27.69 10.93
N TYR A 64 -51.99 -26.41 10.95
CA TYR A 64 -51.23 -25.81 9.87
C TYR A 64 -49.76 -25.58 10.20
N LYS A 65 -49.27 -26.12 11.31
CA LYS A 65 -47.86 -26.03 11.67
C LYS A 65 -47.06 -26.97 10.76
N GLN A 66 -46.82 -26.50 9.53
CA GLN A 66 -46.15 -27.29 8.51
C GLN A 66 -44.96 -26.53 7.96
N MET A 67 -43.91 -27.28 7.61
CA MET A 67 -42.71 -26.65 7.04
C MET A 67 -42.99 -26.10 5.64
N GLY A 68 -43.76 -26.84 4.84
CA GLY A 68 -44.06 -26.38 3.49
C GLY A 68 -42.88 -26.62 2.55
N ASP A 69 -42.82 -25.80 1.50
CA ASP A 69 -41.87 -26.00 0.42
C ASP A 69 -40.68 -25.06 0.43
N PHE A 70 -40.74 -23.96 1.19
CA PHE A 70 -39.74 -22.90 1.03
C PHE A 70 -38.33 -23.42 1.31
N HIS A 71 -38.18 -24.33 2.28
CA HIS A 71 -36.84 -24.80 2.63
C HIS A 71 -36.15 -25.45 1.45
N LEU A 72 -36.91 -26.03 0.52
CA LEU A 72 -36.32 -26.60 -0.69
C LEU A 72 -35.66 -25.52 -1.54
N TYR A 73 -36.26 -24.32 -1.58
CA TYR A 73 -35.68 -23.22 -2.34
C TYR A 73 -34.56 -22.55 -1.55
N TYR A 74 -34.69 -22.49 -0.22
CA TYR A 74 -33.63 -21.94 0.60
C TYR A 74 -32.37 -22.78 0.53
N GLU A 75 -32.51 -24.10 0.40
CA GLU A 75 -31.39 -25.02 0.31
C GLU A 75 -30.85 -25.16 -1.10
N GLY A 76 -31.47 -24.53 -2.09
CA GLY A 76 -31.04 -24.64 -3.46
C GLY A 76 -31.47 -25.91 -4.17
N LYS A 77 -32.20 -26.80 -3.51
CA LYS A 77 -32.74 -27.97 -4.17
C LYS A 77 -33.83 -27.62 -5.18
N GLU A 78 -34.51 -26.50 -4.99
CA GLU A 78 -35.46 -25.96 -5.95
C GLU A 78 -35.03 -24.55 -6.32
N LYS A 79 -35.33 -24.15 -7.56
CA LYS A 79 -34.95 -22.84 -8.08
C LYS A 79 -36.19 -22.16 -8.63
N ALA A 80 -36.57 -21.04 -8.01
CA ALA A 80 -37.73 -20.28 -8.46
C ALA A 80 -37.53 -19.82 -9.89
N PRO A 81 -38.40 -20.22 -10.82
CA PRO A 81 -38.17 -19.89 -12.24
C PRO A 81 -38.44 -18.44 -12.59
N TYR A 82 -39.19 -17.71 -11.79
CA TYR A 82 -39.51 -16.32 -12.07
C TYR A 82 -39.16 -15.46 -10.87
N LEU A 83 -38.78 -14.21 -11.15
CA LEU A 83 -38.56 -13.23 -10.09
C LEU A 83 -39.86 -13.00 -9.33
N THR A 84 -39.81 -13.22 -8.02
CA THR A 84 -41.01 -13.19 -7.18
C THR A 84 -40.86 -12.12 -6.11
N LEU A 85 -41.75 -11.14 -6.15
CA LEU A 85 -41.81 -10.07 -5.14
C LEU A 85 -43.00 -10.32 -4.23
N PHE A 86 -42.80 -10.16 -2.93
CA PHE A 86 -43.88 -10.49 -2.00
C PHE A 86 -43.81 -9.61 -0.77
N ILE A 87 -44.96 -9.50 -0.10
CA ILE A 87 -45.07 -8.90 1.21
C ILE A 87 -45.32 -10.01 2.21
N GLY A 88 -45.34 -9.63 3.50
CA GLY A 88 -45.68 -10.55 4.55
C GLY A 88 -47.16 -10.50 4.88
N GLY A 89 -47.68 -11.63 5.33
CA GLY A 89 -49.06 -11.70 5.79
C GLY A 89 -49.13 -11.96 7.28
N ASN A 90 -50.07 -12.81 7.71
CA ASN A 90 -50.19 -13.19 9.10
C ASN A 90 -49.63 -14.58 9.39
N ALA A 91 -49.37 -15.38 8.35
CA ALA A 91 -48.79 -16.71 8.49
C ALA A 91 -47.39 -16.66 7.88
N GLU A 92 -46.40 -16.30 8.70
CA GLU A 92 -45.06 -16.07 8.21
C GLU A 92 -44.05 -16.62 9.21
N SER A 93 -42.83 -16.87 8.71
CA SER A 93 -41.67 -17.02 9.57
C SER A 93 -41.25 -15.62 9.98
N SER A 94 -41.95 -15.07 10.96
CA SER A 94 -41.88 -13.64 11.26
C SER A 94 -40.50 -13.21 11.72
N ASN A 95 -39.69 -14.12 12.27
CA ASN A 95 -38.31 -13.77 12.60
C ASN A 95 -37.52 -13.43 11.34
N VAL A 96 -37.72 -14.20 10.27
CA VAL A 96 -37.03 -13.95 9.01
C VAL A 96 -37.38 -12.57 8.48
N LEU A 97 -38.67 -12.23 8.50
CA LEU A 97 -39.10 -10.97 7.93
C LEU A 97 -38.64 -9.78 8.77
N LEU A 98 -38.47 -9.97 10.08
CA LEU A 98 -37.98 -8.88 10.92
C LEU A 98 -36.50 -8.59 10.64
N HIS A 99 -35.70 -9.64 10.43
CA HIS A 99 -34.34 -9.44 9.97
C HIS A 99 -34.31 -8.65 8.67
N LEU A 100 -35.27 -8.91 7.79
CA LEU A 100 -35.36 -8.26 6.48
C LEU A 100 -36.42 -7.17 6.45
N TYR A 101 -36.60 -6.44 7.56
CA TYR A 101 -37.64 -5.43 7.61
C TYR A 101 -37.39 -4.31 6.61
N ASN A 102 -36.14 -4.09 6.21
CA ASN A 102 -35.81 -3.21 5.10
C ASN A 102 -35.82 -3.93 3.75
N GLY A 103 -36.42 -5.10 3.68
CA GLY A 103 -36.47 -5.87 2.46
C GLY A 103 -35.20 -6.68 2.23
N GLY A 104 -35.32 -7.67 1.37
CA GLY A 104 -34.19 -8.51 1.02
C GLY A 104 -34.63 -9.81 0.40
N PHE A 105 -33.68 -10.47 -0.24
CA PHE A 105 -33.93 -11.78 -0.85
C PHE A 105 -33.90 -12.86 0.23
N VAL A 106 -35.00 -13.61 0.35
CA VAL A 106 -34.98 -14.79 1.21
C VAL A 106 -34.28 -15.96 0.53
N CYS A 107 -34.22 -15.95 -0.79
CA CYS A 107 -33.51 -16.94 -1.59
C CYS A 107 -33.52 -16.41 -3.03
N PHE A 108 -32.91 -17.19 -3.92
CA PHE A 108 -32.80 -16.75 -5.31
C PHE A 108 -34.18 -16.50 -5.92
N ASN A 109 -34.35 -15.33 -6.52
CA ASN A 109 -35.54 -14.90 -7.25
C ASN A 109 -36.76 -14.67 -6.36
N MET A 110 -36.60 -14.62 -5.05
CA MET A 110 -37.69 -14.33 -4.13
C MET A 110 -37.29 -13.14 -3.26
N TYR A 111 -37.87 -11.98 -3.52
CA TYR A 111 -37.50 -10.74 -2.85
C TYR A 111 -38.63 -10.28 -1.95
N TYR A 112 -38.33 -10.10 -0.66
CA TYR A 112 -39.27 -9.57 0.31
C TYR A 112 -39.20 -8.05 0.30
N LEU A 113 -40.36 -7.40 0.20
CA LEU A 113 -40.39 -5.93 0.13
C LEU A 113 -40.20 -5.26 1.47
N GLY A 114 -40.12 -6.02 2.56
CA GLY A 114 -39.95 -5.43 3.87
C GLY A 114 -41.29 -5.11 4.53
N VAL A 115 -41.18 -4.48 5.70
CA VAL A 115 -42.36 -4.00 6.41
C VAL A 115 -43.22 -3.14 5.48
N CYS A 116 -42.57 -2.29 4.68
CA CYS A 116 -43.18 -1.51 3.62
C CYS A 116 -42.06 -0.90 2.81
N SER A 117 -42.32 -0.68 1.52
CA SER A 117 -41.33 -0.06 0.64
C SER A 117 -41.97 0.14 -0.73
N CYS A 118 -41.24 0.84 -1.59
CA CYS A 118 -41.58 0.99 -2.99
C CYS A 118 -40.37 0.54 -3.82
N ILE A 119 -40.63 -0.19 -4.90
CA ILE A 119 -39.58 -0.68 -5.77
C ILE A 119 -39.90 -0.27 -7.21
N ASN A 120 -38.90 -0.39 -8.07
CA ASN A 120 -39.03 -0.11 -9.49
C ASN A 120 -38.70 -1.36 -10.29
N ILE A 121 -39.51 -1.62 -11.33
CA ILE A 121 -39.21 -2.68 -12.28
C ILE A 121 -40.03 -2.45 -13.54
N ASN A 122 -39.37 -2.51 -14.70
CA ASN A 122 -40.03 -2.36 -16.00
C ASN A 122 -40.85 -1.06 -16.07
N GLY A 123 -40.29 0.01 -15.52
CA GLY A 123 -40.97 1.29 -15.52
C GLY A 123 -42.16 1.39 -14.59
N LEU A 124 -42.32 0.46 -13.66
CA LEU A 124 -43.43 0.46 -12.73
C LEU A 124 -42.94 0.79 -11.32
N ARG A 125 -43.81 1.44 -10.55
CA ARG A 125 -43.56 1.71 -9.15
C ARG A 125 -44.54 0.90 -8.31
N ILE A 126 -44.02 -0.02 -7.50
CA ILE A 126 -44.83 -0.98 -6.77
C ILE A 126 -44.62 -0.77 -5.28
N VAL A 127 -45.72 -0.57 -4.55
CA VAL A 127 -45.70 -0.35 -3.11
C VAL A 127 -46.23 -1.60 -2.40
N GLY A 128 -45.60 -1.96 -1.31
CA GLY A 128 -46.05 -3.09 -0.51
C GLY A 128 -46.28 -2.69 0.93
N VAL A 129 -47.33 -3.25 1.52
CA VAL A 129 -47.65 -3.07 2.94
C VAL A 129 -47.85 -4.45 3.53
N SER A 130 -46.97 -4.85 4.44
CA SER A 130 -47.00 -6.18 5.02
C SER A 130 -47.91 -6.24 6.25
N GLY A 131 -48.37 -7.45 6.55
CA GLY A 131 -49.10 -7.71 7.78
C GLY A 131 -50.60 -7.54 7.67
N ILE A 132 -51.26 -7.76 8.81
CA ILE A 132 -52.70 -7.53 8.95
C ILE A 132 -52.91 -6.62 10.15
N TYR A 133 -54.04 -5.92 10.13
CA TYR A 133 -54.30 -4.86 11.10
C TYR A 133 -54.89 -5.44 12.39
N LYS A 134 -54.33 -5.02 13.51
CA LYS A 134 -54.93 -5.19 14.83
C LYS A 134 -54.72 -3.89 15.60
N SER A 135 -55.81 -3.31 16.10
CA SER A 135 -55.73 -1.98 16.69
C SER A 135 -54.81 -1.95 17.91
N PHE A 136 -54.80 -3.02 18.70
CA PHE A 136 -54.02 -3.01 19.94
C PHE A 136 -52.52 -3.12 19.70
N ASP A 137 -52.08 -3.36 18.46
CA ASP A 137 -50.66 -3.47 18.16
C ASP A 137 -50.18 -2.45 17.14
N GLU A 138 -51.03 -1.52 16.70
CA GLU A 138 -50.63 -0.58 15.66
C GLU A 138 -49.65 0.48 16.15
N LYS A 139 -49.59 0.71 17.46
CA LYS A 139 -48.64 1.65 18.04
C LYS A 139 -47.43 0.95 18.66
N LYS A 140 -47.33 -0.36 18.51
CA LYS A 140 -46.26 -1.10 19.18
C LYS A 140 -44.99 -1.07 18.34
N PRO A 141 -43.84 -0.80 18.93
CA PRO A 141 -42.57 -0.88 18.20
C PRO A 141 -42.14 -2.33 18.02
N TYR A 142 -41.18 -2.52 17.12
CA TYR A 142 -40.53 -3.81 16.93
C TYR A 142 -39.37 -3.94 17.90
N THR A 143 -39.24 -5.11 18.51
CA THR A 143 -38.09 -5.42 19.35
C THR A 143 -37.16 -6.38 18.62
N TYR A 144 -35.86 -6.13 18.72
CA TYR A 144 -34.86 -6.91 17.99
C TYR A 144 -33.73 -7.31 18.94
N PRO A 145 -33.21 -8.54 18.81
CA PRO A 145 -33.55 -9.60 17.83
C PRO A 145 -34.92 -10.23 18.08
N PRO A 146 -35.44 -10.96 17.08
CA PRO A 146 -36.76 -11.58 17.25
C PRO A 146 -36.78 -12.55 18.42
N SER A 147 -37.90 -12.56 19.13
CA SER A 147 -38.10 -13.39 20.30
C SER A 147 -39.39 -14.19 20.17
N PRO A 148 -39.42 -15.41 20.69
CA PRO A 148 -40.65 -16.21 20.63
C PRO A 148 -41.83 -15.59 21.36
N ASN A 149 -41.60 -14.66 22.29
CA ASN A 149 -42.71 -14.00 22.96
C ASN A 149 -43.47 -13.05 22.06
N ASP A 150 -42.95 -12.75 20.87
CA ASP A 150 -43.57 -11.81 19.95
C ASP A 150 -44.16 -12.49 18.72
N VAL A 151 -44.29 -13.82 18.74
CA VAL A 151 -44.85 -14.52 17.59
CA VAL A 151 -44.86 -14.54 17.60
C VAL A 151 -46.28 -14.06 17.31
N VAL A 152 -47.01 -13.63 18.34
CA VAL A 152 -48.39 -13.20 18.16
C VAL A 152 -48.51 -11.77 17.65
N SER A 153 -47.44 -10.98 17.67
CA SER A 153 -47.53 -9.56 17.36
C SER A 153 -46.64 -9.12 16.20
N LEU A 154 -45.68 -9.94 15.76
CA LEU A 154 -44.72 -9.49 14.77
C LEU A 154 -45.38 -9.17 13.43
N PHE A 155 -46.49 -9.82 13.10
CA PHE A 155 -47.12 -9.67 11.80
C PHE A 155 -48.22 -8.62 11.77
N HIS A 156 -48.41 -7.87 12.86
CA HIS A 156 -49.45 -6.85 12.89
C HIS A 156 -48.94 -5.56 12.26
N THR A 157 -49.72 -5.02 11.32
CA THR A 157 -49.32 -3.81 10.61
C THR A 157 -49.27 -2.62 11.57
N ARG A 158 -48.16 -1.90 11.54
CA ARG A 158 -47.98 -0.73 12.39
C ARG A 158 -48.54 0.52 11.71
N ASN A 159 -48.98 1.46 12.53
CA ASN A 159 -49.58 2.68 12.00
C ASN A 159 -48.55 3.56 11.30
N TYR A 160 -47.28 3.48 11.69
CA TYR A 160 -46.29 4.41 11.17
C TYR A 160 -46.02 4.24 9.68
N VAL A 161 -46.41 3.10 9.08
CA VAL A 161 -46.21 2.91 7.66
C VAL A 161 -47.02 3.92 6.85
N ILE A 162 -48.10 4.46 7.43
CA ILE A 162 -48.89 5.47 6.72
C ILE A 162 -48.03 6.70 6.44
N GLN A 163 -47.31 7.18 7.45
CA GLN A 163 -46.47 8.35 7.27
C GLN A 163 -45.24 8.02 6.41
N MET A 164 -44.82 6.76 6.40
CA MET A 164 -43.66 6.37 5.59
C MET A 164 -43.99 6.36 4.10
N LEU A 165 -45.25 6.11 3.73
CA LEU A 165 -45.62 5.93 2.34
C LEU A 165 -46.46 7.07 1.77
N SER A 166 -46.85 8.05 2.59
CA SER A 166 -47.85 9.02 2.16
C SER A 166 -47.34 9.97 1.09
N ASN A 167 -46.04 10.22 1.02
CA ASN A 167 -45.50 11.17 0.06
C ASN A 167 -45.04 10.53 -1.24
N LEU A 168 -45.19 9.21 -1.38
CA LEU A 168 -44.58 8.51 -2.51
C LEU A 168 -45.23 8.84 -3.85
N SER A 169 -46.41 9.47 -3.86
CA SER A 169 -47.11 9.78 -5.10
C SER A 169 -46.99 11.26 -5.48
N GLN A 170 -45.95 11.95 -4.99
CA GLN A 170 -45.78 13.36 -5.34
C GLN A 170 -45.14 13.53 -6.70
N SER A 171 -44.07 12.79 -6.97
CA SER A 171 -43.34 12.93 -8.23
C SER A 171 -44.06 12.23 -9.37
N SER A 172 -44.51 11.00 -9.14
CA SER A 172 -45.22 10.24 -10.15
C SER A 172 -46.17 9.27 -9.46
N GLN A 173 -47.06 8.69 -10.24
CA GLN A 173 -48.10 7.83 -9.70
C GLN A 173 -47.52 6.48 -9.28
N ILE A 174 -48.30 5.74 -8.50
CA ILE A 174 -47.99 4.37 -8.12
C ILE A 174 -48.76 3.44 -9.05
N ASP A 175 -48.06 2.48 -9.66
CA ASP A 175 -48.72 1.57 -10.58
C ASP A 175 -49.48 0.49 -9.82
N ILE A 176 -48.81 -0.20 -8.89
CA ILE A 176 -49.37 -1.33 -8.16
C ILE A 176 -49.09 -1.16 -6.68
N SER A 177 -50.06 -1.53 -5.85
CA SER A 177 -49.89 -1.50 -4.40
C SER A 177 -50.33 -2.86 -3.83
N LEU A 178 -49.55 -3.35 -2.87
CA LEU A 178 -49.73 -4.68 -2.30
C LEU A 178 -50.07 -4.57 -0.82
N SER A 179 -51.11 -5.30 -0.41
CA SER A 179 -51.44 -5.48 1.01
C SER A 179 -51.96 -6.89 1.20
N HIS A 180 -51.89 -7.39 2.43
CA HIS A 180 -52.39 -8.73 2.68
C HIS A 180 -53.89 -8.72 2.92
N ASP A 181 -54.34 -8.08 4.00
CA ASP A 181 -55.78 -7.91 4.19
C ASP A 181 -56.28 -6.74 3.36
N TRP A 182 -57.59 -6.74 3.11
CA TRP A 182 -58.17 -5.76 2.20
C TRP A 182 -58.16 -4.37 2.83
N PRO A 183 -58.11 -3.31 2.00
CA PRO A 183 -58.37 -1.97 2.51
C PRO A 183 -59.79 -1.89 3.06
N GLN A 184 -59.92 -1.26 4.23
CA GLN A 184 -61.20 -1.23 4.91
C GLN A 184 -62.25 -0.49 4.08
N GLY A 185 -63.43 -1.10 3.96
CA GLY A 185 -64.53 -0.53 3.22
C GLY A 185 -64.58 -0.89 1.75
N ILE A 186 -63.49 -1.42 1.19
CA ILE A 186 -63.44 -1.72 -0.23
C ILE A 186 -64.45 -2.79 -0.61
N VAL A 187 -64.91 -3.60 0.35
CA VAL A 187 -65.88 -4.65 0.07
C VAL A 187 -67.18 -4.04 -0.48
N MET A 188 -67.54 -2.84 -0.02
CA MET A 188 -68.77 -2.21 -0.46
C MET A 188 -68.67 -1.58 -1.85
N LYS A 189 -67.47 -1.49 -2.42
CA LYS A 189 -67.27 -0.86 -3.71
C LYS A 189 -67.32 -1.84 -4.87
N GLY A 190 -67.71 -3.09 -4.62
CA GLY A 190 -67.90 -4.06 -5.68
C GLY A 190 -69.25 -4.74 -5.56
N ASN A 191 -69.39 -5.91 -6.16
CA ASN A 191 -70.64 -6.67 -6.09
C ASN A 191 -70.65 -7.45 -4.78
N TYR A 192 -70.96 -6.73 -3.70
CA TYR A 192 -70.86 -7.34 -2.37
C TYR A 192 -72.00 -8.32 -2.10
N LYS A 193 -73.16 -8.12 -2.74
CA LYS A 193 -74.24 -9.07 -2.57
C LYS A 193 -73.87 -10.45 -3.12
N GLN A 194 -73.11 -10.49 -4.21
CA GLN A 194 -72.62 -11.77 -4.72
C GLN A 194 -71.54 -12.34 -3.80
N LEU A 195 -70.67 -11.48 -3.28
CA LEU A 195 -69.63 -11.95 -2.36
C LEU A 195 -70.24 -12.56 -1.11
N TYR A 196 -71.35 -11.99 -0.62
CA TYR A 196 -71.98 -12.51 0.58
C TYR A 196 -72.66 -13.85 0.33
N ARG A 197 -73.18 -14.08 -0.89
CA ARG A 197 -73.79 -15.37 -1.20
C ARG A 197 -72.78 -16.50 -1.14
N PHE A 198 -71.51 -16.20 -1.43
CA PHE A 198 -70.45 -17.21 -1.38
C PHE A 198 -69.67 -17.19 -0.08
N GLN A 199 -69.62 -16.05 0.61
CA GLN A 199 -68.90 -15.90 1.87
C GLN A 199 -69.84 -15.25 2.87
N PRO A 200 -70.82 -16.00 3.40
CA PRO A 200 -71.83 -15.38 4.27
C PRO A 200 -71.27 -14.82 5.57
N GLY A 201 -70.06 -15.22 5.98
CA GLY A 201 -69.48 -14.68 7.20
C GLY A 201 -68.99 -13.26 7.08
N PHE A 202 -68.83 -12.75 5.85
CA PHE A 202 -68.32 -11.40 5.66
C PHE A 202 -69.39 -10.33 5.91
N LYS A 203 -70.67 -10.71 5.87
CA LYS A 203 -71.73 -9.71 5.87
C LYS A 203 -71.86 -9.02 7.23
N LYS A 204 -71.62 -9.75 8.32
CA LYS A 204 -71.79 -9.17 9.65
C LYS A 204 -70.79 -8.05 9.90
N ASP A 205 -69.62 -8.11 9.26
CA ASP A 205 -68.61 -7.06 9.43
C ASP A 205 -68.95 -5.80 8.67
N GLY A 206 -69.77 -5.88 7.63
CA GLY A 206 -70.21 -4.70 6.91
C GLY A 206 -69.05 -3.98 6.25
N ALA A 207 -69.11 -2.64 6.29
CA ALA A 207 -68.06 -1.83 5.68
C ALA A 207 -66.78 -1.83 6.50
N SER A 208 -66.83 -2.26 7.76
CA SER A 208 -65.62 -2.28 8.60
C SER A 208 -64.66 -3.39 8.20
N LEU A 209 -65.06 -4.28 7.29
CA LEU A 209 -64.18 -5.37 6.86
C LEU A 209 -62.90 -4.82 6.27
N GLY A 210 -61.77 -5.28 6.78
CA GLY A 210 -60.47 -4.94 6.24
C GLY A 210 -59.67 -4.02 7.15
N SER A 211 -58.53 -3.59 6.63
CA SER A 211 -57.56 -2.82 7.41
C SER A 211 -57.78 -1.33 7.21
N PRO A 212 -57.99 -0.55 8.28
CA PRO A 212 -58.04 0.91 8.12
C PRO A 212 -56.71 1.52 7.74
N ILE A 213 -55.59 0.85 8.01
CA ILE A 213 -54.29 1.35 7.58
C ILE A 213 -54.20 1.32 6.06
N ASN A 214 -54.62 0.21 5.44
CA ASN A 214 -54.57 0.11 3.99
C ASN A 214 -55.64 0.99 3.33
N LYS A 215 -56.74 1.27 4.03
CA LYS A 215 -57.71 2.21 3.52
C LYS A 215 -57.12 3.61 3.38
N VAL A 216 -56.38 4.05 4.40
CA VAL A 216 -55.77 5.38 4.35
C VAL A 216 -54.73 5.46 3.24
N ILE A 217 -53.90 4.43 3.11
CA ILE A 217 -52.85 4.44 2.09
C ILE A 217 -53.45 4.43 0.69
N LEU A 218 -54.53 3.66 0.49
CA LEU A 218 -55.17 3.63 -0.82
C LEU A 218 -55.74 4.99 -1.19
N ASN A 219 -56.45 5.63 -0.25
CA ASN A 219 -57.04 6.94 -0.52
CA ASN A 219 -57.03 6.93 -0.54
C ASN A 219 -55.97 8.01 -0.72
N THR A 220 -54.79 7.82 -0.11
CA THR A 220 -53.74 8.82 -0.22
C THR A 220 -52.95 8.67 -1.53
N LEU A 221 -52.55 7.45 -1.86
CA LEU A 221 -51.73 7.21 -3.04
C LEU A 221 -52.56 7.03 -4.31
N LYS A 222 -53.73 6.41 -4.20
CA LYS A 222 -54.60 6.11 -5.33
C LYS A 222 -53.84 5.45 -6.49
N PRO A 223 -53.28 4.27 -6.27
CA PRO A 223 -52.55 3.60 -7.35
C PRO A 223 -53.49 3.10 -8.44
N LYS A 224 -52.90 2.69 -9.55
CA LYS A 224 -53.70 2.08 -10.62
C LYS A 224 -54.36 0.79 -10.14
N TYR A 225 -53.61 -0.03 -9.39
CA TYR A 225 -54.12 -1.29 -8.88
C TYR A 225 -53.78 -1.42 -7.40
N TRP A 226 -54.73 -1.92 -6.63
CA TRP A 226 -54.48 -2.39 -5.28
C TRP A 226 -54.83 -3.87 -5.23
N ILE A 227 -53.88 -4.69 -4.81
CA ILE A 227 -54.02 -6.14 -4.82
C ILE A 227 -53.86 -6.66 -3.40
N SER A 228 -54.81 -7.49 -2.96
CA SER A 228 -54.82 -8.02 -1.62
C SER A 228 -55.12 -9.52 -1.66
N GLY A 229 -54.90 -10.18 -0.54
CA GLY A 229 -55.25 -11.58 -0.41
C GLY A 229 -55.99 -11.87 0.88
N HIS A 230 -55.44 -12.76 1.69
CA HIS A 230 -55.91 -13.03 3.05
C HIS A 230 -57.27 -13.72 3.12
N MET A 231 -58.24 -13.24 2.35
CA MET A 231 -59.62 -13.69 2.52
C MET A 231 -59.96 -14.97 1.76
N HIS A 232 -59.03 -15.49 0.95
CA HIS A 232 -59.20 -16.79 0.27
C HIS A 232 -60.38 -16.78 -0.68
N CYS A 233 -60.53 -15.70 -1.44
CA CYS A 233 -61.63 -15.61 -2.40
C CYS A 233 -61.30 -14.57 -3.45
N GLU A 234 -61.93 -14.71 -4.61
CA GLU A 234 -61.81 -13.72 -5.67
C GLU A 234 -62.74 -12.55 -5.40
N TYR A 235 -62.24 -11.33 -5.66
CA TYR A 235 -63.08 -10.15 -5.55
C TYR A 235 -62.43 -9.02 -6.34
N HIS A 236 -63.27 -8.13 -6.86
CA HIS A 236 -62.80 -6.97 -7.60
C HIS A 236 -63.74 -5.81 -7.33
N ALA A 237 -63.16 -4.61 -7.18
CA ALA A 237 -63.94 -3.42 -6.89
C ALA A 237 -63.21 -2.22 -7.48
N GLU A 238 -63.92 -1.09 -7.54
CA GLU A 238 -63.38 0.16 -8.07
C GLU A 238 -63.57 1.25 -7.02
N GLU A 239 -62.47 1.77 -6.49
CA GLU A 239 -62.47 2.90 -5.56
C GLU A 239 -61.90 4.09 -6.31
N GLY A 240 -62.78 4.83 -7.00
CA GLY A 240 -62.35 5.93 -7.83
C GLY A 240 -61.51 5.44 -8.99
N PRO A 241 -60.27 5.92 -9.08
CA PRO A 241 -59.36 5.51 -10.14
C PRO A 241 -58.59 4.22 -9.87
N THR A 242 -58.78 3.58 -8.72
CA THR A 242 -57.99 2.43 -8.31
C THR A 242 -58.77 1.14 -8.56
N HIS A 243 -58.15 0.19 -9.25
CA HIS A 243 -58.72 -1.13 -9.48
C HIS A 243 -58.31 -2.02 -8.31
N PHE A 244 -59.30 -2.45 -7.51
CA PHE A 244 -59.02 -3.38 -6.42
C PHE A 244 -59.20 -4.81 -6.92
N ILE A 245 -58.26 -5.68 -6.58
CA ILE A 245 -58.31 -7.10 -6.92
C ILE A 245 -57.89 -7.90 -5.70
N ALA A 246 -58.72 -8.85 -5.30
CA ALA A 246 -58.40 -9.80 -4.24
C ALA A 246 -58.28 -11.19 -4.82
N LEU A 247 -57.38 -11.99 -4.24
CA LEU A 247 -57.05 -13.31 -4.76
C LEU A 247 -57.14 -14.36 -3.66
N GLY A 248 -57.48 -15.59 -4.06
CA GLY A 248 -57.58 -16.71 -3.14
C GLY A 248 -56.21 -17.25 -2.77
N LYS A 249 -56.19 -18.51 -2.34
CA LYS A 249 -54.96 -19.15 -1.90
C LYS A 249 -54.58 -20.30 -2.84
N ILE A 250 -53.27 -20.52 -2.96
CA ILE A 250 -52.76 -21.57 -3.84
C ILE A 250 -53.38 -22.92 -3.46
N GLY A 251 -53.65 -23.73 -4.48
CA GLY A 251 -54.39 -24.96 -4.32
C GLY A 251 -55.83 -24.86 -4.77
N TYR A 252 -56.34 -23.65 -4.93
CA TYR A 252 -57.68 -23.40 -5.43
C TYR A 252 -57.59 -22.42 -6.58
N LYS A 253 -58.65 -22.35 -7.38
CA LYS A 253 -58.67 -21.38 -8.46
C LYS A 253 -58.90 -19.98 -7.91
N ASN A 254 -58.75 -18.99 -8.78
CA ASN A 254 -58.80 -17.58 -8.43
C ASN A 254 -57.71 -17.20 -7.42
N ALA A 255 -56.66 -18.03 -7.32
CA ALA A 255 -55.50 -17.71 -6.52
C ALA A 255 -54.43 -16.98 -7.32
N ILE A 256 -54.41 -17.16 -8.64
CA ILE A 256 -53.47 -16.50 -9.52
C ILE A 256 -54.25 -15.79 -10.62
N SER A 257 -53.95 -14.52 -10.83
CA SER A 257 -54.45 -13.76 -11.97
C SER A 257 -53.27 -13.12 -12.67
N TYR A 258 -53.54 -12.44 -13.79
CA TYR A 258 -52.48 -11.91 -14.64
C TYR A 258 -52.84 -10.51 -15.10
N LEU A 259 -51.97 -9.55 -14.79
CA LEU A 259 -52.12 -8.19 -15.27
C LEU A 259 -51.32 -8.02 -16.55
N ASP A 260 -52.00 -7.54 -17.60
CA ASP A 260 -51.37 -7.28 -18.88
C ASP A 260 -51.21 -5.77 -19.02
N LEU A 261 -50.02 -5.27 -18.69
CA LEU A 261 -49.72 -3.85 -18.61
C LEU A 261 -48.80 -3.43 -19.76
N PRO A 262 -48.85 -2.16 -20.16
CA PRO A 262 -47.92 -1.69 -21.19
C PRO A 262 -46.48 -1.75 -20.69
N LEU A 263 -45.58 -2.12 -21.59
CA LEU A 263 -44.16 -2.25 -21.28
C LEU A 263 -43.42 -1.12 -21.97
N LYS A 264 -43.14 -0.05 -21.22
CA LYS A 264 -42.39 1.07 -21.77
C LYS A 264 -40.93 0.70 -22.00
N GLN A 265 -40.32 -0.01 -21.06
CA GLN A 265 -38.95 -0.47 -21.22
C GLN A 265 -38.70 -1.59 -20.20
N LYS A 266 -37.79 -2.50 -20.55
CA LYS A 266 -37.41 -3.58 -19.66
C LYS A 266 -36.27 -3.09 -18.77
N THR A 267 -36.47 -3.18 -17.46
CA THR A 267 -35.52 -2.67 -16.50
C THR A 267 -35.43 -3.62 -15.32
N ASP A 268 -34.21 -3.84 -14.82
CA ASP A 268 -34.00 -4.72 -13.69
C ASP A 268 -34.66 -4.16 -12.44
N LEU A 269 -34.83 -5.03 -11.44
CA LEU A 269 -35.41 -4.61 -10.16
C LEU A 269 -34.51 -3.59 -9.49
N GLU A 270 -35.10 -2.46 -9.11
CA GLU A 270 -34.34 -1.35 -8.52
C GLU A 270 -35.09 -0.80 -7.31
N TYR A 271 -34.33 -0.16 -6.42
CA TYR A 271 -34.93 0.59 -5.33
C TYR A 271 -35.58 1.85 -5.86
N ASP A 272 -36.71 2.22 -5.26
CA ASP A 272 -37.37 3.47 -5.63
C ASP A 272 -36.65 4.64 -4.97
N LYS A 273 -36.31 5.65 -5.77
CA LYS A 273 -35.51 6.76 -5.26
C LYS A 273 -36.25 7.53 -4.17
N ASP A 274 -37.55 7.76 -4.36
CA ASP A 274 -38.32 8.47 -3.34
C ASP A 274 -38.39 7.67 -2.04
N TRP A 275 -38.50 6.34 -2.15
CA TRP A 275 -38.50 5.52 -0.96
C TRP A 275 -37.13 5.54 -0.27
N VAL A 276 -36.06 5.48 -1.06
CA VAL A 276 -34.71 5.52 -0.51
C VAL A 276 -34.50 6.80 0.30
N CYS A 277 -35.01 7.92 -0.20
CA CYS A 277 -34.89 9.18 0.53
C CYS A 277 -35.66 9.13 1.85
N ASN A 278 -36.88 8.60 1.82
CA ASN A 278 -37.65 8.44 3.06
C ASN A 278 -36.90 7.56 4.05
N LEU A 279 -36.30 6.48 3.56
CA LEU A 279 -35.58 5.54 4.43
C LEU A 279 -34.41 6.22 5.13
N ILE A 280 -33.68 7.07 4.41
CA ILE A 280 -32.51 7.72 5.00
C ILE A 280 -32.94 8.81 5.95
N MET A 281 -33.94 9.62 5.56
CA MET A 281 -34.34 10.76 6.37
C MET A 281 -35.06 10.36 7.65
N THR A 282 -35.53 9.11 7.75
CA THR A 282 -36.17 8.63 8.96
C THR A 282 -35.24 7.79 9.84
N TRP A 283 -33.97 7.70 9.48
CA TRP A 283 -33.01 6.92 10.27
C TRP A 283 -33.00 7.26 11.76
N PRO A 284 -33.07 8.53 12.18
CA PRO A 284 -33.11 8.80 13.64
C PRO A 284 -34.18 8.04 14.39
N ALA A 285 -35.34 7.80 13.77
CA ALA A 285 -36.39 7.04 14.43
C ALA A 285 -36.07 5.55 14.50
N PHE A 286 -35.14 5.07 13.67
CA PHE A 286 -34.78 3.66 13.62
C PHE A 286 -33.36 3.40 14.10
N SER A 287 -32.71 4.40 14.72
CA SER A 287 -31.29 4.27 15.07
C SER A 287 -31.06 3.30 16.23
N ASN A 288 -32.08 2.99 17.01
CA ASN A 288 -31.95 2.05 18.13
C ASN A 288 -32.31 0.66 17.62
N LYS A 289 -31.29 -0.17 17.38
CA LYS A 289 -31.51 -1.48 16.78
C LYS A 289 -32.34 -2.39 17.67
N ALA A 290 -32.38 -2.14 18.98
CA ALA A 290 -33.12 -3.00 19.88
C ALA A 290 -34.61 -2.70 19.91
N GLN A 291 -35.03 -1.52 19.46
CA GLN A 291 -36.43 -1.15 19.46
C GLN A 291 -36.66 -0.02 18.47
N PHE A 292 -37.48 -0.29 17.46
CA PHE A 292 -37.74 0.70 16.41
C PHE A 292 -39.16 0.51 15.85
N PRO A 293 -39.79 1.60 15.39
CA PRO A 293 -39.27 2.97 15.45
C PRO A 293 -39.55 3.65 16.78
N ASP A 294 -38.75 4.66 17.12
CA ASP A 294 -38.98 5.49 18.29
C ASP A 294 -39.93 6.61 17.89
N LEU A 295 -41.20 6.45 18.24
CA LEU A 295 -42.24 7.39 17.82
C LEU A 295 -42.28 8.65 18.68
N SER A 296 -41.28 8.88 19.53
CA SER A 296 -41.09 10.23 20.06
C SER A 296 -40.70 11.18 18.94
N TYR A 297 -40.01 10.66 17.92
CA TYR A 297 -39.85 11.38 16.67
C TYR A 297 -41.18 11.40 15.91
N SER A 298 -41.37 12.46 15.12
CA SER A 298 -42.48 12.52 14.18
C SER A 298 -41.95 12.14 12.80
N ILE A 299 -42.46 11.03 12.26
CA ILE A 299 -42.03 10.58 10.94
C ILE A 299 -42.30 11.67 9.91
N SER A 300 -43.48 12.29 9.97
CA SER A 300 -43.80 13.37 9.04
C SER A 300 -42.81 14.52 9.17
N GLU A 301 -42.43 14.87 10.39
CA GLU A 301 -41.49 15.96 10.60
C GLU A 301 -40.11 15.62 10.05
N LEU A 302 -39.67 14.36 10.24
CA LEU A 302 -38.40 13.94 9.68
C LEU A 302 -38.43 13.97 8.16
N LEU A 303 -39.55 13.60 7.56
CA LEU A 303 -39.68 13.60 6.11
C LEU A 303 -39.88 14.99 5.53
N SER A 304 -40.37 15.94 6.33
CA SER A 304 -40.53 17.31 5.85
C SER A 304 -39.20 17.99 5.56
N LYS A 305 -38.08 17.42 6.02
CA LYS A 305 -36.77 17.97 5.76
C LYS A 305 -36.20 17.57 4.40
N ARG A 306 -36.95 16.82 3.61
CA ARG A 306 -36.50 16.45 2.27
C ARG A 306 -36.49 17.67 1.36
N THR A 307 -35.41 17.81 0.59
CA THR A 307 -35.29 18.86 -0.42
C THR A 307 -34.78 18.25 -1.71
N LYS A 308 -34.84 19.03 -2.79
CA LYS A 308 -34.39 18.54 -4.08
C LYS A 308 -32.90 18.20 -4.07
N GLU A 309 -32.09 19.06 -3.46
CA GLU A 309 -30.65 18.83 -3.42
C GLU A 309 -30.27 17.74 -2.41
N LEU A 310 -31.04 17.60 -1.33
CA LEU A 310 -30.77 16.50 -0.40
C LEU A 310 -31.11 15.16 -1.04
N ASP A 311 -32.24 15.07 -1.75
CA ASP A 311 -32.59 13.83 -2.44
C ASP A 311 -31.52 13.43 -3.43
N LYS A 312 -30.93 14.41 -4.13
CA LYS A 312 -29.88 14.12 -5.10
C LYS A 312 -28.63 13.57 -4.41
N LYS A 313 -28.30 14.10 -3.23
CA LYS A 313 -27.14 13.61 -2.50
C LYS A 313 -27.36 12.21 -1.96
N ILE A 314 -28.60 11.89 -1.57
CA ILE A 314 -28.89 10.57 -1.02
C ILE A 314 -28.76 9.49 -2.08
N ILE A 315 -29.32 9.75 -3.27
CA ILE A 315 -29.25 8.77 -4.35
C ILE A 315 -27.80 8.53 -4.76
N GLU A 316 -27.01 9.60 -4.78
CA GLU A 316 -25.58 9.47 -5.13
C GLU A 316 -24.85 8.61 -4.11
N LEU A 317 -25.15 8.80 -2.81
CA LEU A 317 -24.51 8.00 -1.78
C LEU A 317 -25.08 6.59 -1.71
N TRP A 318 -26.38 6.43 -1.97
CA TRP A 318 -26.97 5.10 -2.00
C TRP A 318 -26.40 4.27 -3.14
N GLU A 319 -26.27 4.88 -4.32
CA GLU A 319 -25.69 4.18 -5.47
C GLU A 319 -24.23 3.80 -5.21
N LYS A 320 -23.53 4.59 -4.38
CA LYS A 320 -22.12 4.30 -4.10
C LYS A 320 -21.97 3.09 -3.19
N TYR A 321 -22.70 3.07 -2.07
CA TYR A 321 -22.50 2.03 -1.06
C TYR A 321 -23.37 0.81 -1.27
N ILE A 322 -24.57 0.97 -1.84
CA ILE A 322 -25.53 -0.12 -1.99
C ILE A 322 -25.83 -0.39 -3.46
N GLY A 323 -26.06 0.65 -4.24
CA GLY A 323 -26.39 0.50 -5.64
C GLY A 323 -27.89 0.56 -5.87
N LEU A 324 -28.27 1.10 -7.03
CA LEU A 324 -29.68 1.21 -7.38
C LEU A 324 -30.30 -0.14 -7.71
N LYS A 325 -29.51 -1.08 -8.22
CA LYS A 325 -30.00 -2.39 -8.56
C LYS A 325 -30.16 -3.24 -7.30
N ILE A 326 -31.32 -3.89 -7.16
CA ILE A 326 -31.56 -4.82 -6.06
C ILE A 326 -30.99 -6.17 -6.48
N ILE A 327 -29.85 -6.54 -5.89
CA ILE A 327 -29.13 -7.74 -6.29
C ILE A 327 -29.23 -8.78 -5.19
N TYR A 328 -29.00 -10.03 -5.57
CA TYR A 328 -29.14 -11.14 -4.64
C TYR A 328 -27.99 -11.18 -3.64
N ASP A 329 -28.33 -11.39 -2.38
CA ASP A 329 -27.38 -11.46 -1.28
C ASP A 329 -27.64 -12.74 -0.50
N SER A 330 -26.62 -13.57 -0.35
CA SER A 330 -26.77 -14.86 0.32
C SER A 330 -26.19 -14.89 1.73
N ASP A 331 -25.88 -13.74 2.31
CA ASP A 331 -25.53 -13.71 3.72
C ASP A 331 -26.74 -14.07 4.56
N THR A 332 -26.48 -14.53 5.79
CA THR A 332 -27.56 -14.83 6.71
C THR A 332 -28.33 -13.56 7.06
N PHE A 333 -29.63 -13.72 7.33
CA PHE A 333 -30.52 -12.57 7.41
C PHE A 333 -30.16 -11.66 8.57
N ASP A 334 -29.51 -12.20 9.60
CA ASP A 334 -29.05 -11.35 10.69
C ASP A 334 -27.88 -10.47 10.26
N ILE A 335 -27.06 -10.95 9.31
CA ILE A 335 -25.99 -10.13 8.78
C ILE A 335 -26.55 -9.04 7.87
N GLN A 336 -27.57 -9.37 7.09
CA GLN A 336 -28.18 -8.37 6.20
C GLN A 336 -28.89 -7.27 7.00
N PHE A 337 -29.48 -7.62 8.14
CA PHE A 337 -30.07 -6.62 9.02
C PHE A 337 -29.04 -5.58 9.43
N THR A 338 -27.88 -6.04 9.92
CA THR A 338 -26.84 -5.13 10.36
C THR A 338 -26.22 -4.38 9.18
N SER A 339 -26.01 -5.08 8.06
CA SER A 339 -25.33 -4.47 6.92
C SER A 339 -26.16 -3.32 6.36
N ARG A 340 -27.44 -3.56 6.10
CA ARG A 340 -28.29 -2.52 5.51
C ARG A 340 -28.44 -1.32 6.44
N ARG A 341 -28.58 -1.57 7.74
CA ARG A 341 -28.68 -0.48 8.69
C ARG A 341 -27.36 0.27 8.83
N PHE A 342 -26.23 -0.42 8.64
CA PHE A 342 -24.94 0.25 8.71
C PHE A 342 -24.82 1.31 7.62
N TYR A 343 -25.30 1.02 6.41
CA TYR A 343 -25.15 1.95 5.30
C TYR A 343 -26.23 3.02 5.29
N ILE A 344 -27.40 2.73 5.86
CA ILE A 344 -28.40 3.79 6.06
C ILE A 344 -27.87 4.82 7.04
N GLU A 345 -27.26 4.36 8.14
CA GLU A 345 -26.69 5.29 9.12
C GLU A 345 -25.56 6.09 8.51
N LYS A 346 -24.71 5.43 7.70
CA LYS A 346 -23.57 6.12 7.10
C LYS A 346 -24.02 7.20 6.12
N ILE A 347 -25.03 6.91 5.30
CA ILE A 347 -25.52 7.90 4.34
C ILE A 347 -26.10 9.09 5.09
N TYR A 348 -26.93 8.84 6.10
CA TYR A 348 -27.54 9.92 6.85
C TYR A 348 -26.49 10.81 7.51
N ASN A 349 -25.46 10.21 8.09
CA ASN A 349 -24.47 11.00 8.82
C ASN A 349 -23.60 11.82 7.87
N GLU A 350 -23.42 11.36 6.63
CA GLU A 350 -22.64 12.13 5.68
C GLU A 350 -23.43 13.29 5.07
N LEU A 351 -24.74 13.37 5.32
CA LEU A 351 -25.54 14.49 4.85
C LEU A 351 -25.34 15.74 5.69
N ASN A 352 -24.85 15.60 6.92
CA ASN A 352 -24.56 16.72 7.81
C ASN A 352 -25.82 17.54 8.12
N ILE A 353 -26.76 16.87 8.79
CA ILE A 353 -28.00 17.52 9.24
C ILE A 353 -28.33 17.07 10.64
N GLN B 5 20.24 -16.99 11.10
CA GLN B 5 19.23 -15.93 11.20
C GLN B 5 18.28 -15.98 10.02
N ILE B 6 17.06 -16.46 10.26
CA ILE B 6 16.08 -16.67 9.21
C ILE B 6 14.82 -15.88 9.52
N GLN B 7 14.00 -15.71 8.49
CA GLN B 7 12.68 -15.09 8.61
C GLN B 7 11.59 -16.11 8.33
N HIS B 8 10.46 -15.96 9.01
CA HIS B 8 9.33 -16.86 8.87
C HIS B 8 8.24 -16.15 8.07
N ILE B 9 7.90 -16.71 6.92
CA ILE B 9 6.93 -16.11 6.01
C ILE B 9 5.74 -17.05 5.90
N ALA B 10 4.56 -16.53 6.22
CA ALA B 10 3.33 -17.30 6.07
C ALA B 10 2.84 -17.19 4.62
N ILE B 11 2.54 -18.32 4.02
CA ILE B 11 1.99 -18.37 2.66
C ILE B 11 0.59 -18.95 2.75
N VAL B 12 -0.37 -18.28 2.12
CA VAL B 12 -1.78 -18.60 2.26
C VAL B 12 -2.38 -18.84 0.88
N GLY B 13 -3.25 -19.84 0.78
CA GLY B 13 -3.98 -20.09 -0.44
C GLY B 13 -5.17 -19.17 -0.61
N CYS B 14 -6.36 -19.75 -0.76
CA CYS B 14 -7.56 -18.95 -0.96
C CYS B 14 -8.12 -18.49 0.38
N VAL B 15 -8.37 -17.18 0.49
CA VAL B 15 -9.01 -16.63 1.68
C VAL B 15 -10.54 -16.69 1.57
N HIS B 16 -11.06 -16.24 0.42
CA HIS B 16 -12.52 -16.22 0.18
C HIS B 16 -13.26 -15.45 1.26
N GLY B 17 -12.69 -14.32 1.67
CA GLY B 17 -13.35 -13.43 2.62
C GLY B 17 -13.32 -13.89 4.06
N LYS B 18 -12.54 -14.90 4.40
CA LYS B 18 -12.42 -15.36 5.79
C LYS B 18 -11.16 -14.79 6.44
N TYR B 19 -11.12 -13.44 6.53
CA TYR B 19 -9.93 -12.76 7.02
C TYR B 19 -9.72 -12.99 8.51
N ARG B 20 -10.78 -12.83 9.31
CA ARG B 20 -10.65 -13.01 10.75
C ARG B 20 -10.20 -14.43 11.09
N GLU B 21 -10.71 -15.41 10.36
CA GLU B 21 -10.30 -16.79 10.58
CA GLU B 21 -10.30 -16.79 10.58
C GLU B 21 -8.84 -16.99 10.21
N MET B 22 -8.38 -16.32 9.14
CA MET B 22 -6.99 -16.46 8.71
C MET B 22 -6.03 -15.89 9.74
N TYR B 23 -6.27 -14.66 10.19
CA TYR B 23 -5.37 -14.04 11.15
C TYR B 23 -5.42 -14.72 12.51
N ARG B 24 -6.50 -15.44 12.82
CA ARG B 24 -6.54 -16.21 14.06
C ARG B 24 -5.61 -17.41 13.99
N GLN B 25 -5.59 -18.11 12.85
CA GLN B 25 -4.68 -19.24 12.70
C GLN B 25 -3.23 -18.78 12.73
N LEU B 26 -2.92 -17.69 12.05
CA LEU B 26 -1.56 -17.14 12.08
C LEU B 26 -1.16 -16.77 13.50
N SER B 27 -2.05 -16.12 14.24
CA SER B 27 -1.77 -15.79 15.64
C SER B 27 -1.54 -17.05 16.46
N GLU B 28 -2.32 -18.11 16.20
CA GLU B 28 -2.11 -19.38 16.89
C GLU B 28 -0.76 -19.99 16.54
N TYR B 29 -0.28 -19.78 15.32
CA TYR B 29 1.03 -20.27 14.94
C TYR B 29 2.14 -19.61 15.74
N GLU B 30 2.07 -18.28 15.88
CA GLU B 30 3.03 -17.58 16.74
C GLU B 30 2.88 -17.98 18.20
N LYS B 31 1.66 -18.35 18.60
CA LYS B 31 1.42 -18.68 20.01
C LYS B 31 1.99 -20.04 20.37
N SER B 32 1.86 -21.02 19.47
CA SER B 32 2.28 -22.39 19.79
C SER B 32 3.73 -22.66 19.43
N THR B 33 4.27 -22.00 18.40
CA THR B 33 5.65 -22.23 17.99
C THR B 33 6.64 -21.24 18.59
N GLY B 34 6.17 -20.10 19.08
CA GLY B 34 7.07 -19.06 19.56
C GLY B 34 7.79 -18.29 18.48
N LYS B 35 7.48 -18.54 17.22
CA LYS B 35 8.13 -17.86 16.11
C LYS B 35 7.37 -16.58 15.75
N GLU B 36 8.09 -15.67 15.10
CA GLU B 36 7.53 -14.39 14.67
C GLU B 36 7.29 -14.43 13.17
N ILE B 37 6.09 -14.05 12.76
CA ILE B 37 5.76 -13.95 11.33
C ILE B 37 6.25 -12.61 10.81
N SER B 38 7.11 -12.66 9.78
CA SER B 38 7.60 -11.43 9.18
C SER B 38 6.50 -10.74 8.38
N PHE B 39 5.85 -11.47 7.49
CA PHE B 39 4.72 -10.96 6.71
C PHE B 39 3.97 -12.16 6.15
N VAL B 40 2.85 -11.88 5.48
CA VAL B 40 1.96 -12.90 4.96
C VAL B 40 1.82 -12.72 3.46
N ILE B 41 1.81 -13.84 2.74
CA ILE B 41 1.66 -13.88 1.29
C ILE B 41 0.40 -14.68 0.97
N CYS B 42 -0.49 -14.11 0.17
N CYS B 42 -0.49 -14.11 0.18
CA CYS B 42 -1.74 -14.74 -0.22
CA CYS B 42 -1.71 -14.78 -0.23
C CYS B 42 -1.83 -14.85 -1.74
C CYS B 42 -1.77 -14.89 -1.75
N THR B 43 -2.40 -15.98 -2.21
CA THR B 43 -2.43 -16.30 -3.64
C THR B 43 -3.77 -16.03 -4.31
N GLY B 44 -4.66 -15.28 -3.67
CA GLY B 44 -5.80 -14.74 -4.39
C GLY B 44 -7.14 -15.17 -3.82
N ASP B 45 -8.20 -14.85 -4.56
CA ASP B 45 -9.59 -14.99 -4.11
C ASP B 45 -9.79 -14.30 -2.77
N MET B 46 -9.45 -13.01 -2.74
CA MET B 46 -9.46 -12.23 -1.51
C MET B 46 -10.85 -11.70 -1.18
N GLN B 47 -11.61 -11.34 -2.22
CA GLN B 47 -12.95 -10.77 -2.06
C GLN B 47 -12.89 -9.50 -1.22
N THR B 48 -12.19 -8.49 -1.74
CA THR B 48 -12.02 -7.22 -1.06
C THR B 48 -13.17 -6.27 -1.41
N LEU B 49 -14.37 -6.66 -0.97
CA LEU B 49 -15.55 -5.85 -1.21
C LEU B 49 -15.65 -4.77 -0.14
N ARG B 50 -15.59 -3.51 -0.57
CA ARG B 50 -15.66 -2.39 0.38
C ARG B 50 -17.06 -2.27 0.97
N TYR B 51 -18.08 -2.36 0.13
CA TYR B 51 -19.46 -2.21 0.57
C TYR B 51 -20.37 -3.05 -0.33
N GLU B 52 -21.67 -2.96 -0.07
CA GLU B 52 -22.63 -3.85 -0.73
C GLU B 52 -22.59 -3.69 -2.25
N ALA B 53 -22.34 -2.48 -2.73
CA ALA B 53 -22.38 -2.24 -4.18
C ALA B 53 -21.32 -3.04 -4.90
N ASP B 54 -20.24 -3.42 -4.21
CA ASP B 54 -19.18 -4.18 -4.84
C ASP B 54 -19.56 -5.63 -5.10
N LEU B 55 -20.69 -6.10 -4.57
CA LEU B 55 -21.14 -7.47 -4.85
C LEU B 55 -21.38 -7.69 -6.33
N VAL B 56 -21.73 -6.64 -7.07
CA VAL B 56 -21.96 -6.75 -8.50
C VAL B 56 -20.75 -7.34 -9.20
N TYR B 57 -19.55 -7.00 -8.73
CA TYR B 57 -18.31 -7.39 -9.38
C TYR B 57 -17.74 -8.72 -8.90
N LEU B 58 -18.42 -9.40 -7.97
CA LEU B 58 -17.95 -10.69 -7.46
C LEU B 58 -18.52 -11.81 -8.34
N LYS B 59 -17.67 -12.42 -9.16
CA LYS B 59 -18.09 -13.47 -10.09
C LYS B 59 -18.04 -14.81 -9.35
N VAL B 60 -19.14 -15.14 -8.67
CA VAL B 60 -19.28 -16.39 -7.93
C VAL B 60 -20.69 -16.90 -8.09
N PRO B 61 -20.92 -18.19 -7.85
CA PRO B 61 -22.28 -18.72 -7.83
C PRO B 61 -23.11 -18.03 -6.75
N PRO B 62 -24.44 -18.05 -6.88
CA PRO B 62 -25.29 -17.28 -5.95
C PRO B 62 -25.04 -17.58 -4.48
N LYS B 63 -24.80 -18.84 -4.11
CA LYS B 63 -24.63 -19.18 -2.71
C LYS B 63 -23.38 -18.56 -2.09
N TYR B 64 -22.46 -18.03 -2.90
CA TYR B 64 -21.26 -17.38 -2.41
C TYR B 64 -21.32 -15.86 -2.56
N LYS B 65 -22.48 -15.31 -2.94
CA LYS B 65 -22.66 -13.86 -3.05
C LYS B 65 -22.78 -13.28 -1.64
N GLN B 66 -21.64 -13.17 -0.97
CA GLN B 66 -21.57 -12.69 0.39
C GLN B 66 -20.49 -11.62 0.51
N MET B 67 -20.58 -10.83 1.58
CA MET B 67 -19.61 -9.76 1.79
C MET B 67 -18.29 -10.27 2.32
N GLY B 68 -18.32 -11.25 3.23
CA GLY B 68 -17.11 -11.70 3.89
C GLY B 68 -16.65 -10.72 4.96
N ASP B 69 -15.37 -10.81 5.29
CA ASP B 69 -14.82 -10.05 6.42
C ASP B 69 -14.10 -8.77 6.01
N PHE B 70 -13.80 -8.57 4.72
CA PHE B 70 -12.90 -7.49 4.35
C PHE B 70 -13.42 -6.12 4.75
N HIS B 71 -14.74 -5.91 4.64
CA HIS B 71 -15.30 -4.59 4.93
C HIS B 71 -15.04 -4.19 6.39
N LEU B 72 -14.93 -5.15 7.30
CA LEU B 72 -14.57 -4.82 8.66
C LEU B 72 -13.18 -4.18 8.73
N TYR B 73 -12.24 -4.70 7.96
CA TYR B 73 -10.90 -4.12 7.89
C TYR B 73 -10.90 -2.83 7.08
N TYR B 74 -11.79 -2.72 6.08
CA TYR B 74 -11.86 -1.51 5.27
C TYR B 74 -12.46 -0.36 6.07
N GLU B 75 -13.47 -0.64 6.89
CA GLU B 75 -14.09 0.37 7.74
C GLU B 75 -13.24 0.75 8.95
N GLY B 76 -12.21 -0.04 9.27
CA GLY B 76 -11.41 0.19 10.45
C GLY B 76 -11.87 -0.53 11.69
N LYS B 77 -12.95 -1.31 11.62
CA LYS B 77 -13.42 -2.05 12.79
C LYS B 77 -12.47 -3.20 13.13
N GLU B 78 -11.73 -3.69 12.16
CA GLU B 78 -10.67 -4.66 12.37
C GLU B 78 -9.37 -4.13 11.78
N LYS B 79 -8.26 -4.68 12.26
CA LYS B 79 -6.94 -4.27 11.82
C LYS B 79 -6.07 -5.50 11.63
N ALA B 80 -5.58 -5.70 10.41
CA ALA B 80 -4.72 -6.83 10.11
C ALA B 80 -3.44 -6.75 10.90
N PRO B 81 -3.13 -7.73 11.75
CA PRO B 81 -1.93 -7.64 12.60
C PRO B 81 -0.62 -7.93 11.87
N TYR B 82 -0.66 -8.39 10.63
CA TYR B 82 0.55 -8.66 9.86
C TYR B 82 0.43 -8.01 8.49
N LEU B 83 1.56 -7.50 7.99
CA LEU B 83 1.60 -7.03 6.61
C LEU B 83 1.25 -8.19 5.69
N THR B 84 0.28 -7.98 4.80
CA THR B 84 -0.26 -9.02 3.96
C THR B 84 -0.16 -8.61 2.50
N LEU B 85 0.63 -9.34 1.73
CA LEU B 85 0.77 -9.12 0.30
C LEU B 85 -0.08 -10.15 -0.45
N PHE B 86 -0.79 -9.70 -1.48
CA PHE B 86 -1.67 -10.63 -2.18
C PHE B 86 -1.81 -10.23 -3.65
N ILE B 87 -2.19 -11.23 -4.44
CA ILE B 87 -2.56 -11.03 -5.83
C ILE B 87 -4.06 -11.26 -5.95
N GLY B 88 -4.59 -11.02 -7.14
CA GLY B 88 -5.99 -11.29 -7.41
C GLY B 88 -6.22 -12.68 -7.96
N GLY B 89 -7.36 -13.25 -7.63
CA GLY B 89 -7.74 -14.53 -8.16
C GLY B 89 -8.91 -14.42 -9.11
N ASN B 90 -9.86 -15.36 -9.02
CA ASN B 90 -11.07 -15.31 -9.83
C ASN B 90 -12.30 -14.87 -9.05
N ALA B 91 -12.24 -14.89 -7.73
CA ALA B 91 -13.34 -14.44 -6.87
C ALA B 91 -12.87 -13.16 -6.19
N GLU B 92 -13.07 -12.03 -6.86
CA GLU B 92 -12.56 -10.75 -6.39
C GLU B 92 -13.58 -9.65 -6.63
N SER B 93 -13.40 -8.55 -5.90
CA SER B 93 -14.09 -7.30 -6.22
C SER B 93 -13.30 -6.65 -7.36
N SER B 94 -13.52 -7.18 -8.57
CA SER B 94 -12.65 -6.89 -9.70
C SER B 94 -12.60 -5.41 -10.06
N ASN B 95 -13.64 -4.64 -9.70
CA ASN B 95 -13.59 -3.21 -9.89
C ASN B 95 -12.50 -2.58 -9.02
N VAL B 96 -12.39 -3.02 -7.77
CA VAL B 96 -11.37 -2.49 -6.87
C VAL B 96 -9.99 -2.79 -7.41
N LEU B 97 -9.75 -4.03 -7.84
CA LEU B 97 -8.43 -4.41 -8.31
C LEU B 97 -8.06 -3.69 -9.60
N LEU B 98 -9.05 -3.36 -10.43
CA LEU B 98 -8.77 -2.62 -11.66
C LEU B 98 -8.33 -1.20 -11.35
N HIS B 99 -9.02 -0.55 -10.40
CA HIS B 99 -8.57 0.75 -9.91
C HIS B 99 -7.10 0.69 -9.48
N LEU B 100 -6.72 -0.40 -8.80
CA LEU B 100 -5.37 -0.57 -8.28
C LEU B 100 -4.55 -1.51 -9.16
N TYR B 101 -4.70 -1.43 -10.49
CA TYR B 101 -3.98 -2.34 -11.36
C TYR B 101 -2.47 -2.13 -11.29
N ASN B 102 -2.02 -0.94 -10.89
CA ASN B 102 -0.62 -0.68 -10.61
C ASN B 102 -0.26 -0.93 -9.14
N GLY B 103 -1.06 -1.72 -8.44
CA GLY B 103 -0.83 -1.99 -7.03
C GLY B 103 -1.43 -0.92 -6.13
N GLY B 104 -1.47 -1.24 -4.85
CA GLY B 104 -1.96 -0.31 -3.85
C GLY B 104 -2.53 -1.02 -2.65
N PHE B 105 -2.62 -0.29 -1.55
CA PHE B 105 -3.23 -0.80 -0.33
C PHE B 105 -4.75 -0.72 -0.43
N VAL B 106 -5.42 -1.85 -0.19
CA VAL B 106 -6.88 -1.83 -0.09
C VAL B 106 -7.33 -1.41 1.31
N CYS B 107 -6.47 -1.59 2.30
CA CYS B 107 -6.67 -1.10 3.67
C CYS B 107 -5.32 -1.25 4.36
N PHE B 108 -5.30 -0.94 5.65
CA PHE B 108 -4.05 -1.00 6.39
C PHE B 108 -3.49 -2.42 6.41
N ASN B 109 -2.21 -2.55 6.06
CA ASN B 109 -1.45 -3.81 6.10
C ASN B 109 -1.92 -4.83 5.06
N MET B 110 -2.67 -4.42 4.04
CA MET B 110 -3.09 -5.32 2.97
C MET B 110 -2.73 -4.67 1.64
N TYR B 111 -1.67 -5.14 1.01
CA TYR B 111 -1.16 -4.56 -0.23
C TYR B 111 -1.46 -5.49 -1.40
N TYR B 112 -2.15 -4.96 -2.40
CA TYR B 112 -2.41 -5.68 -3.64
C TYR B 112 -1.28 -5.43 -4.62
N LEU B 113 -0.71 -6.51 -5.16
CA LEU B 113 0.43 -6.37 -6.05
C LEU B 113 0.05 -5.84 -7.43
N GLY B 114 -1.23 -5.75 -7.75
CA GLY B 114 -1.65 -5.28 -9.05
C GLY B 114 -1.91 -6.40 -10.02
N VAL B 115 -2.13 -6.01 -11.28
CA VAL B 115 -2.23 -6.99 -12.37
C VAL B 115 -1.00 -7.89 -12.36
N CYS B 116 0.18 -7.29 -12.19
CA CYS B 116 1.44 -7.99 -12.00
C CYS B 116 2.46 -6.95 -11.55
N SER B 117 3.43 -7.40 -10.76
CA SER B 117 4.50 -6.52 -10.31
C SER B 117 5.54 -7.36 -9.60
N CYS B 118 6.64 -6.69 -9.23
CA CYS B 118 7.66 -7.25 -8.37
C CYS B 118 7.93 -6.26 -7.25
N ILE B 119 8.02 -6.77 -6.03
CA ILE B 119 8.27 -5.94 -4.86
C ILE B 119 9.52 -6.45 -4.14
N ASN B 120 10.01 -5.64 -3.20
CA ASN B 120 11.16 -5.98 -2.39
C ASN B 120 10.77 -5.90 -0.92
N ILE B 121 11.18 -6.91 -0.15
CA ILE B 121 10.95 -6.91 1.29
C ILE B 121 11.96 -7.86 1.94
N ASN B 122 12.66 -7.36 2.98
CA ASN B 122 13.64 -8.14 3.72
C ASN B 122 14.65 -8.81 2.80
N GLY B 123 15.10 -8.07 1.79
CA GLY B 123 16.08 -8.60 0.86
C GLY B 123 15.55 -9.60 -0.13
N LEU B 124 14.25 -9.80 -0.20
CA LEU B 124 13.63 -10.74 -1.13
C LEU B 124 13.00 -9.98 -2.30
N ARG B 125 12.95 -10.64 -3.45
CA ARG B 125 12.27 -10.14 -4.63
C ARG B 125 11.09 -11.06 -4.92
N ILE B 126 9.88 -10.50 -4.91
CA ILE B 126 8.65 -11.27 -4.98
C ILE B 126 7.84 -10.80 -6.18
N VAL B 127 7.45 -11.73 -7.04
CA VAL B 127 6.69 -11.46 -8.26
C VAL B 127 5.27 -11.98 -8.07
N GLY B 128 4.30 -11.23 -8.57
CA GLY B 128 2.91 -11.65 -8.53
C GLY B 128 2.25 -11.56 -9.89
N VAL B 129 1.38 -12.54 -10.18
CA VAL B 129 0.58 -12.56 -11.40
C VAL B 129 -0.86 -12.82 -10.98
N SER B 130 -1.74 -11.85 -11.24
CA SER B 130 -3.12 -11.94 -10.80
C SER B 130 -3.99 -12.68 -11.81
N GLY B 131 -5.13 -13.15 -11.32
CA GLY B 131 -6.16 -13.73 -12.19
C GLY B 131 -5.93 -15.18 -12.53
N ILE B 132 -6.84 -15.71 -13.34
CA ILE B 132 -6.73 -17.06 -13.89
C ILE B 132 -6.82 -16.97 -15.41
N TYR B 133 -6.42 -18.06 -16.06
CA TYR B 133 -6.27 -18.08 -17.51
C TYR B 133 -7.57 -18.51 -18.19
N LYS B 134 -7.99 -17.72 -19.18
CA LYS B 134 -9.04 -18.13 -20.11
C LYS B 134 -8.60 -17.67 -21.50
N SER B 135 -8.54 -18.61 -22.44
CA SER B 135 -7.93 -18.33 -23.73
C SER B 135 -8.64 -17.21 -24.48
N PHE B 136 -9.97 -17.13 -24.34
CA PHE B 136 -10.75 -16.18 -25.12
C PHE B 136 -10.59 -14.73 -24.66
N ASP B 137 -9.99 -14.49 -23.49
CA ASP B 137 -9.81 -13.14 -22.98
C ASP B 137 -8.36 -12.72 -22.82
N GLU B 138 -7.40 -13.59 -23.13
CA GLU B 138 -6.00 -13.28 -22.86
C GLU B 138 -5.46 -12.17 -23.74
N LYS B 139 -6.07 -11.91 -24.89
CA LYS B 139 -5.66 -10.83 -25.77
C LYS B 139 -6.53 -9.60 -25.62
N LYS B 140 -7.50 -9.62 -24.72
CA LYS B 140 -8.45 -8.53 -24.55
C LYS B 140 -7.86 -7.44 -23.67
N PRO B 141 -8.04 -6.17 -24.03
CA PRO B 141 -7.59 -5.08 -23.18
C PRO B 141 -8.55 -4.87 -22.01
N TYR B 142 -8.11 -4.04 -21.06
CA TYR B 142 -8.97 -3.56 -19.99
C TYR B 142 -9.64 -2.28 -20.43
N THR B 143 -10.91 -2.12 -20.07
CA THR B 143 -11.66 -0.89 -20.30
C THR B 143 -11.95 -0.23 -18.97
N TYR B 144 -11.72 1.08 -18.90
CA TYR B 144 -11.83 1.82 -17.65
C TYR B 144 -12.69 3.06 -17.86
N PRO B 145 -13.55 3.39 -16.88
CA PRO B 145 -13.74 2.75 -15.58
C PRO B 145 -14.48 1.41 -15.66
N PRO B 146 -14.39 0.59 -14.62
CA PRO B 146 -15.05 -0.72 -14.65
C PRO B 146 -16.55 -0.60 -14.78
N SER B 147 -17.13 -1.54 -15.51
CA SER B 147 -18.57 -1.65 -15.72
C SER B 147 -19.06 -3.01 -15.25
N PRO B 148 -20.31 -3.09 -14.76
CA PRO B 148 -20.85 -4.39 -14.36
C PRO B 148 -20.89 -5.42 -15.47
N ASN B 149 -20.78 -5.00 -16.74
CA ASN B 149 -20.75 -5.97 -17.83
C ASN B 149 -19.45 -6.76 -17.87
N ASP B 150 -18.36 -6.21 -17.32
CA ASP B 150 -17.03 -6.80 -17.39
C ASP B 150 -16.72 -7.72 -16.21
N VAL B 151 -17.74 -8.10 -15.42
CA VAL B 151 -17.49 -8.93 -14.25
CA VAL B 151 -17.50 -8.93 -14.25
C VAL B 151 -16.93 -10.29 -14.64
N VAL B 152 -17.34 -10.81 -15.80
CA VAL B 152 -16.91 -12.16 -16.21
C VAL B 152 -15.56 -12.16 -16.91
N SER B 153 -14.97 -11.01 -17.20
CA SER B 153 -13.71 -10.95 -17.92
C SER B 153 -12.61 -10.18 -17.21
N LEU B 154 -12.93 -9.42 -16.15
CA LEU B 154 -11.91 -8.57 -15.52
C LEU B 154 -10.81 -9.37 -14.87
N PHE B 155 -11.13 -10.55 -14.31
CA PHE B 155 -10.16 -11.33 -13.57
C PHE B 155 -9.41 -12.34 -14.42
N HIS B 156 -9.46 -12.21 -15.74
CA HIS B 156 -8.79 -13.16 -16.63
C HIS B 156 -7.40 -12.64 -16.97
N THR B 157 -6.38 -13.47 -16.71
CA THR B 157 -5.00 -13.06 -16.90
C THR B 157 -4.73 -12.72 -18.36
N ARG B 158 -4.19 -11.54 -18.60
CA ARG B 158 -3.85 -11.10 -19.94
C ARG B 158 -2.47 -11.58 -20.34
N ASN B 159 -2.29 -11.85 -21.64
CA ASN B 159 -1.06 -12.44 -22.12
C ASN B 159 0.13 -11.49 -22.01
N TYR B 160 -0.12 -10.17 -22.09
CA TYR B 160 0.99 -9.22 -22.13
C TYR B 160 1.81 -9.22 -20.84
N VAL B 161 1.27 -9.73 -19.74
CA VAL B 161 2.00 -9.75 -18.49
C VAL B 161 3.28 -10.57 -18.59
N ILE B 162 3.35 -11.49 -19.56
CA ILE B 162 4.60 -12.21 -19.83
C ILE B 162 5.70 -11.23 -20.18
N GLN B 163 5.43 -10.33 -21.14
CA GLN B 163 6.44 -9.36 -21.53
C GLN B 163 6.79 -8.41 -20.40
N MET B 164 5.80 -8.06 -19.56
CA MET B 164 6.07 -7.13 -18.46
C MET B 164 7.02 -7.72 -17.43
N LEU B 165 7.08 -9.05 -17.31
CA LEU B 165 7.81 -9.70 -16.24
C LEU B 165 9.06 -10.45 -16.68
N SER B 166 9.25 -10.68 -17.98
CA SER B 166 10.22 -11.68 -18.42
C SER B 166 11.66 -11.29 -18.12
N ASN B 167 11.99 -10.00 -18.07
CA ASN B 167 13.37 -9.59 -17.88
C ASN B 167 13.76 -9.45 -16.41
N LEU B 168 12.87 -9.77 -15.47
CA LEU B 168 13.08 -9.40 -14.08
C LEU B 168 14.18 -10.21 -13.40
N SER B 169 14.54 -11.38 -13.92
CA SER B 169 15.55 -12.21 -13.30
C SER B 169 16.94 -12.02 -13.91
N GLN B 170 17.10 -11.05 -14.81
CA GLN B 170 18.40 -10.83 -15.44
C GLN B 170 19.39 -10.20 -14.46
N SER B 171 18.90 -9.30 -13.59
CA SER B 171 19.79 -8.64 -12.64
C SER B 171 20.07 -9.50 -11.42
N SER B 172 19.10 -10.30 -10.99
CA SER B 172 19.25 -11.22 -9.86
C SER B 172 18.04 -12.14 -9.85
N GLN B 173 18.19 -13.28 -9.18
CA GLN B 173 17.14 -14.29 -9.21
C GLN B 173 15.93 -13.83 -8.40
N ILE B 174 14.75 -14.11 -8.92
CA ILE B 174 13.51 -13.87 -8.18
C ILE B 174 13.40 -14.93 -7.08
N ASP B 175 13.12 -14.48 -5.86
CA ASP B 175 13.01 -15.43 -4.74
C ASP B 175 11.68 -16.15 -4.75
N ILE B 176 10.57 -15.40 -4.81
CA ILE B 176 9.23 -15.96 -4.73
C ILE B 176 8.38 -15.38 -5.84
N SER B 177 7.58 -16.23 -6.48
CA SER B 177 6.65 -15.80 -7.50
C SER B 177 5.27 -16.35 -7.17
N LEU B 178 4.24 -15.53 -7.40
CA LEU B 178 2.88 -15.83 -6.96
C LEU B 178 1.93 -15.84 -8.14
N SER B 179 1.09 -16.87 -8.21
CA SER B 179 -0.01 -16.93 -9.15
C SER B 179 -1.21 -17.56 -8.45
N HIS B 180 -2.40 -17.31 -8.99
CA HIS B 180 -3.58 -17.96 -8.42
C HIS B 180 -3.70 -19.39 -8.92
N ASP B 181 -3.98 -19.56 -10.21
CA ASP B 181 -4.01 -20.89 -10.78
C ASP B 181 -2.60 -21.39 -11.05
N TRP B 182 -2.46 -22.70 -11.15
CA TRP B 182 -1.15 -23.32 -11.27
C TRP B 182 -0.51 -23.00 -12.62
N PRO B 183 0.81 -22.96 -12.69
CA PRO B 183 1.48 -22.97 -14.00
C PRO B 183 1.14 -24.25 -14.75
N GLN B 184 0.81 -24.11 -16.03
CA GLN B 184 0.40 -25.27 -16.82
C GLN B 184 1.53 -26.28 -16.91
N GLY B 185 1.22 -27.54 -16.66
CA GLY B 185 2.18 -28.61 -16.75
C GLY B 185 2.96 -28.90 -15.48
N ILE B 186 2.93 -28.00 -14.49
CA ILE B 186 3.69 -28.22 -13.27
C ILE B 186 3.20 -29.44 -12.50
N VAL B 187 1.95 -29.85 -12.74
CA VAL B 187 1.40 -31.02 -12.06
C VAL B 187 2.23 -32.26 -12.36
N MET B 188 2.80 -32.34 -13.57
CA MET B 188 3.61 -33.49 -13.96
C MET B 188 5.00 -33.48 -13.36
N LYS B 189 5.45 -32.35 -12.82
CA LYS B 189 6.78 -32.25 -12.22
C LYS B 189 6.81 -32.69 -10.77
N GLY B 190 5.69 -33.14 -10.22
CA GLY B 190 5.66 -33.66 -8.87
C GLY B 190 5.12 -35.07 -8.84
N ASN B 191 4.70 -35.54 -7.66
CA ASN B 191 4.17 -36.89 -7.49
C ASN B 191 2.70 -36.89 -7.89
N TYR B 192 2.47 -36.78 -9.21
CA TYR B 192 1.12 -36.57 -9.73
C TYR B 192 0.27 -37.83 -9.61
N LYS B 193 0.88 -39.02 -9.71
CA LYS B 193 0.12 -40.26 -9.56
C LYS B 193 -0.50 -40.34 -8.18
N GLN B 194 0.26 -39.98 -7.13
CA GLN B 194 -0.31 -39.91 -5.79
C GLN B 194 -1.29 -38.76 -5.66
N LEU B 195 -1.05 -37.66 -6.40
CA LEU B 195 -2.01 -36.56 -6.40
C LEU B 195 -3.36 -36.99 -6.97
N TYR B 196 -3.34 -37.88 -7.96
CA TYR B 196 -4.58 -38.29 -8.61
C TYR B 196 -5.42 -39.20 -7.73
N ARG B 197 -4.79 -39.95 -6.83
CA ARG B 197 -5.58 -40.80 -5.94
C ARG B 197 -6.10 -40.05 -4.71
N PHE B 198 -5.74 -38.77 -4.55
CA PHE B 198 -6.39 -37.89 -3.59
C PHE B 198 -7.36 -36.92 -4.25
N GLN B 199 -7.09 -36.52 -5.50
CA GLN B 199 -7.95 -35.62 -6.26
C GLN B 199 -8.15 -36.23 -7.64
N PRO B 200 -9.03 -37.22 -7.77
CA PRO B 200 -9.21 -37.90 -9.06
C PRO B 200 -9.75 -36.98 -10.15
N GLY B 201 -10.45 -35.90 -9.79
CA GLY B 201 -10.94 -34.98 -10.80
C GLY B 201 -9.85 -34.21 -11.54
N PHE B 202 -8.59 -34.35 -11.12
CA PHE B 202 -7.49 -33.66 -11.80
C PHE B 202 -6.99 -34.43 -13.02
N LYS B 203 -7.13 -35.76 -13.02
CA LYS B 203 -6.52 -36.56 -14.07
C LYS B 203 -7.14 -36.29 -15.44
N LYS B 204 -8.40 -35.86 -15.47
CA LYS B 204 -9.05 -35.59 -16.76
C LYS B 204 -8.35 -34.45 -17.50
N ASP B 205 -7.67 -33.57 -16.78
CA ASP B 205 -6.97 -32.45 -17.40
C ASP B 205 -5.54 -32.79 -17.78
N GLY B 206 -4.92 -33.75 -17.08
CA GLY B 206 -3.57 -34.17 -17.44
C GLY B 206 -2.57 -33.05 -17.27
N ALA B 207 -1.62 -32.98 -18.22
CA ALA B 207 -0.61 -31.94 -18.20
C ALA B 207 -1.16 -30.57 -18.57
N SER B 208 -2.33 -30.52 -19.22
CA SER B 208 -2.92 -29.25 -19.62
C SER B 208 -3.43 -28.45 -18.43
N LEU B 209 -3.40 -29.02 -17.22
CA LEU B 209 -3.89 -28.33 -16.04
C LEU B 209 -3.03 -27.11 -15.73
N GLY B 210 -3.67 -25.95 -15.64
CA GLY B 210 -3.02 -24.73 -15.20
C GLY B 210 -2.99 -23.67 -16.28
N SER B 211 -2.21 -22.62 -16.00
CA SER B 211 -2.16 -21.45 -16.87
C SER B 211 -0.89 -21.48 -17.71
N PRO B 212 -1.01 -21.43 -19.04
CA PRO B 212 0.21 -21.32 -19.86
C PRO B 212 0.92 -20.00 -19.69
N ILE B 213 0.22 -18.95 -19.27
CA ILE B 213 0.87 -17.69 -18.96
C ILE B 213 1.80 -17.85 -17.77
N ASN B 214 1.30 -18.47 -16.69
CA ASN B 214 2.14 -18.71 -15.53
C ASN B 214 3.25 -19.70 -15.84
N LYS B 215 3.01 -20.61 -16.79
CA LYS B 215 4.04 -21.56 -17.20
C LYS B 215 5.21 -20.85 -17.86
N VAL B 216 4.93 -19.94 -18.79
CA VAL B 216 5.99 -19.22 -19.48
C VAL B 216 6.77 -18.36 -18.50
N ILE B 217 6.07 -17.70 -17.58
CA ILE B 217 6.75 -16.85 -16.60
C ILE B 217 7.62 -17.69 -15.69
N LEU B 218 7.17 -18.90 -15.35
CA LEU B 218 7.98 -19.78 -14.51
C LEU B 218 9.23 -20.24 -15.24
N ASN B 219 9.09 -20.66 -16.51
CA ASN B 219 10.25 -21.09 -17.28
CA ASN B 219 10.24 -21.09 -17.29
C ASN B 219 11.20 -19.95 -17.58
N THR B 220 10.74 -18.71 -17.56
CA THR B 220 11.58 -17.55 -17.86
C THR B 220 12.29 -17.03 -16.60
N LEU B 221 11.54 -16.78 -15.53
CA LEU B 221 12.14 -16.21 -14.33
C LEU B 221 12.82 -17.27 -13.47
N LYS B 222 12.34 -18.51 -13.51
CA LYS B 222 12.85 -19.63 -12.73
C LYS B 222 13.11 -19.23 -11.27
N PRO B 223 12.08 -18.78 -10.54
CA PRO B 223 12.30 -18.30 -9.17
C PRO B 223 12.66 -19.45 -8.24
N LYS B 224 13.15 -19.08 -7.06
CA LYS B 224 13.43 -20.09 -6.03
C LYS B 224 12.15 -20.81 -5.63
N TYR B 225 11.04 -20.09 -5.52
CA TYR B 225 9.75 -20.66 -5.16
C TYR B 225 8.67 -20.12 -6.08
N TRP B 226 7.70 -20.98 -6.41
CA TRP B 226 6.47 -20.57 -7.06
C TRP B 226 5.30 -21.09 -6.23
N ILE B 227 4.43 -20.19 -5.81
CA ILE B 227 3.33 -20.51 -4.90
C ILE B 227 2.02 -20.21 -5.61
N SER B 228 1.07 -21.14 -5.53
CA SER B 228 -0.22 -20.99 -6.17
C SER B 228 -1.31 -21.54 -5.25
N GLY B 229 -2.55 -21.15 -5.56
CA GLY B 229 -3.70 -21.67 -4.85
C GLY B 229 -4.75 -22.21 -5.80
N HIS B 230 -5.97 -21.67 -5.69
CA HIS B 230 -7.06 -21.91 -6.64
C HIS B 230 -7.63 -23.32 -6.57
N MET B 231 -6.78 -24.34 -6.45
CA MET B 231 -7.23 -25.72 -6.58
C MET B 231 -7.74 -26.32 -5.27
N HIS B 232 -7.60 -25.62 -4.15
CA HIS B 232 -8.14 -26.05 -2.85
C HIS B 232 -7.50 -27.36 -2.38
N CYS B 233 -6.21 -27.50 -2.61
CA CYS B 233 -5.48 -28.67 -2.11
C CYS B 233 -3.99 -28.32 -2.04
N GLU B 234 -3.25 -29.15 -1.32
CA GLU B 234 -1.82 -28.99 -1.18
C GLU B 234 -1.09 -29.88 -2.18
N TYR B 235 0.04 -29.36 -2.68
CA TYR B 235 0.84 -30.08 -3.66
C TYR B 235 2.20 -29.41 -3.74
N HIS B 236 3.22 -30.19 -4.14
CA HIS B 236 4.57 -29.68 -4.28
C HIS B 236 5.22 -30.35 -5.49
N ALA B 237 5.99 -29.57 -6.24
CA ALA B 237 6.66 -30.07 -7.43
C ALA B 237 8.00 -29.38 -7.59
N GLU B 238 8.88 -30.01 -8.37
CA GLU B 238 10.22 -29.50 -8.64
C GLU B 238 10.37 -29.29 -10.14
N GLU B 239 10.66 -28.06 -10.54
CA GLU B 239 10.90 -27.70 -11.94
C GLU B 239 12.25 -26.99 -11.98
N GLY B 240 13.32 -27.76 -12.17
CA GLY B 240 14.66 -27.22 -12.16
C GLY B 240 15.00 -26.59 -10.81
N PRO B 241 15.35 -25.31 -10.83
CA PRO B 241 15.66 -24.61 -9.58
C PRO B 241 14.45 -24.09 -8.82
N THR B 242 13.24 -24.42 -9.25
CA THR B 242 12.02 -23.85 -8.68
C THR B 242 11.29 -24.89 -7.84
N HIS B 243 11.01 -24.54 -6.59
CA HIS B 243 10.11 -25.32 -5.73
C HIS B 243 8.71 -24.79 -5.93
N PHE B 244 7.83 -25.61 -6.50
CA PHE B 244 6.43 -25.24 -6.64
C PHE B 244 5.66 -25.69 -5.41
N ILE B 245 4.83 -24.81 -4.87
CA ILE B 245 4.00 -25.10 -3.70
C ILE B 245 2.58 -24.65 -3.99
N ALA B 246 1.63 -25.55 -3.80
CA ALA B 246 0.21 -25.23 -3.95
C ALA B 246 -0.47 -25.31 -2.58
N LEU B 247 -1.34 -24.35 -2.31
CA LEU B 247 -2.00 -24.23 -1.02
C LEU B 247 -3.51 -24.33 -1.18
N GLY B 248 -4.16 -24.74 -0.11
CA GLY B 248 -5.61 -24.95 -0.09
C GLY B 248 -6.39 -23.70 0.27
N LYS B 249 -7.55 -23.92 0.88
CA LYS B 249 -8.53 -22.88 1.15
C LYS B 249 -8.68 -22.66 2.65
N ILE B 250 -8.79 -21.39 3.06
CA ILE B 250 -8.91 -21.07 4.47
C ILE B 250 -10.15 -21.74 5.05
N GLY B 251 -9.99 -22.38 6.20
CA GLY B 251 -10.97 -23.28 6.77
C GLY B 251 -10.54 -24.72 6.74
N TYR B 252 -9.40 -25.02 6.14
CA TYR B 252 -8.86 -26.37 6.05
C TYR B 252 -7.37 -26.32 6.40
N LYS B 253 -6.82 -27.49 6.74
CA LYS B 253 -5.49 -27.51 7.33
C LYS B 253 -4.42 -27.12 6.31
N ASN B 254 -4.60 -27.50 5.05
N ASN B 254 -4.61 -27.46 5.05
CA ASN B 254 -3.62 -27.25 4.00
CA ASN B 254 -3.59 -27.22 4.04
C ASN B 254 -3.66 -25.82 3.46
C ASN B 254 -3.74 -25.84 3.42
N ALA B 255 -4.30 -24.90 4.18
CA ALA B 255 -4.47 -23.54 3.68
C ALA B 255 -3.25 -22.65 3.92
N ILE B 256 -2.54 -22.87 5.01
CA ILE B 256 -1.42 -22.01 5.40
C ILE B 256 -0.18 -22.87 5.57
N SER B 257 0.93 -22.43 4.96
CA SER B 257 2.24 -23.03 5.15
C SER B 257 3.22 -21.92 5.49
N TYR B 258 4.46 -22.30 5.80
CA TYR B 258 5.44 -21.33 6.27
C TYR B 258 6.78 -21.59 5.61
N LEU B 259 7.38 -20.54 5.06
CA LEU B 259 8.70 -20.61 4.45
C LEU B 259 9.74 -20.08 5.43
N ASP B 260 10.73 -20.90 5.73
CA ASP B 260 11.84 -20.51 6.61
C ASP B 260 13.01 -20.10 5.72
N LEU B 261 13.03 -18.82 5.36
CA LEU B 261 14.00 -18.27 4.43
C LEU B 261 15.07 -17.47 5.17
N PRO B 262 16.30 -17.45 4.65
CA PRO B 262 17.37 -16.71 5.33
C PRO B 262 17.09 -15.22 5.34
N LEU B 263 17.27 -14.60 6.51
CA LEU B 263 17.05 -13.17 6.69
C LEU B 263 18.41 -12.48 6.56
N LYS B 264 18.76 -12.13 5.33
CA LYS B 264 20.03 -11.45 5.07
C LYS B 264 19.99 -10.00 5.54
N GLN B 265 18.79 -9.41 5.60
CA GLN B 265 18.61 -8.00 5.93
C GLN B 265 17.13 -7.73 6.09
N LYS B 266 16.77 -6.92 7.08
CA LYS B 266 15.37 -6.61 7.37
C LYS B 266 15.05 -5.22 6.82
N THR B 267 14.20 -5.18 5.79
CA THR B 267 13.85 -3.94 5.11
C THR B 267 12.34 -3.82 4.97
N ASP B 268 11.87 -2.57 4.92
CA ASP B 268 10.46 -2.30 4.69
C ASP B 268 10.07 -2.69 3.27
N LEU B 269 8.75 -2.81 3.07
CA LEU B 269 8.22 -3.11 1.74
C LEU B 269 8.57 -2.00 0.76
N GLU B 270 9.16 -2.38 -0.38
CA GLU B 270 9.63 -1.42 -1.36
C GLU B 270 9.28 -1.88 -2.76
N TYR B 271 9.18 -0.92 -3.68
CA TYR B 271 9.04 -1.23 -5.09
C TYR B 271 10.35 -1.79 -5.63
N ASP B 272 10.26 -2.78 -6.50
CA ASP B 272 11.45 -3.34 -7.13
C ASP B 272 11.95 -2.39 -8.23
N LYS B 273 13.25 -2.11 -8.20
CA LYS B 273 13.80 -1.11 -9.12
C LYS B 273 13.67 -1.55 -10.57
N ASP B 274 13.87 -2.84 -10.84
CA ASP B 274 13.71 -3.33 -12.20
C ASP B 274 12.27 -3.22 -12.67
N TRP B 275 11.32 -3.60 -11.80
CA TRP B 275 9.92 -3.50 -12.18
C TRP B 275 9.50 -2.06 -12.43
N VAL B 276 9.96 -1.14 -11.57
CA VAL B 276 9.66 0.28 -11.76
C VAL B 276 10.12 0.75 -13.13
N CYS B 277 11.31 0.29 -13.55
CA CYS B 277 11.81 0.67 -14.88
C CYS B 277 10.92 0.09 -15.98
N ASN B 278 10.47 -1.15 -15.81
CA ASN B 278 9.54 -1.73 -16.78
C ASN B 278 8.24 -0.96 -16.82
N LEU B 279 7.77 -0.50 -15.66
CA LEU B 279 6.50 0.21 -15.59
C LEU B 279 6.58 1.55 -16.32
N ILE B 280 7.68 2.28 -16.15
CA ILE B 280 7.83 3.58 -16.78
C ILE B 280 8.01 3.42 -18.29
N MET B 281 8.89 2.51 -18.70
CA MET B 281 9.24 2.38 -20.10
C MET B 281 8.11 1.84 -20.96
N THR B 282 7.06 1.27 -20.36
CA THR B 282 5.90 0.79 -21.11
C THR B 282 4.73 1.76 -21.06
N TRP B 283 4.91 2.96 -20.50
CA TRP B 283 3.82 3.92 -20.41
C TRP B 283 3.13 4.23 -21.74
N PRO B 284 3.83 4.35 -22.88
CA PRO B 284 3.10 4.59 -24.15
C PRO B 284 2.01 3.58 -24.43
N ALA B 285 2.17 2.33 -23.99
CA ALA B 285 1.11 1.35 -24.19
C ALA B 285 -0.06 1.53 -23.23
N PHE B 286 0.13 2.27 -22.14
CA PHE B 286 -0.90 2.47 -21.12
C PHE B 286 -1.37 3.90 -21.05
N SER B 287 -1.03 4.73 -22.03
CA SER B 287 -1.32 6.17 -21.95
C SER B 287 -2.81 6.49 -22.08
N ASN B 288 -3.59 5.58 -22.65
CA ASN B 288 -5.03 5.79 -22.80
C ASN B 288 -5.73 5.19 -21.57
N LYS B 289 -6.24 6.06 -20.70
CA LYS B 289 -6.87 5.60 -19.47
C LYS B 289 -8.16 4.84 -19.72
N ALA B 290 -8.76 5.00 -20.90
CA ALA B 290 -10.01 4.31 -21.20
C ALA B 290 -9.82 2.88 -21.67
N GLN B 291 -8.66 2.56 -22.25
CA GLN B 291 -8.41 1.22 -22.77
C GLN B 291 -6.91 0.96 -22.77
N PHE B 292 -6.48 -0.05 -22.02
CA PHE B 292 -5.06 -0.38 -21.90
C PHE B 292 -4.89 -1.86 -21.61
N PRO B 293 -3.77 -2.46 -22.08
CA PRO B 293 -2.74 -1.79 -22.86
C PRO B 293 -3.08 -1.69 -24.35
N ASP B 294 -2.53 -0.69 -25.01
CA ASP B 294 -2.68 -0.52 -26.46
C ASP B 294 -1.62 -1.40 -27.13
N LEU B 295 -2.01 -2.60 -27.53
CA LEU B 295 -1.05 -3.58 -28.02
C LEU B 295 -0.64 -3.34 -29.47
N SER B 296 -0.99 -2.19 -30.06
CA SER B 296 -0.31 -1.78 -31.28
C SER B 296 1.16 -1.53 -31.00
N TYR B 297 1.50 -1.22 -29.75
CA TYR B 297 2.87 -1.26 -29.29
C TYR B 297 3.30 -2.69 -28.98
N SER B 298 4.56 -2.99 -29.24
CA SER B 298 5.19 -4.20 -28.75
C SER B 298 5.80 -3.90 -27.39
N ILE B 299 5.29 -4.57 -26.35
CA ILE B 299 5.83 -4.37 -25.01
C ILE B 299 7.32 -4.71 -24.98
N SER B 300 7.71 -5.77 -25.69
CA SER B 300 9.11 -6.16 -25.76
C SER B 300 9.95 -5.05 -26.38
N GLU B 301 9.46 -4.43 -27.45
CA GLU B 301 10.20 -3.36 -28.09
C GLU B 301 10.39 -2.16 -27.16
N LEU B 302 9.34 -1.83 -26.40
CA LEU B 302 9.46 -0.77 -25.41
C LEU B 302 10.50 -1.10 -24.35
N LEU B 303 10.51 -2.36 -23.88
CA LEU B 303 11.42 -2.73 -22.81
C LEU B 303 12.86 -2.85 -23.29
N SER B 304 13.07 -3.17 -24.57
CA SER B 304 14.43 -3.26 -25.09
C SER B 304 15.13 -1.91 -25.12
N LYS B 305 14.40 -0.81 -24.94
CA LYS B 305 14.99 0.52 -24.88
C LYS B 305 15.64 0.82 -23.54
N ARG B 306 15.56 -0.09 -22.56
CA ARG B 306 16.13 0.16 -21.24
C ARG B 306 17.65 0.20 -21.31
N THR B 307 18.24 1.16 -20.60
CA THR B 307 19.68 1.26 -20.42
C THR B 307 19.97 1.55 -18.95
N LYS B 308 21.22 1.30 -18.56
CA LYS B 308 21.61 1.57 -17.18
C LYS B 308 21.53 3.07 -16.86
N GLU B 309 21.83 3.92 -17.85
CA GLU B 309 21.72 5.36 -17.65
C GLU B 309 20.27 5.78 -17.45
N LEU B 310 19.37 5.28 -18.30
CA LEU B 310 17.95 5.60 -18.14
C LEU B 310 17.40 5.05 -16.83
N ASP B 311 17.75 3.80 -16.50
CA ASP B 311 17.27 3.19 -15.26
C ASP B 311 17.65 4.05 -14.05
N LYS B 312 18.86 4.61 -14.04
CA LYS B 312 19.27 5.46 -12.95
C LYS B 312 18.40 6.72 -12.87
N LYS B 313 18.05 7.28 -14.03
CA LYS B 313 17.18 8.45 -14.05
C LYS B 313 15.77 8.10 -13.61
N ILE B 314 15.29 6.91 -13.98
CA ILE B 314 13.95 6.49 -13.58
C ILE B 314 13.86 6.34 -12.06
N ILE B 315 14.82 5.62 -11.47
CA ILE B 315 14.79 5.37 -10.04
C ILE B 315 14.86 6.67 -9.25
N GLU B 316 15.67 7.63 -9.72
CA GLU B 316 15.79 8.91 -9.03
C GLU B 316 14.47 9.67 -9.04
N LEU B 317 13.83 9.74 -10.21
CA LEU B 317 12.56 10.45 -10.30
C LEU B 317 11.45 9.73 -9.55
N TRP B 318 11.46 8.39 -9.58
CA TRP B 318 10.47 7.65 -8.81
C TRP B 318 10.63 7.90 -7.32
N GLU B 319 11.88 7.92 -6.83
CA GLU B 319 12.13 8.22 -5.43
C GLU B 319 11.65 9.63 -5.07
N LYS B 320 11.68 10.55 -6.03
CA LYS B 320 11.27 11.93 -5.76
C LYS B 320 9.75 12.05 -5.70
N TYR B 321 9.04 11.50 -6.68
CA TYR B 321 7.60 11.70 -6.79
C TYR B 321 6.79 10.69 -6.00
N ILE B 322 7.25 9.45 -5.89
CA ILE B 322 6.51 8.38 -5.23
C ILE B 322 7.25 7.84 -4.02
N GLY B 323 8.56 7.64 -4.13
CA GLY B 323 9.33 7.03 -3.06
C GLY B 323 9.47 5.54 -3.28
N LEU B 324 10.64 4.99 -2.90
CA LEU B 324 10.86 3.56 -3.07
C LEU B 324 10.04 2.76 -2.06
N LYS B 325 9.75 3.35 -0.90
CA LYS B 325 8.93 2.67 0.09
C LYS B 325 7.48 2.65 -0.34
N ILE B 326 6.82 1.51 -0.14
CA ILE B 326 5.38 1.39 -0.39
C ILE B 326 4.67 1.80 0.89
N ILE B 327 4.04 2.97 0.87
CA ILE B 327 3.42 3.54 2.06
C ILE B 327 1.91 3.47 1.94
N TYR B 328 1.24 3.52 3.08
CA TYR B 328 -0.21 3.42 3.09
C TYR B 328 -0.84 4.71 2.56
N ASP B 329 -1.82 4.56 1.69
CA ASP B 329 -2.57 5.66 1.12
C ASP B 329 -4.06 5.35 1.29
N SER B 330 -4.80 6.27 1.89
CA SER B 330 -6.21 6.05 2.17
C SER B 330 -7.14 6.81 1.23
N ASP B 331 -6.61 7.38 0.15
CA ASP B 331 -7.47 7.95 -0.87
C ASP B 331 -8.32 6.86 -1.51
N THR B 332 -9.49 7.26 -2.02
CA THR B 332 -10.33 6.30 -2.73
C THR B 332 -9.58 5.76 -3.94
N PHE B 333 -9.96 4.55 -4.36
CA PHE B 333 -9.15 3.81 -5.33
C PHE B 333 -9.19 4.45 -6.71
N ASP B 334 -10.26 5.17 -7.05
CA ASP B 334 -10.28 5.90 -8.31
C ASP B 334 -9.33 7.08 -8.28
N ILE B 335 -9.08 7.65 -7.09
CA ILE B 335 -8.08 8.72 -6.96
C ILE B 335 -6.68 8.15 -7.07
N GLN B 336 -6.44 6.99 -6.44
CA GLN B 336 -5.12 6.36 -6.54
C GLN B 336 -4.81 5.92 -7.96
N PHE B 337 -5.83 5.48 -8.71
CA PHE B 337 -5.65 5.16 -10.12
C PHE B 337 -5.10 6.37 -10.88
N THR B 338 -5.75 7.53 -10.71
CA THR B 338 -5.32 8.72 -11.44
C THR B 338 -3.97 9.23 -10.94
N SER B 339 -3.74 9.15 -9.63
CA SER B 339 -2.51 9.67 -9.06
C SER B 339 -1.29 8.89 -9.56
N ARG B 340 -1.34 7.56 -9.47
CA ARG B 340 -0.18 6.75 -9.84
C ARG B 340 0.13 6.89 -11.33
N ARG B 341 -0.90 6.85 -12.18
CA ARG B 341 -0.68 7.04 -13.61
C ARG B 341 -0.16 8.44 -13.92
N PHE B 342 -0.50 9.43 -13.09
CA PHE B 342 -0.02 10.78 -13.33
C PHE B 342 1.50 10.86 -13.18
N TYR B 343 2.05 10.15 -12.18
CA TYR B 343 3.48 10.22 -11.96
C TYR B 343 4.25 9.28 -12.86
N ILE B 344 3.63 8.19 -13.32
CA ILE B 344 4.27 7.33 -14.32
C ILE B 344 4.47 8.10 -15.62
N GLU B 345 3.41 8.79 -16.07
CA GLU B 345 3.53 9.63 -17.26
C GLU B 345 4.54 10.75 -17.05
N LYS B 346 4.54 11.35 -15.85
CA LYS B 346 5.46 12.45 -15.58
C LYS B 346 6.91 11.99 -15.60
N ILE B 347 7.19 10.81 -15.03
CA ILE B 347 8.54 10.28 -15.07
C ILE B 347 8.95 9.95 -16.50
N TYR B 348 8.05 9.34 -17.27
CA TYR B 348 8.37 8.97 -18.64
C TYR B 348 8.67 10.21 -19.48
N ASN B 349 7.83 11.24 -19.36
CA ASN B 349 8.02 12.43 -20.18
C ASN B 349 9.30 13.17 -19.84
N GLU B 350 9.78 13.08 -18.59
CA GLU B 350 11.02 13.72 -18.21
C GLU B 350 12.25 12.97 -18.69
N LEU B 351 12.09 11.75 -19.20
CA LEU B 351 13.21 11.04 -19.81
C LEU B 351 13.56 11.61 -21.18
N ASN B 352 12.62 12.30 -21.82
CA ASN B 352 12.83 12.94 -23.12
C ASN B 352 13.20 11.91 -24.19
N ILE B 353 12.30 10.96 -24.40
CA ILE B 353 12.49 9.93 -25.41
C ILE B 353 11.23 9.78 -26.25
N GLN C 5 38.59 -35.63 -24.70
CA GLN C 5 38.32 -35.45 -26.13
C GLN C 5 37.80 -34.04 -26.39
N ILE C 6 38.45 -33.34 -27.31
CA ILE C 6 38.22 -31.92 -27.53
C ILE C 6 37.98 -31.68 -29.02
N GLN C 7 37.03 -30.80 -29.33
CA GLN C 7 36.81 -30.31 -30.68
C GLN C 7 37.40 -28.91 -30.83
N HIS C 8 38.09 -28.68 -31.93
CA HIS C 8 38.73 -27.39 -32.21
C HIS C 8 37.87 -26.66 -33.23
N ILE C 9 37.27 -25.55 -32.82
CA ILE C 9 36.36 -24.78 -33.65
C ILE C 9 37.04 -23.48 -34.05
N ALA C 10 37.09 -23.23 -35.35
CA ALA C 10 37.65 -21.98 -35.88
C ALA C 10 36.56 -20.92 -35.92
N ILE C 11 36.85 -19.76 -35.35
CA ILE C 11 35.93 -18.63 -35.34
C ILE C 11 36.56 -17.49 -36.12
N VAL C 12 35.81 -16.95 -37.07
CA VAL C 12 36.33 -15.98 -38.03
C VAL C 12 35.51 -14.69 -37.91
N GLY C 13 36.20 -13.56 -38.02
CA GLY C 13 35.53 -12.27 -38.09
C GLY C 13 35.05 -11.98 -39.50
N CYS C 14 35.31 -10.77 -40.00
CA CYS C 14 34.85 -10.39 -41.33
C CYS C 14 35.64 -11.11 -42.41
N VAL C 15 34.96 -11.64 -43.41
CA VAL C 15 35.59 -12.27 -44.56
C VAL C 15 35.74 -11.28 -45.72
N HIS C 16 34.65 -10.56 -46.02
CA HIS C 16 34.62 -9.58 -47.10
C HIS C 16 35.05 -10.20 -48.43
N GLY C 17 34.63 -11.44 -48.66
CA GLY C 17 34.86 -12.08 -49.94
C GLY C 17 36.24 -12.67 -50.14
N LYS C 18 37.03 -12.81 -49.08
CA LYS C 18 38.37 -13.40 -49.18
C LYS C 18 38.33 -14.85 -48.70
N TYR C 19 37.55 -15.68 -49.41
CA TYR C 19 37.34 -17.05 -48.97
C TYR C 19 38.60 -17.89 -49.16
N ARG C 20 39.28 -17.74 -50.29
CA ARG C 20 40.46 -18.56 -50.54
C ARG C 20 41.56 -18.26 -49.53
N GLU C 21 41.71 -16.99 -49.14
CA GLU C 21 42.70 -16.65 -48.12
CA GLU C 21 42.69 -16.64 -48.12
C GLU C 21 42.29 -17.20 -46.76
N MET C 22 41.00 -17.18 -46.45
CA MET C 22 40.53 -17.72 -45.17
C MET C 22 40.82 -19.21 -45.06
N TYR C 23 40.42 -19.98 -46.07
CA TYR C 23 40.65 -21.42 -46.04
C TYR C 23 42.12 -21.77 -46.13
N ARG C 24 42.91 -20.90 -46.77
CA ARG C 24 44.36 -21.08 -46.77
C ARG C 24 44.93 -20.99 -45.36
N GLN C 25 44.44 -20.03 -44.57
CA GLN C 25 44.90 -19.90 -43.19
C GLN C 25 44.44 -21.06 -42.33
N LEU C 26 43.17 -21.48 -42.50
CA LEU C 26 42.66 -22.60 -41.74
C LEU C 26 43.43 -23.88 -42.03
N SER C 27 43.75 -24.11 -43.31
CA SER C 27 44.56 -25.28 -43.67
C SER C 27 45.96 -25.19 -43.08
N GLU C 28 46.56 -24.00 -43.11
CA GLU C 28 47.88 -23.82 -42.52
C GLU C 28 47.86 -24.08 -41.02
N TYR C 29 46.77 -23.71 -40.34
CA TYR C 29 46.63 -24.02 -38.92
C TYR C 29 46.65 -25.52 -38.67
N GLU C 30 45.93 -26.29 -39.50
CA GLU C 30 45.88 -27.73 -39.31
C GLU C 30 47.23 -28.38 -39.56
N LYS C 31 47.95 -27.92 -40.58
CA LYS C 31 49.24 -28.52 -40.88
C LYS C 31 50.29 -28.14 -39.83
N SER C 32 50.19 -26.95 -39.25
CA SER C 32 51.21 -26.50 -38.31
C SER C 32 51.02 -27.06 -36.90
N THR C 33 49.78 -27.22 -36.46
CA THR C 33 49.49 -27.70 -35.11
C THR C 33 49.22 -29.19 -35.02
N GLY C 34 48.92 -29.84 -36.14
CA GLY C 34 48.47 -31.21 -36.12
C GLY C 34 47.04 -31.39 -35.63
N LYS C 35 46.35 -30.30 -35.29
CA LYS C 35 44.97 -30.38 -34.84
C LYS C 35 44.02 -30.42 -36.02
N GLU C 36 42.79 -30.85 -35.75
CA GLU C 36 41.75 -30.96 -36.76
C GLU C 36 40.63 -29.97 -36.45
N ILE C 37 40.22 -29.22 -37.47
CA ILE C 37 39.10 -28.28 -37.33
C ILE C 37 37.80 -29.06 -37.52
N SER C 38 36.92 -28.99 -36.53
CA SER C 38 35.60 -29.63 -36.68
C SER C 38 34.75 -28.86 -37.67
N PHE C 39 34.59 -27.55 -37.46
CA PHE C 39 33.84 -26.69 -38.37
C PHE C 39 34.28 -25.26 -38.13
N VAL C 40 33.80 -24.36 -38.98
CA VAL C 40 34.19 -22.96 -38.97
C VAL C 40 32.95 -22.10 -38.73
N ILE C 41 33.10 -21.10 -37.88
CA ILE C 41 32.05 -20.13 -37.58
C ILE C 41 32.53 -18.75 -38.00
N CYS C 42 31.69 -18.04 -38.78
N CYS C 42 31.70 -18.05 -38.78
CA CYS C 42 32.01 -16.71 -39.28
CA CYS C 42 32.02 -16.71 -39.23
C CYS C 42 30.94 -15.73 -38.82
C CYS C 42 30.95 -15.73 -38.78
N THR C 43 31.37 -14.51 -38.47
CA THR C 43 30.50 -13.51 -37.86
C THR C 43 29.98 -12.46 -38.84
N GLY C 44 30.11 -12.69 -40.14
CA GLY C 44 29.38 -11.89 -41.11
C GLY C 44 30.27 -11.14 -42.08
N ASP C 45 29.63 -10.27 -42.86
CA ASP C 45 30.23 -9.61 -44.01
C ASP C 45 30.82 -10.64 -44.98
N MET C 46 29.92 -11.51 -45.45
CA MET C 46 30.34 -12.64 -46.28
C MET C 46 30.42 -12.29 -47.75
N GLN C 47 29.54 -11.40 -48.21
CA GLN C 47 29.49 -10.98 -49.61
C GLN C 47 29.32 -12.19 -50.53
N THR C 48 28.24 -12.94 -50.31
CA THR C 48 27.94 -14.14 -51.08
C THR C 48 27.26 -13.77 -52.40
N LEU C 49 28.00 -13.06 -53.24
CA LEU C 49 27.50 -12.64 -54.54
C LEU C 49 27.61 -13.80 -55.52
N ARG C 50 26.47 -14.27 -56.03
CA ARG C 50 26.49 -15.37 -57.00
C ARG C 50 27.04 -14.92 -58.33
N TYR C 51 26.59 -13.76 -58.83
CA TYR C 51 27.01 -13.25 -60.11
C TYR C 51 27.05 -11.73 -60.06
N GLU C 52 27.45 -11.13 -61.19
CA GLU C 52 27.67 -9.69 -61.23
C GLU C 52 26.41 -8.90 -60.88
N ALA C 53 25.24 -9.41 -61.26
CA ALA C 53 24.00 -8.69 -61.00
C ALA C 53 23.71 -8.54 -59.51
N ASP C 54 24.31 -9.40 -58.67
CA ASP C 54 24.13 -9.27 -57.24
C ASP C 54 24.89 -8.09 -56.64
N LEU C 55 25.81 -7.48 -57.39
CA LEU C 55 26.52 -6.31 -56.89
C LEU C 55 25.56 -5.19 -56.52
N VAL C 56 24.40 -5.14 -57.17
CA VAL C 56 23.39 -4.12 -56.87
C VAL C 56 22.98 -4.17 -55.40
N TYR C 57 22.99 -5.37 -54.80
CA TYR C 57 22.53 -5.55 -53.43
C TYR C 57 23.64 -5.50 -52.39
N LEU C 58 24.84 -5.05 -52.77
CA LEU C 58 25.98 -4.96 -51.86
C LEU C 58 26.14 -3.50 -51.44
N LYS C 59 25.74 -3.17 -50.22
CA LYS C 59 25.81 -1.81 -49.70
C LYS C 59 27.22 -1.54 -49.18
N VAL C 60 28.08 -1.04 -50.06
CA VAL C 60 29.46 -0.68 -49.71
C VAL C 60 29.83 0.57 -50.48
N PRO C 61 30.87 1.28 -50.04
CA PRO C 61 31.41 2.38 -50.85
C PRO C 61 31.89 1.87 -52.20
N PRO C 62 31.93 2.75 -53.22
CA PRO C 62 32.30 2.29 -54.57
C PRO C 62 33.60 1.50 -54.64
N LYS C 63 34.62 1.87 -53.87
CA LYS C 63 35.89 1.17 -53.93
C LYS C 63 35.80 -0.28 -53.49
N TYR C 64 34.70 -0.69 -52.85
CA TYR C 64 34.52 -2.06 -52.40
C TYR C 64 33.44 -2.80 -53.19
N LYS C 65 32.94 -2.21 -54.27
CA LYS C 65 31.99 -2.89 -55.16
C LYS C 65 32.76 -3.95 -55.95
N GLN C 66 33.07 -5.05 -55.26
CA GLN C 66 33.88 -6.11 -55.83
C GLN C 66 33.20 -7.45 -55.60
N MET C 67 33.46 -8.41 -56.50
CA MET C 67 32.79 -9.70 -56.42
C MET C 67 33.36 -10.56 -55.30
N GLY C 68 34.67 -10.60 -55.15
CA GLY C 68 35.29 -11.48 -54.18
C GLY C 68 35.40 -12.90 -54.71
N ASP C 69 35.65 -13.82 -53.78
CA ASP C 69 35.92 -15.22 -54.13
C ASP C 69 34.68 -16.10 -54.13
N PHE C 70 33.54 -15.62 -53.59
CA PHE C 70 32.41 -16.53 -53.35
C PHE C 70 31.92 -17.17 -54.63
N HIS C 71 31.88 -16.42 -55.73
CA HIS C 71 31.35 -16.97 -56.99
C HIS C 71 32.14 -18.21 -57.42
N LEU C 72 33.42 -18.29 -57.07
CA LEU C 72 34.20 -19.47 -57.41
C LEU C 72 33.68 -20.70 -56.67
N TYR C 73 33.24 -20.54 -55.43
CA TYR C 73 32.67 -21.66 -54.69
C TYR C 73 31.25 -21.96 -55.11
N TYR C 74 30.48 -20.91 -55.47
CA TYR C 74 29.13 -21.10 -55.96
C TYR C 74 29.10 -21.87 -57.28
N GLU C 75 30.13 -21.69 -58.11
N GLU C 75 30.13 -21.68 -58.12
CA GLU C 75 30.21 -22.35 -59.40
CA GLU C 75 30.20 -22.36 -59.40
C GLU C 75 30.94 -23.68 -59.36
C GLU C 75 30.75 -23.77 -59.29
N GLY C 76 31.41 -24.10 -58.18
CA GLY C 76 32.10 -25.37 -58.06
C GLY C 76 33.56 -25.35 -58.44
N LYS C 77 34.07 -24.22 -58.94
CA LYS C 77 35.48 -24.13 -59.27
C LYS C 77 36.35 -24.21 -58.02
N GLU C 78 35.83 -23.79 -56.87
CA GLU C 78 36.47 -23.97 -55.59
C GLU C 78 35.52 -24.73 -54.66
N LYS C 79 36.10 -25.47 -53.72
CA LYS C 79 35.34 -26.32 -52.80
C LYS C 79 35.80 -26.04 -51.39
N ALA C 80 34.87 -25.63 -50.54
CA ALA C 80 35.19 -25.29 -49.15
C ALA C 80 35.63 -26.54 -48.40
N PRO C 81 36.83 -26.54 -47.79
CA PRO C 81 37.31 -27.76 -47.12
C PRO C 81 36.72 -28.01 -45.75
N TYR C 82 36.00 -27.05 -45.17
CA TYR C 82 35.41 -27.20 -43.85
C TYR C 82 33.97 -26.73 -43.88
N LEU C 83 33.14 -27.37 -43.06
CA LEU C 83 31.77 -26.88 -42.87
C LEU C 83 31.80 -25.51 -42.23
N THR C 84 31.22 -24.52 -42.91
CA THR C 84 31.29 -23.14 -42.49
C THR C 84 29.89 -22.63 -42.21
N LEU C 85 29.63 -22.26 -40.95
CA LEU C 85 28.36 -21.67 -40.54
C LEU C 85 28.57 -20.17 -40.36
N PHE C 86 27.66 -19.37 -40.90
CA PHE C 86 27.84 -17.92 -40.85
C PHE C 86 26.49 -17.22 -40.70
N ILE C 87 26.57 -15.99 -40.21
CA ILE C 87 25.44 -15.07 -40.14
C ILE C 87 25.71 -13.94 -41.12
N GLY C 88 24.74 -13.03 -41.27
CA GLY C 88 24.91 -11.90 -42.14
C GLY C 88 25.39 -10.66 -41.40
N GLY C 89 26.11 -9.81 -42.13
CA GLY C 89 26.54 -8.53 -41.60
C GLY C 89 25.91 -7.38 -42.33
N ASN C 90 26.69 -6.33 -42.61
CA ASN C 90 26.18 -5.19 -43.35
C ASN C 90 26.66 -5.15 -44.80
N ALA C 91 27.75 -5.85 -45.12
CA ALA C 91 28.27 -5.95 -46.49
C ALA C 91 27.92 -7.34 -47.00
N GLU C 92 26.74 -7.48 -47.60
CA GLU C 92 26.22 -8.77 -48.00
C GLU C 92 25.54 -8.67 -49.35
N SER C 93 25.33 -9.84 -49.96
CA SER C 93 24.39 -9.98 -51.08
C SER C 93 23.00 -10.14 -50.47
N SER C 94 22.44 -9.00 -50.05
CA SER C 94 21.28 -9.01 -49.17
C SER C 94 20.07 -9.68 -49.83
N ASN C 95 19.99 -9.64 -51.15
CA ASN C 95 18.91 -10.37 -51.83
C ASN C 95 19.03 -11.87 -51.58
N VAL C 96 20.24 -12.40 -51.67
CA VAL C 96 20.46 -13.83 -51.42
C VAL C 96 20.07 -14.18 -50.00
N LEU C 97 20.44 -13.35 -49.02
CA LEU C 97 20.14 -13.65 -47.63
C LEU C 97 18.65 -13.53 -47.33
N LEU C 98 17.94 -12.67 -48.04
CA LEU C 98 16.49 -12.58 -47.83
C LEU C 98 15.79 -13.83 -48.36
N HIS C 99 16.23 -14.35 -49.50
CA HIS C 99 15.72 -15.63 -49.99
C HIS C 99 15.90 -16.72 -48.95
N LEU C 100 17.06 -16.74 -48.29
CA LEU C 100 17.39 -17.74 -47.29
C LEU C 100 17.21 -17.22 -45.86
N TYR C 101 16.16 -16.41 -45.62
CA TYR C 101 15.96 -15.88 -44.28
C TYR C 101 15.65 -16.97 -43.27
N ASN C 102 15.12 -18.11 -43.72
CA ASN C 102 14.98 -19.30 -42.88
C ASN C 102 16.24 -20.15 -42.85
N GLY C 103 17.37 -19.59 -43.26
CA GLY C 103 18.62 -20.34 -43.34
C GLY C 103 18.71 -21.16 -44.62
N GLY C 104 19.91 -21.64 -44.90
CA GLY C 104 20.14 -22.46 -46.06
C GLY C 104 21.57 -22.42 -46.51
N PHE C 105 21.95 -23.45 -47.27
CA PHE C 105 23.27 -23.50 -47.87
C PHE C 105 23.33 -22.57 -49.07
N VAL C 106 24.30 -21.66 -49.07
CA VAL C 106 24.54 -20.83 -50.24
C VAL C 106 25.38 -21.57 -51.27
N CYS C 107 26.19 -22.53 -50.81
CA CYS C 107 26.94 -23.44 -51.67
C CYS C 107 27.41 -24.58 -50.76
N PHE C 108 28.15 -25.51 -51.33
CA PHE C 108 28.61 -26.67 -50.58
C PHE C 108 29.43 -26.24 -49.37
N ASN C 109 29.08 -26.78 -48.20
CA ASN C 109 29.82 -26.61 -46.95
C ASN C 109 29.77 -25.18 -46.40
N MET C 110 28.83 -24.36 -46.87
CA MET C 110 28.63 -23.01 -46.35
C MET C 110 27.15 -22.83 -46.05
N TYR C 111 26.81 -22.74 -44.76
CA TYR C 111 25.42 -22.66 -44.33
C TYR C 111 25.14 -21.30 -43.69
N TYR C 112 24.16 -20.59 -44.24
CA TYR C 112 23.68 -19.34 -43.67
C TYR C 112 22.61 -19.64 -42.63
N LEU C 113 22.75 -19.04 -41.44
CA LEU C 113 21.84 -19.34 -40.35
C LEU C 113 20.52 -18.57 -40.42
N GLY C 114 20.34 -17.69 -41.40
CA GLY C 114 19.11 -16.96 -41.54
C GLY C 114 19.15 -15.59 -40.87
N VAL C 115 17.98 -14.95 -40.84
CA VAL C 115 17.83 -13.72 -40.07
C VAL C 115 18.24 -13.97 -38.63
N CYS C 116 17.82 -15.10 -38.08
CA CYS C 116 18.24 -15.61 -36.79
C CYS C 116 17.78 -17.05 -36.71
N SER C 117 18.52 -17.86 -35.97
CA SER C 117 18.14 -19.27 -35.74
C SER C 117 19.08 -19.86 -34.70
N CYS C 118 18.79 -21.10 -34.33
CA CYS C 118 19.66 -21.90 -33.47
C CYS C 118 19.86 -23.25 -34.12
N ILE C 119 21.11 -23.72 -34.14
CA ILE C 119 21.45 -24.99 -34.76
C ILE C 119 22.15 -25.87 -33.72
N ASN C 120 22.26 -27.15 -34.05
CA ASN C 120 22.95 -28.13 -33.22
C ASN C 120 24.09 -28.76 -34.02
N ILE C 121 25.23 -28.94 -33.36
CA ILE C 121 26.37 -29.64 -33.95
C ILE C 121 27.34 -30.05 -32.84
N ASN C 122 27.75 -31.32 -32.86
CA ASN C 122 28.71 -31.86 -31.89
C ASN C 122 28.29 -31.58 -30.45
N GLY C 123 26.99 -31.72 -30.18
CA GLY C 123 26.48 -31.47 -28.85
C GLY C 123 26.43 -30.02 -28.43
N LEU C 124 26.68 -29.08 -29.35
CA LEU C 124 26.64 -27.66 -29.06
C LEU C 124 25.40 -27.03 -29.66
N ARG C 125 24.90 -25.99 -28.99
CA ARG C 125 23.78 -25.20 -29.48
C ARG C 125 24.29 -23.81 -29.82
N ILE C 126 24.12 -23.40 -31.08
CA ILE C 126 24.70 -22.18 -31.61
C ILE C 126 23.59 -21.29 -32.13
N VAL C 127 23.55 -20.04 -31.67
CA VAL C 127 22.54 -19.07 -32.04
C VAL C 127 23.20 -17.97 -32.88
N GLY C 128 22.51 -17.52 -33.90
CA GLY C 128 23.01 -16.46 -34.76
C GLY C 128 22.02 -15.32 -34.88
N VAL C 129 22.55 -14.09 -34.93
CA VAL C 129 21.76 -12.88 -35.12
C VAL C 129 22.43 -12.08 -36.23
N SER C 130 21.74 -11.94 -37.35
CA SER C 130 22.32 -11.31 -38.53
C SER C 130 22.10 -9.80 -38.53
N GLY C 131 22.97 -9.10 -39.26
CA GLY C 131 22.81 -7.68 -39.51
C GLY C 131 23.45 -6.78 -38.46
N ILE C 132 23.31 -5.47 -38.69
CA ILE C 132 23.74 -4.45 -37.75
C ILE C 132 22.56 -3.56 -37.42
N TYR C 133 22.68 -2.83 -36.31
CA TYR C 133 21.56 -2.11 -35.72
C TYR C 133 21.46 -0.70 -36.28
N LYS C 134 20.25 -0.31 -36.67
CA LYS C 134 19.91 1.07 -37.00
C LYS C 134 18.51 1.34 -36.46
N SER C 135 18.37 2.37 -35.61
CA SER C 135 17.14 2.56 -34.86
C SER C 135 15.95 2.82 -35.79
N PHE C 136 16.17 3.52 -36.89
CA PHE C 136 15.07 3.91 -37.76
C PHE C 136 14.54 2.76 -38.61
N ASP C 137 15.19 1.59 -38.60
CA ASP C 137 14.72 0.44 -39.37
C ASP C 137 14.36 -0.77 -38.51
N GLU C 138 14.48 -0.69 -37.19
CA GLU C 138 14.29 -1.87 -36.36
C GLU C 138 12.84 -2.33 -36.30
N LYS C 139 11.88 -1.46 -36.62
CA LYS C 139 10.48 -1.83 -36.61
C LYS C 139 9.93 -2.03 -38.02
N LYS C 140 10.79 -2.04 -39.05
CA LYS C 140 10.35 -2.21 -40.42
C LYS C 140 10.25 -3.69 -40.78
N PRO C 141 9.23 -4.09 -41.53
CA PRO C 141 9.16 -5.48 -42.00
C PRO C 141 10.07 -5.69 -43.20
N TYR C 142 10.18 -6.95 -43.61
CA TYR C 142 10.84 -7.30 -44.85
C TYR C 142 9.82 -7.36 -45.98
N THR C 143 10.19 -6.89 -47.16
CA THR C 143 9.35 -6.96 -48.34
C THR C 143 9.97 -7.93 -49.33
N TYR C 144 9.16 -8.84 -49.85
CA TYR C 144 9.63 -9.88 -50.75
C TYR C 144 8.78 -9.86 -52.03
N PRO C 145 9.41 -10.09 -53.20
CA PRO C 145 10.83 -10.38 -53.45
C PRO C 145 11.74 -9.17 -53.19
N PRO C 146 13.04 -9.39 -53.06
CA PRO C 146 13.96 -8.27 -52.88
C PRO C 146 13.91 -7.29 -54.04
N SER C 147 14.10 -6.02 -53.72
CA SER C 147 14.10 -4.93 -54.68
C SER C 147 15.38 -4.13 -54.54
N PRO C 148 15.89 -3.57 -55.63
CA PRO C 148 17.10 -2.72 -55.53
C PRO C 148 16.93 -1.54 -54.60
N ASN C 149 15.71 -1.11 -54.32
CA ASN C 149 15.48 0.02 -53.41
C ASN C 149 15.63 -0.37 -51.94
N ASP C 150 15.88 -1.65 -51.64
CA ASP C 150 16.01 -2.12 -50.27
C ASP C 150 17.45 -2.39 -49.87
N VAL C 151 18.42 -2.01 -50.71
CA VAL C 151 19.81 -2.30 -50.40
CA VAL C 151 19.82 -2.30 -50.41
C VAL C 151 20.26 -1.61 -49.14
N VAL C 152 19.69 -0.44 -48.83
CA VAL C 152 20.10 0.31 -47.65
C VAL C 152 19.47 -0.22 -46.36
N SER C 153 18.41 -1.04 -46.46
CA SER C 153 17.64 -1.44 -45.29
C SER C 153 17.66 -2.93 -44.99
N LEU C 154 18.01 -3.78 -45.97
CA LEU C 154 17.85 -5.21 -45.80
C LEU C 154 18.72 -5.77 -44.68
N PHE C 155 19.91 -5.22 -44.48
CA PHE C 155 20.87 -5.78 -43.54
C PHE C 155 20.72 -5.21 -42.13
N HIS C 156 19.67 -4.45 -41.85
CA HIS C 156 19.48 -3.86 -40.54
C HIS C 156 18.70 -4.81 -39.64
N THR C 157 19.25 -5.08 -38.46
CA THR C 157 18.65 -6.06 -37.55
C THR C 157 17.29 -5.57 -37.06
N ARG C 158 16.29 -6.44 -37.16
CA ARG C 158 14.94 -6.11 -36.72
C ARG C 158 14.75 -6.44 -35.24
N ASN C 159 13.95 -5.61 -34.57
CA ASN C 159 13.73 -5.78 -33.14
C ASN C 159 13.06 -7.11 -32.81
N TYR C 160 12.25 -7.64 -33.73
CA TYR C 160 11.45 -8.82 -33.41
C TYR C 160 12.30 -10.06 -33.17
N VAL C 161 13.55 -10.08 -33.62
CA VAL C 161 14.39 -11.26 -33.41
C VAL C 161 14.62 -11.51 -31.92
N ILE C 162 14.48 -10.49 -31.09
CA ILE C 162 14.56 -10.68 -29.64
C ILE C 162 13.50 -11.68 -29.18
N GLN C 163 12.26 -11.47 -29.63
CA GLN C 163 11.19 -12.39 -29.25
C GLN C 163 11.38 -13.77 -29.86
N MET C 164 12.00 -13.86 -31.04
CA MET C 164 12.21 -15.14 -31.68
C MET C 164 13.25 -16.00 -30.96
N LEU C 165 14.16 -15.38 -30.20
CA LEU C 165 15.27 -16.11 -29.60
C LEU C 165 15.23 -16.18 -28.09
N SER C 166 14.35 -15.43 -27.42
CA SER C 166 14.51 -15.17 -25.99
C SER C 166 14.30 -16.42 -25.14
N ASN C 167 13.56 -17.41 -25.62
CA ASN C 167 13.28 -18.59 -24.80
C ASN C 167 14.25 -19.75 -25.06
N LEU C 168 15.26 -19.56 -25.91
CA LEU C 168 16.08 -20.67 -26.39
C LEU C 168 17.02 -21.24 -25.34
N SER C 169 17.23 -20.55 -24.21
CA SER C 169 18.10 -21.05 -23.16
C SER C 169 17.33 -21.64 -21.98
N GLN C 170 16.04 -21.96 -22.18
CA GLN C 170 15.23 -22.46 -21.07
C GLN C 170 15.39 -23.96 -20.86
N SER C 171 15.62 -24.73 -21.94
CA SER C 171 15.85 -26.17 -21.77
C SER C 171 17.31 -26.45 -21.46
N SER C 172 18.23 -25.69 -22.06
CA SER C 172 19.65 -25.78 -21.77
C SER C 172 20.29 -24.49 -22.25
N GLN C 173 21.44 -24.16 -21.68
CA GLN C 173 22.07 -22.89 -22.00
C GLN C 173 22.76 -22.95 -23.36
N ILE C 174 22.77 -21.81 -24.04
CA ILE C 174 23.40 -21.71 -25.35
C ILE C 174 24.91 -21.74 -25.19
N ASP C 175 25.58 -22.53 -26.03
CA ASP C 175 27.04 -22.58 -25.97
C ASP C 175 27.66 -21.36 -26.65
N ILE C 176 27.23 -21.07 -27.87
CA ILE C 176 27.84 -20.04 -28.70
C ILE C 176 26.73 -19.20 -29.32
N SER C 177 26.87 -17.88 -29.23
CA SER C 177 25.98 -16.95 -29.92
C SER C 177 26.82 -16.05 -30.83
N LEU C 178 26.19 -15.60 -31.93
CA LEU C 178 26.89 -14.86 -32.97
C LEU C 178 26.13 -13.60 -33.32
N SER C 179 26.87 -12.50 -33.47
CA SER C 179 26.35 -11.25 -34.01
C SER C 179 27.44 -10.62 -34.85
N HIS C 180 27.04 -9.74 -35.77
CA HIS C 180 28.06 -9.02 -36.53
C HIS C 180 28.61 -7.85 -35.71
N ASP C 181 27.76 -6.89 -35.39
CA ASP C 181 28.18 -5.80 -34.53
C ASP C 181 28.12 -6.23 -33.07
N TRP C 182 28.90 -5.55 -32.23
CA TRP C 182 29.06 -5.96 -30.85
C TRP C 182 27.77 -5.74 -30.06
N PRO C 183 27.54 -6.54 -29.02
CA PRO C 183 26.48 -6.22 -28.06
C PRO C 183 26.76 -4.89 -27.39
N GLN C 184 25.74 -4.03 -27.35
CA GLN C 184 25.93 -2.67 -26.85
C GLN C 184 26.39 -2.68 -25.40
N GLY C 185 27.44 -1.92 -25.12
CA GLY C 185 27.98 -1.82 -23.78
C GLY C 185 29.06 -2.81 -23.42
N ILE C 186 29.27 -3.84 -24.25
CA ILE C 186 30.26 -4.86 -23.93
C ILE C 186 31.67 -4.31 -23.97
N VAL C 187 31.89 -3.18 -24.63
CA VAL C 187 33.21 -2.58 -24.69
C VAL C 187 33.72 -2.23 -23.29
N MET C 188 32.81 -1.88 -22.38
CA MET C 188 33.21 -1.47 -21.03
C MET C 188 33.55 -2.66 -20.13
N LYS C 189 33.26 -3.89 -20.55
CA LYS C 189 33.48 -5.06 -19.72
C LYS C 189 34.80 -5.75 -20.03
N GLY C 190 35.67 -5.11 -20.80
CA GLY C 190 37.01 -5.63 -21.05
C GLY C 190 38.07 -4.59 -20.77
N ASN C 191 39.25 -4.74 -21.36
CA ASN C 191 40.32 -3.77 -21.19
C ASN C 191 40.16 -2.65 -22.23
N TYR C 192 39.15 -1.81 -21.98
CA TYR C 192 38.81 -0.77 -22.95
C TYR C 192 39.90 0.29 -23.06
N LYS C 193 40.67 0.50 -22.00
CA LYS C 193 41.77 1.47 -22.07
C LYS C 193 42.80 1.05 -23.12
N GLN C 194 43.13 -0.24 -23.16
CA GLN C 194 44.03 -0.74 -24.20
C GLN C 194 43.36 -0.69 -25.56
N LEU C 195 42.06 -0.98 -25.61
CA LEU C 195 41.33 -0.91 -26.88
C LEU C 195 41.31 0.52 -27.41
N TYR C 196 41.10 1.50 -26.54
CA TYR C 196 41.08 2.89 -26.97
C TYR C 196 42.46 3.36 -27.44
N ARG C 197 43.52 2.83 -26.84
CA ARG C 197 44.87 3.15 -27.31
C ARG C 197 45.08 2.65 -28.73
N PHE C 198 44.60 1.45 -29.04
CA PHE C 198 44.74 0.89 -30.38
C PHE C 198 43.64 1.33 -31.33
N GLN C 199 42.48 1.73 -30.82
CA GLN C 199 41.35 2.17 -31.64
C GLN C 199 40.79 3.44 -31.01
N PRO C 200 41.43 4.59 -31.24
CA PRO C 200 40.95 5.84 -30.61
C PRO C 200 39.57 6.25 -31.07
N GLY C 201 39.14 5.82 -32.25
CA GLY C 201 37.81 6.20 -32.73
C GLY C 201 36.69 5.58 -31.93
N PHE C 202 36.96 4.45 -31.27
CA PHE C 202 35.90 3.77 -30.53
C PHE C 202 35.54 4.53 -29.25
N LYS C 203 36.50 5.25 -28.66
CA LYS C 203 36.23 5.98 -27.43
C LYS C 203 35.19 7.07 -27.64
N LYS C 204 35.08 7.60 -28.86
CA LYS C 204 34.13 8.66 -29.15
C LYS C 204 32.69 8.22 -28.86
N ASP C 205 32.38 6.96 -29.13
CA ASP C 205 31.02 6.46 -28.91
C ASP C 205 30.78 5.98 -27.49
N GLY C 206 31.83 5.68 -26.73
CA GLY C 206 31.67 5.31 -25.33
C GLY C 206 30.94 4.00 -25.15
N ALA C 207 30.17 3.92 -24.06
CA ALA C 207 29.45 2.71 -23.73
C ALA C 207 28.28 2.43 -24.66
N SER C 208 27.83 3.44 -25.41
CA SER C 208 26.74 3.26 -26.37
C SER C 208 27.18 2.53 -27.64
N LEU C 209 28.45 2.18 -27.74
CA LEU C 209 28.95 1.45 -28.91
C LEU C 209 28.36 0.04 -28.95
N GLY C 210 27.75 -0.31 -30.07
CA GLY C 210 27.22 -1.64 -30.28
C GLY C 210 25.71 -1.63 -30.50
N SER C 211 25.17 -2.84 -30.61
CA SER C 211 23.76 -3.03 -30.92
C SER C 211 22.97 -3.25 -29.65
N PRO C 212 21.96 -2.42 -29.35
CA PRO C 212 21.09 -2.72 -28.20
C PRO C 212 20.26 -3.98 -28.37
N ILE C 213 19.98 -4.38 -29.61
CA ILE C 213 19.30 -5.65 -29.83
C ILE C 213 20.17 -6.81 -29.36
N ASN C 214 21.44 -6.81 -29.77
CA ASN C 214 22.36 -7.87 -29.34
C ASN C 214 22.61 -7.83 -27.84
N LYS C 215 22.55 -6.64 -27.23
CA LYS C 215 22.70 -6.54 -25.79
C LYS C 215 21.56 -7.24 -25.06
N VAL C 216 20.32 -7.03 -25.52
CA VAL C 216 19.17 -7.68 -24.88
C VAL C 216 19.25 -9.18 -25.04
N ILE C 217 19.66 -9.66 -26.22
CA ILE C 217 19.74 -11.10 -26.45
C ILE C 217 20.83 -11.71 -25.58
N LEU C 218 21.97 -11.03 -25.44
CA LEU C 218 23.04 -11.53 -24.58
C LEU C 218 22.61 -11.60 -23.12
N ASN C 219 21.92 -10.56 -22.64
CA ASN C 219 21.44 -10.58 -21.27
C ASN C 219 20.35 -11.61 -21.04
N THR C 220 19.64 -12.02 -22.08
CA THR C 220 18.56 -12.99 -21.96
C THR C 220 19.07 -14.42 -22.09
N LEU C 221 19.91 -14.69 -23.10
CA LEU C 221 20.39 -16.04 -23.32
C LEU C 221 21.54 -16.41 -22.40
N LYS C 222 22.37 -15.43 -22.04
CA LYS C 222 23.57 -15.63 -21.23
C LYS C 222 24.39 -16.84 -21.72
N PRO C 223 24.81 -16.85 -22.97
CA PRO C 223 25.52 -18.02 -23.50
C PRO C 223 26.94 -18.11 -22.95
N LYS C 224 27.57 -19.26 -23.20
CA LYS C 224 28.95 -19.44 -22.75
C LYS C 224 29.89 -18.50 -23.50
N TYR C 225 29.69 -18.35 -24.80
CA TYR C 225 30.49 -17.47 -25.63
C TYR C 225 29.59 -16.61 -26.50
N TRP C 226 29.95 -15.33 -26.63
CA TRP C 226 29.36 -14.45 -27.63
C TRP C 226 30.48 -13.96 -28.54
N ILE C 227 30.33 -14.20 -29.84
CA ILE C 227 31.37 -13.89 -30.81
C ILE C 227 30.81 -12.87 -31.79
N SER C 228 31.60 -11.82 -32.06
CA SER C 228 31.18 -10.75 -32.94
C SER C 228 32.34 -10.32 -33.82
N GLY C 229 32.02 -9.52 -34.84
CA GLY C 229 33.04 -8.95 -35.71
C GLY C 229 32.81 -7.47 -35.96
N HIS C 230 32.72 -7.09 -37.24
CA HIS C 230 32.34 -5.75 -37.68
C HIS C 230 33.40 -4.69 -37.40
N MET C 231 34.00 -4.70 -36.20
CA MET C 231 34.87 -3.61 -35.78
C MET C 231 36.31 -3.75 -36.27
N HIS C 232 36.66 -4.86 -36.90
CA HIS C 232 37.98 -5.05 -37.53
C HIS C 232 39.11 -4.99 -36.50
N CYS C 233 38.88 -5.57 -35.32
CA CYS C 233 39.92 -5.65 -34.32
C CYS C 233 39.60 -6.81 -33.37
N GLU C 234 40.61 -7.22 -32.61
CA GLU C 234 40.43 -8.25 -31.60
C GLU C 234 40.07 -7.63 -30.26
N TYR C 235 39.24 -8.34 -29.51
CA TYR C 235 38.82 -7.86 -28.19
C TYR C 235 38.21 -9.02 -27.43
N HIS C 236 38.39 -9.01 -26.11
N HIS C 236 38.41 -9.00 -26.11
CA HIS C 236 37.77 -10.01 -25.26
CA HIS C 236 37.83 -9.98 -25.21
C HIS C 236 37.24 -9.34 -23.99
C HIS C 236 37.17 -9.24 -24.04
N ALA C 237 36.10 -9.82 -23.53
CA ALA C 237 35.42 -9.24 -22.38
C ALA C 237 34.59 -10.31 -21.70
N GLU C 238 34.18 -10.03 -20.47
CA GLU C 238 33.37 -10.95 -19.67
C GLU C 238 32.12 -10.21 -19.21
N GLU C 239 30.96 -10.80 -19.48
CA GLU C 239 29.66 -10.28 -19.05
C GLU C 239 28.94 -11.42 -18.34
N GLY C 240 29.07 -11.47 -17.02
CA GLY C 240 28.54 -12.57 -16.25
C GLY C 240 29.22 -13.88 -16.64
N PRO C 241 28.42 -14.89 -16.96
CA PRO C 241 28.98 -16.18 -17.40
C PRO C 241 29.38 -16.21 -18.87
N THR C 242 29.29 -15.10 -19.59
CA THR C 242 29.52 -15.07 -21.03
C THR C 242 30.90 -14.54 -21.34
N HIS C 243 31.66 -15.31 -22.11
CA HIS C 243 32.93 -14.85 -22.67
C HIS C 243 32.64 -14.17 -24.01
N PHE C 244 32.93 -12.88 -24.11
CA PHE C 244 32.80 -12.15 -25.36
C PHE C 244 34.12 -12.16 -26.11
N ILE C 245 34.05 -12.44 -27.42
CA ILE C 245 35.22 -12.50 -28.27
C ILE C 245 34.92 -11.74 -29.55
N ALA C 246 35.68 -10.68 -29.82
CA ALA C 246 35.57 -9.91 -31.05
C ALA C 246 36.74 -10.24 -31.97
N LEU C 247 36.46 -10.37 -33.27
CA LEU C 247 37.43 -10.85 -34.23
C LEU C 247 37.62 -9.81 -35.34
N GLY C 248 38.82 -9.82 -35.92
CA GLY C 248 39.20 -8.87 -36.95
C GLY C 248 38.76 -9.28 -38.34
N LYS C 249 39.47 -8.73 -39.32
CA LYS C 249 39.09 -8.80 -40.73
C LYS C 249 40.09 -9.69 -41.47
N ILE C 250 39.56 -10.61 -42.29
CA ILE C 250 40.40 -11.57 -42.99
C ILE C 250 41.44 -10.83 -43.84
N GLY C 251 42.69 -11.27 -43.74
CA GLY C 251 43.80 -10.54 -44.30
C GLY C 251 44.62 -9.78 -43.27
N TYR C 252 44.23 -9.85 -42.01
CA TYR C 252 44.92 -9.16 -40.93
C TYR C 252 45.23 -10.15 -39.81
N LYS C 253 45.89 -9.66 -38.77
CA LYS C 253 46.51 -10.55 -37.79
C LYS C 253 45.47 -11.28 -36.96
N ASN C 254 44.40 -10.60 -36.55
CA ASN C 254 43.49 -11.18 -35.56
C ASN C 254 42.11 -11.46 -36.14
N ALA C 255 42.05 -12.08 -37.32
CA ALA C 255 40.77 -12.40 -37.93
C ALA C 255 40.26 -13.78 -37.54
N ILE C 256 41.15 -14.71 -37.21
CA ILE C 256 40.79 -16.09 -36.92
C ILE C 256 41.34 -16.46 -35.56
N SER C 257 40.48 -17.03 -34.71
CA SER C 257 40.87 -17.62 -33.44
C SER C 257 40.27 -19.02 -33.37
N TYR C 258 40.53 -19.73 -32.26
CA TYR C 258 40.13 -21.12 -32.15
C TYR C 258 39.64 -21.44 -30.75
N LEU C 259 38.47 -22.05 -30.66
CA LEU C 259 37.89 -22.50 -29.39
C LEU C 259 38.16 -23.98 -29.21
N ASP C 260 38.78 -24.33 -28.08
CA ASP C 260 38.99 -25.72 -27.69
C ASP C 260 37.88 -26.09 -26.71
N LEU C 261 36.84 -26.75 -27.21
CA LEU C 261 35.67 -27.08 -26.44
C LEU C 261 35.55 -28.59 -26.23
N PRO C 262 34.95 -29.04 -25.13
CA PRO C 262 34.79 -30.48 -24.92
C PRO C 262 33.86 -31.08 -25.98
N LEU C 263 34.22 -32.29 -26.41
CA LEU C 263 33.48 -33.01 -27.44
C LEU C 263 32.82 -34.22 -26.78
N LYS C 264 31.58 -34.04 -26.32
CA LYS C 264 30.84 -35.17 -25.77
C LYS C 264 30.42 -36.14 -26.87
N GLN C 265 29.77 -35.62 -27.90
CA GLN C 265 29.18 -36.43 -28.96
C GLN C 265 29.49 -35.79 -30.31
N LYS C 266 30.02 -36.59 -31.22
CA LYS C 266 30.28 -36.14 -32.59
C LYS C 266 28.99 -36.32 -33.40
N THR C 267 28.35 -35.21 -33.76
CA THR C 267 27.04 -35.25 -34.37
C THR C 267 26.98 -34.26 -35.53
N ASP C 268 26.26 -34.63 -36.59
CA ASP C 268 26.14 -33.78 -37.76
C ASP C 268 25.32 -32.53 -37.45
N LEU C 269 25.41 -31.56 -38.36
CA LEU C 269 24.66 -30.32 -38.23
C LEU C 269 23.16 -30.61 -38.25
N GLU C 270 22.44 -30.08 -37.25
CA GLU C 270 21.01 -30.31 -37.12
C GLU C 270 20.31 -29.02 -36.77
N TYR C 271 19.01 -28.97 -37.08
CA TYR C 271 18.16 -27.89 -36.59
C TYR C 271 17.92 -28.05 -35.10
N ASP C 272 17.98 -26.95 -34.37
CA ASP C 272 17.65 -26.99 -32.95
C ASP C 272 16.16 -27.17 -32.77
N LYS C 273 15.78 -28.13 -31.92
CA LYS C 273 14.37 -28.48 -31.75
C LYS C 273 13.57 -27.31 -31.18
N ASP C 274 14.12 -26.62 -30.17
CA ASP C 274 13.44 -25.47 -29.60
C ASP C 274 13.22 -24.38 -30.66
N TRP C 275 14.21 -24.18 -31.53
CA TRP C 275 14.07 -23.17 -32.58
C TRP C 275 13.03 -23.59 -33.61
N VAL C 276 13.06 -24.85 -34.04
CA VAL C 276 12.06 -25.35 -34.97
C VAL C 276 10.66 -25.12 -34.42
N CYS C 277 10.46 -25.36 -33.12
CA CYS C 277 9.16 -25.11 -32.52
C CYS C 277 8.80 -23.63 -32.53
N ASN C 278 9.75 -22.75 -32.21
CA ASN C 278 9.52 -21.32 -32.35
C ASN C 278 9.16 -20.95 -33.79
N LEU C 279 9.89 -21.52 -34.74
CA LEU C 279 9.68 -21.19 -36.15
C LEU C 279 8.28 -21.57 -36.61
N ILE C 280 7.79 -22.74 -36.19
CA ILE C 280 6.47 -23.19 -36.61
C ILE C 280 5.38 -22.36 -35.95
N MET C 281 5.51 -22.10 -34.64
CA MET C 281 4.44 -21.43 -33.91
C MET C 281 4.32 -19.96 -34.28
N THR C 282 5.35 -19.36 -34.87
CA THR C 282 5.26 -17.98 -35.31
C THR C 282 4.83 -17.86 -36.78
N TRP C 283 4.50 -18.97 -37.43
CA TRP C 283 4.10 -18.91 -38.84
C TRP C 283 2.97 -17.92 -39.12
N PRO C 284 1.94 -17.76 -38.27
CA PRO C 284 0.91 -16.74 -38.58
C PRO C 284 1.47 -15.35 -38.84
N ALA C 285 2.56 -14.97 -38.19
CA ALA C 285 3.16 -13.67 -38.43
C ALA C 285 3.93 -13.62 -39.76
N PHE C 286 4.31 -14.77 -40.32
CA PHE C 286 5.10 -14.82 -41.55
C PHE C 286 4.29 -15.36 -42.73
N SER C 287 2.96 -15.42 -42.63
CA SER C 287 2.17 -16.12 -43.63
C SER C 287 2.08 -15.33 -44.94
N ASN C 288 2.22 -14.01 -44.88
CA ASN C 288 2.18 -13.17 -46.08
C ASN C 288 3.60 -13.08 -46.63
N LYS C 289 3.83 -13.71 -47.79
CA LYS C 289 5.17 -13.76 -48.36
C LYS C 289 5.67 -12.41 -48.83
N ALA C 290 4.77 -11.48 -49.16
CA ALA C 290 5.19 -10.17 -49.67
C ALA C 290 5.68 -9.25 -48.56
N GLN C 291 5.26 -9.47 -47.31
CA GLN C 291 5.65 -8.60 -46.21
C GLN C 291 5.60 -9.40 -44.91
N PHE C 292 6.76 -9.55 -44.26
CA PHE C 292 6.85 -10.30 -43.03
C PHE C 292 7.96 -9.74 -42.14
N PRO C 293 7.77 -9.82 -40.81
CA PRO C 293 6.59 -10.37 -40.14
C PRO C 293 5.45 -9.36 -40.00
N ASP C 294 4.23 -9.88 -39.86
CA ASP C 294 3.06 -9.06 -39.59
C ASP C 294 2.98 -8.84 -38.08
N LEU C 295 3.48 -7.70 -37.63
CA LEU C 295 3.61 -7.45 -36.20
C LEU C 295 2.32 -6.97 -35.54
N SER C 296 1.18 -7.04 -36.24
CA SER C 296 -0.08 -7.02 -35.52
C SER C 296 -0.24 -8.27 -34.67
N TYR C 297 0.49 -9.33 -35.00
CA TYR C 297 0.66 -10.47 -34.11
C TYR C 297 1.73 -10.16 -33.07
N SER C 298 1.47 -10.53 -31.83
CA SER C 298 2.51 -10.54 -30.81
C SER C 298 3.30 -11.83 -30.93
N ILE C 299 4.61 -11.71 -31.19
CA ILE C 299 5.45 -12.91 -31.29
C ILE C 299 5.46 -13.67 -29.97
N SER C 300 5.50 -12.95 -28.84
CA SER C 300 5.49 -13.59 -27.54
C SER C 300 4.18 -14.32 -27.29
N GLU C 301 3.06 -13.73 -27.71
CA GLU C 301 1.77 -14.40 -27.56
C GLU C 301 1.70 -15.67 -28.41
N LEU C 302 2.26 -15.62 -29.63
CA LEU C 302 2.30 -16.82 -30.46
C LEU C 302 3.20 -17.89 -29.84
N LEU C 303 4.33 -17.48 -29.26
CA LEU C 303 5.25 -18.44 -28.66
C LEU C 303 4.72 -19.00 -27.35
N SER C 304 3.86 -18.23 -26.65
CA SER C 304 3.31 -18.71 -25.38
C SER C 304 2.39 -19.90 -25.55
N LYS C 305 2.01 -20.24 -26.78
CA LYS C 305 1.14 -21.38 -27.04
C LYS C 305 1.90 -22.68 -27.18
N ARG C 306 3.22 -22.66 -27.01
CA ARG C 306 4.01 -23.88 -27.05
C ARG C 306 3.71 -24.76 -25.85
N THR C 307 3.56 -26.06 -26.09
CA THR C 307 3.44 -27.04 -25.03
C THR C 307 4.39 -28.19 -25.30
N LYS C 308 4.65 -28.98 -24.26
CA LYS C 308 5.53 -30.14 -24.41
C LYS C 308 4.97 -31.14 -25.40
N GLU C 309 3.65 -31.33 -25.39
CA GLU C 309 3.02 -32.27 -26.32
C GLU C 309 2.95 -31.70 -27.73
N LEU C 310 2.70 -30.39 -27.85
CA LEU C 310 2.67 -29.77 -29.17
C LEU C 310 4.07 -29.70 -29.76
N ASP C 311 5.08 -29.43 -28.93
CA ASP C 311 6.46 -29.48 -29.41
C ASP C 311 6.80 -30.86 -29.96
N LYS C 312 6.34 -31.91 -29.27
CA LYS C 312 6.61 -33.27 -29.73
C LYS C 312 6.02 -33.53 -31.11
N LYS C 313 4.80 -33.04 -31.35
CA LYS C 313 4.18 -33.22 -32.65
C LYS C 313 4.90 -32.42 -33.73
N ILE C 314 5.35 -31.21 -33.39
CA ILE C 314 6.05 -30.37 -34.36
C ILE C 314 7.35 -31.03 -34.80
N ILE C 315 8.12 -31.55 -33.85
CA ILE C 315 9.40 -32.17 -34.19
C ILE C 315 9.18 -33.41 -35.06
N GLU C 316 8.14 -34.18 -34.77
CA GLU C 316 7.83 -35.35 -35.59
C GLU C 316 7.46 -34.94 -37.01
N LEU C 317 6.69 -33.86 -37.16
CA LEU C 317 6.31 -33.41 -38.49
C LEU C 317 7.50 -32.79 -39.22
N TRP C 318 8.34 -32.04 -38.50
CA TRP C 318 9.53 -31.47 -39.13
C TRP C 318 10.46 -32.57 -39.63
N GLU C 319 10.67 -33.60 -38.82
CA GLU C 319 11.50 -34.73 -39.23
C GLU C 319 10.91 -35.45 -40.44
N LYS C 320 9.58 -35.45 -40.56
CA LYS C 320 8.94 -36.14 -41.68
C LYS C 320 9.13 -35.38 -42.98
N TYR C 321 8.83 -34.08 -43.00
CA TYR C 321 8.82 -33.32 -44.24
C TYR C 321 10.16 -32.68 -44.58
N ILE C 322 10.93 -32.27 -43.58
CA ILE C 322 12.18 -31.53 -43.79
C ILE C 322 13.39 -32.36 -43.34
N GLY C 323 13.30 -32.95 -42.16
CA GLY C 323 14.43 -33.70 -41.62
C GLY C 323 15.18 -32.90 -40.58
N LEU C 324 15.68 -33.57 -39.53
CA LEU C 324 16.40 -32.88 -38.47
C LEU C 324 17.82 -32.54 -38.89
N LYS C 325 18.44 -33.34 -39.74
CA LYS C 325 19.76 -33.02 -40.26
C LYS C 325 19.67 -31.89 -41.28
N ILE C 326 20.54 -30.90 -41.15
CA ILE C 326 20.64 -29.85 -42.16
C ILE C 326 21.50 -30.38 -43.29
N ILE C 327 20.94 -30.43 -44.49
CA ILE C 327 21.57 -31.09 -45.64
C ILE C 327 21.69 -30.10 -46.78
N TYR C 328 22.66 -30.35 -47.65
CA TYR C 328 22.90 -29.45 -48.78
C TYR C 328 21.77 -29.59 -49.81
N ASP C 329 21.33 -28.45 -50.33
CA ASP C 329 20.30 -28.38 -51.35
C ASP C 329 20.73 -27.33 -52.37
N SER C 330 20.87 -27.74 -53.62
CA SER C 330 21.40 -26.87 -54.67
C SER C 330 20.32 -26.25 -55.53
N ASP C 331 19.06 -26.29 -55.10
CA ASP C 331 18.02 -25.53 -55.79
C ASP C 331 18.30 -24.03 -55.66
N THR C 332 17.75 -23.26 -56.58
CA THR C 332 17.93 -21.81 -56.53
C THR C 332 17.28 -21.25 -55.27
N PHE C 333 17.83 -20.13 -54.81
CA PHE C 333 17.47 -19.61 -53.49
C PHE C 333 16.01 -19.15 -53.45
N ASP C 334 15.46 -18.70 -54.58
CA ASP C 334 14.05 -18.36 -54.62
C ASP C 334 13.17 -19.59 -54.50
N ILE C 335 13.65 -20.74 -54.98
CA ILE C 335 12.90 -21.99 -54.82
C ILE C 335 12.97 -22.46 -53.37
N GLN C 336 14.15 -22.37 -52.75
CA GLN C 336 14.29 -22.78 -51.35
C GLN C 336 13.42 -21.91 -50.45
N PHE C 337 13.29 -20.63 -50.79
CA PHE C 337 12.40 -19.73 -50.06
C PHE C 337 10.98 -20.28 -50.04
N THR C 338 10.44 -20.55 -51.23
CA THR C 338 9.07 -21.07 -51.34
C THR C 338 8.97 -22.46 -50.73
N SER C 339 9.97 -23.30 -50.95
CA SER C 339 9.92 -24.69 -50.46
C SER C 339 9.89 -24.73 -48.93
N ARG C 340 10.79 -23.99 -48.28
CA ARG C 340 10.86 -24.02 -46.82
C ARG C 340 9.60 -23.46 -46.19
N ARG C 341 9.06 -22.38 -46.76
CA ARG C 341 7.81 -21.82 -46.24
C ARG C 341 6.63 -22.75 -46.51
N PHE C 342 6.69 -23.53 -47.58
CA PHE C 342 5.62 -24.47 -47.88
C PHE C 342 5.48 -25.50 -46.78
N TYR C 343 6.60 -26.02 -46.27
CA TYR C 343 6.54 -27.05 -45.25
C TYR C 343 6.33 -26.48 -43.86
N ILE C 344 6.79 -25.26 -43.60
CA ILE C 344 6.46 -24.60 -42.34
C ILE C 344 4.95 -24.41 -42.23
N GLU C 345 4.33 -23.92 -43.30
CA GLU C 345 2.88 -23.74 -43.30
C GLU C 345 2.16 -25.08 -43.19
N LYS C 346 2.66 -26.10 -43.89
CA LYS C 346 2.04 -27.41 -43.85
C LYS C 346 2.07 -27.99 -42.45
N ILE C 347 3.18 -27.82 -41.74
CA ILE C 347 3.31 -28.35 -40.39
C ILE C 347 2.39 -27.59 -39.44
N TYR C 348 2.34 -26.26 -39.55
CA TYR C 348 1.49 -25.48 -38.67
C TYR C 348 0.02 -25.85 -38.83
N ASN C 349 -0.43 -26.01 -40.07
CA ASN C 349 -1.85 -26.29 -40.31
C ASN C 349 -2.26 -27.68 -39.83
N GLU C 350 -1.32 -28.62 -39.76
CA GLU C 350 -1.62 -29.94 -39.24
C GLU C 350 -1.66 -29.99 -37.73
N LEU C 351 -1.21 -28.92 -37.05
CA LEU C 351 -1.33 -28.86 -35.60
C LEU C 351 -2.77 -28.64 -35.14
N ASN C 352 -3.61 -28.04 -35.98
CA ASN C 352 -5.02 -27.76 -35.68
C ASN C 352 -5.15 -26.84 -34.47
N ILE C 353 -4.72 -25.60 -34.67
CA ILE C 353 -4.79 -24.57 -33.64
C ILE C 353 -5.22 -23.25 -34.27
N GLN D 5 29.68 -4.91 10.38
CA GLN D 5 30.22 -5.29 11.68
C GLN D 5 29.22 -4.94 12.79
N ILE D 6 28.75 -5.97 13.50
CA ILE D 6 27.66 -5.81 14.46
C ILE D 6 28.07 -6.39 15.82
N GLN D 7 27.34 -5.95 16.84
CA GLN D 7 27.50 -6.43 18.20
C GLN D 7 26.19 -7.07 18.67
N HIS D 8 26.31 -8.11 19.48
CA HIS D 8 25.16 -8.87 19.96
C HIS D 8 24.95 -8.55 21.44
N ILE D 9 23.83 -7.89 21.75
CA ILE D 9 23.52 -7.43 23.10
C ILE D 9 22.35 -8.24 23.62
N ALA D 10 22.51 -8.81 24.82
CA ALA D 10 21.44 -9.56 25.46
C ALA D 10 20.61 -8.62 26.32
N ILE D 11 19.29 -8.66 26.12
CA ILE D 11 18.35 -7.87 26.90
C ILE D 11 17.51 -8.83 27.75
N VAL D 12 17.36 -8.50 29.03
CA VAL D 12 16.77 -9.41 30.01
C VAL D 12 15.68 -8.67 30.77
N GLY D 13 14.55 -9.35 30.99
CA GLY D 13 13.48 -8.79 31.79
C GLY D 13 13.75 -8.85 33.28
N CYS D 14 12.88 -9.51 34.02
CA CYS D 14 13.01 -9.62 35.47
C CYS D 14 13.94 -10.77 35.84
N VAL D 15 14.93 -10.48 36.68
CA VAL D 15 15.82 -11.53 37.17
C VAL D 15 15.25 -12.19 38.42
N HIS D 16 14.79 -11.39 39.38
CA HIS D 16 14.19 -11.88 40.63
C HIS D 16 15.10 -12.88 41.34
N GLY D 17 16.40 -12.57 41.35
CA GLY D 17 17.34 -13.36 42.12
C GLY D 17 17.81 -14.65 41.48
N LYS D 18 17.50 -14.88 40.21
CA LYS D 18 17.91 -16.10 39.52
C LYS D 18 19.06 -15.79 38.57
N TYR D 19 20.21 -15.44 39.15
CA TYR D 19 21.36 -15.05 38.34
C TYR D 19 22.04 -16.24 37.69
N ARG D 20 22.24 -17.33 38.44
CA ARG D 20 22.87 -18.52 37.86
C ARG D 20 22.06 -19.08 36.69
N GLU D 21 20.74 -18.99 36.77
CA GLU D 21 19.90 -19.46 35.67
C GLU D 21 20.00 -18.55 34.46
N MET D 22 20.00 -17.24 34.68
CA MET D 22 20.10 -16.28 33.58
C MET D 22 21.42 -16.47 32.83
N TYR D 23 22.53 -16.53 33.55
CA TYR D 23 23.83 -16.66 32.91
C TYR D 23 23.98 -18.02 32.24
N ARG D 24 23.30 -19.04 32.74
CA ARG D 24 23.31 -20.33 32.07
C ARG D 24 22.63 -20.25 30.70
N GLN D 25 21.51 -19.54 30.62
CA GLN D 25 20.83 -19.36 29.35
C GLN D 25 21.71 -18.59 28.37
N LEU D 26 22.30 -17.48 28.83
CA LEU D 26 23.13 -16.66 27.96
C LEU D 26 24.32 -17.46 27.42
N SER D 27 24.90 -18.32 28.27
CA SER D 27 26.04 -19.12 27.82
C SER D 27 25.61 -20.15 26.78
N GLU D 28 24.45 -20.78 26.98
CA GLU D 28 23.97 -21.77 26.02
C GLU D 28 23.55 -21.11 24.71
N TYR D 29 23.15 -19.83 24.76
CA TYR D 29 22.86 -19.11 23.52
C TYR D 29 24.13 -18.87 22.72
N GLU D 30 25.23 -18.51 23.40
CA GLU D 30 26.50 -18.31 22.72
C GLU D 30 26.98 -19.60 22.05
N LYS D 31 26.73 -20.74 22.68
CA LYS D 31 27.23 -21.99 22.15
C LYS D 31 26.34 -22.57 21.06
N SER D 32 25.02 -22.33 21.13
CA SER D 32 24.11 -22.91 20.15
C SER D 32 24.06 -22.07 18.87
N THR D 33 24.35 -20.78 18.96
CA THR D 33 24.35 -19.90 17.79
C THR D 33 25.75 -19.53 17.32
N GLY D 34 26.77 -19.74 18.13
CA GLY D 34 28.12 -19.32 17.80
C GLY D 34 28.36 -17.83 17.86
N LYS D 35 27.36 -17.04 18.26
CA LYS D 35 27.51 -15.59 18.32
C LYS D 35 27.97 -15.16 19.71
N GLU D 36 28.83 -14.15 19.75
CA GLU D 36 29.42 -13.69 20.98
C GLU D 36 28.63 -12.52 21.56
N ILE D 37 28.29 -12.61 22.85
CA ILE D 37 27.55 -11.57 23.52
C ILE D 37 28.51 -10.46 23.93
N SER D 38 28.23 -9.23 23.52
CA SER D 38 29.03 -8.09 23.93
C SER D 38 28.82 -7.78 25.41
N PHE D 39 27.56 -7.52 25.79
CA PHE D 39 27.21 -7.26 27.18
C PHE D 39 25.74 -7.56 27.37
N VAL D 40 25.30 -7.51 28.62
CA VAL D 40 23.94 -7.87 29.00
C VAL D 40 23.24 -6.66 29.59
N ILE D 41 21.94 -6.56 29.36
CA ILE D 41 21.11 -5.47 29.84
C ILE D 41 19.89 -6.05 30.53
N CYS D 42 19.64 -5.62 31.77
CA CYS D 42 18.51 -6.09 32.57
C CYS D 42 17.61 -4.92 32.95
N THR D 43 16.32 -5.19 33.03
CA THR D 43 15.31 -4.14 33.18
C THR D 43 14.70 -4.04 34.58
N GLY D 44 15.30 -4.68 35.58
CA GLY D 44 14.92 -4.45 36.96
C GLY D 44 14.53 -5.71 37.70
N ASP D 45 14.14 -5.51 38.95
CA ASP D 45 13.84 -6.58 39.92
C ASP D 45 15.04 -7.51 40.05
N MET D 46 16.18 -6.91 40.37
CA MET D 46 17.43 -7.64 40.43
C MET D 46 17.63 -8.31 41.79
N GLN D 47 17.07 -7.74 42.85
CA GLN D 47 17.16 -8.30 44.20
C GLN D 47 18.61 -8.53 44.61
N THR D 48 19.40 -7.44 44.57
CA THR D 48 20.83 -7.49 44.88
C THR D 48 21.02 -7.39 46.40
N LEU D 49 20.65 -8.47 47.08
CA LEU D 49 20.77 -8.56 48.53
C LEU D 49 22.15 -9.08 48.90
N ARG D 50 22.93 -8.26 49.59
CA ARG D 50 24.29 -8.65 49.96
C ARG D 50 24.29 -9.74 51.03
N TYR D 51 23.41 -9.60 52.02
CA TYR D 51 23.37 -10.53 53.14
C TYR D 51 21.97 -10.49 53.73
N GLU D 52 21.76 -11.30 54.78
CA GLU D 52 20.43 -11.46 55.37
C GLU D 52 19.82 -10.14 55.79
N ALA D 53 20.65 -9.21 56.28
CA ALA D 53 20.13 -7.94 56.77
C ALA D 53 19.40 -7.15 55.69
N ASP D 54 19.78 -7.33 54.42
CA ASP D 54 19.13 -6.61 53.33
C ASP D 54 17.72 -7.10 53.03
N LEU D 55 17.29 -8.21 53.65
CA LEU D 55 15.94 -8.70 53.41
C LEU D 55 14.88 -7.70 53.83
N VAL D 56 15.19 -6.86 54.83
CA VAL D 56 14.23 -5.88 55.33
C VAL D 56 13.75 -4.97 54.20
N TYR D 57 14.64 -4.65 53.27
CA TYR D 57 14.34 -3.69 52.21
C TYR D 57 13.71 -4.32 50.98
N LEU D 58 13.51 -5.63 50.97
CA LEU D 58 12.91 -6.32 49.83
C LEU D 58 11.40 -6.31 50.01
N LYS D 59 10.72 -5.41 49.29
CA LYS D 59 9.27 -5.27 49.36
C LYS D 59 8.63 -6.30 48.43
N VAL D 60 8.37 -7.48 48.98
CA VAL D 60 7.70 -8.57 48.27
C VAL D 60 6.78 -9.29 49.23
N PRO D 61 5.82 -10.05 48.70
CA PRO D 61 5.01 -10.92 49.57
C PRO D 61 5.89 -11.92 50.31
N PRO D 62 5.42 -12.44 51.44
CA PRO D 62 6.29 -13.30 52.27
C PRO D 62 6.88 -14.51 51.54
N LYS D 63 6.14 -15.09 50.60
CA LYS D 63 6.63 -16.28 49.90
C LYS D 63 7.89 -16.00 49.08
N TYR D 64 8.17 -14.73 48.77
CA TYR D 64 9.34 -14.37 48.00
C TYR D 64 10.44 -13.71 48.84
N LYS D 65 10.29 -13.71 50.16
CA LYS D 65 11.33 -13.18 51.04
C LYS D 65 12.52 -14.13 51.09
N GLN D 66 13.28 -14.21 50.00
CA GLN D 66 14.42 -15.11 49.90
C GLN D 66 15.64 -14.34 49.42
N MET D 67 16.82 -14.90 49.71
CA MET D 67 18.06 -14.23 49.37
C MET D 67 18.29 -14.21 47.86
N GLY D 68 17.94 -15.30 47.18
CA GLY D 68 18.26 -15.40 45.78
C GLY D 68 19.73 -15.76 45.56
N ASP D 69 20.20 -15.51 44.34
CA ASP D 69 21.54 -15.89 43.94
C ASP D 69 22.58 -14.80 44.13
N PHE D 70 22.15 -13.54 44.30
CA PHE D 70 23.09 -12.43 44.17
C PHE D 70 24.21 -12.52 45.20
N HIS D 71 23.88 -12.90 46.44
CA HIS D 71 24.91 -12.93 47.48
C HIS D 71 26.06 -13.86 47.13
N LEU D 72 25.83 -14.85 46.27
CA LEU D 72 26.93 -15.69 45.80
C LEU D 72 27.91 -14.87 44.98
N TYR D 73 27.41 -13.97 44.12
CA TYR D 73 28.29 -13.13 43.32
C TYR D 73 28.91 -12.02 44.17
N TYR D 74 28.18 -11.49 45.15
CA TYR D 74 28.75 -10.50 46.06
C TYR D 74 29.89 -11.09 46.87
N GLU D 75 29.77 -12.36 47.26
CA GLU D 75 30.80 -13.05 48.03
C GLU D 75 31.97 -13.53 47.18
N GLY D 76 31.84 -13.55 45.86
CA GLY D 76 32.89 -14.07 45.03
C GLY D 76 32.86 -15.57 44.81
N LYS D 77 31.81 -16.25 45.29
CA LYS D 77 31.69 -17.67 45.00
C LYS D 77 31.32 -17.92 43.54
N GLU D 78 30.54 -17.03 42.95
CA GLU D 78 30.24 -17.05 41.53
C GLU D 78 30.71 -15.74 40.90
N LYS D 79 31.03 -15.79 39.62
CA LYS D 79 31.55 -14.64 38.90
C LYS D 79 30.76 -14.46 37.61
N ALA D 80 30.15 -13.28 37.46
CA ALA D 80 29.34 -12.98 36.29
C ALA D 80 30.19 -13.04 35.02
N PRO D 81 29.87 -13.90 34.06
CA PRO D 81 30.72 -14.04 32.87
C PRO D 81 30.53 -12.95 31.83
N TYR D 82 29.57 -12.05 32.00
CA TYR D 82 29.36 -10.95 31.08
C TYR D 82 29.17 -9.66 31.87
N LEU D 83 29.61 -8.56 31.28
CA LEU D 83 29.27 -7.24 31.82
C LEU D 83 27.77 -7.05 31.76
N THR D 84 27.15 -6.79 32.91
CA THR D 84 25.70 -6.71 33.04
C THR D 84 25.33 -5.32 33.55
N LEU D 85 24.65 -4.55 32.72
CA LEU D 85 24.10 -3.25 33.11
C LEU D 85 22.62 -3.42 33.44
N PHE D 86 22.18 -2.80 34.53
CA PHE D 86 20.80 -2.96 34.94
C PHE D 86 20.30 -1.69 35.61
N ILE D 87 18.99 -1.61 35.75
CA ILE D 87 18.32 -0.55 36.50
C ILE D 87 17.58 -1.21 37.65
N GLY D 88 16.96 -0.39 38.50
CA GLY D 88 16.17 -0.88 39.61
C GLY D 88 14.70 -0.97 39.26
N GLY D 89 14.04 -1.98 39.82
CA GLY D 89 12.60 -2.12 39.65
C GLY D 89 11.87 -1.89 40.96
N ASN D 90 10.94 -2.77 41.29
CA ASN D 90 10.19 -2.67 42.54
C ASN D 90 10.55 -3.76 43.54
N ALA D 91 11.20 -4.83 43.11
CA ALA D 91 11.67 -5.89 43.99
C ALA D 91 13.19 -5.78 44.05
N GLU D 92 13.67 -4.92 44.95
CA GLU D 92 15.09 -4.63 45.04
C GLU D 92 15.51 -4.55 46.50
N SER D 93 16.82 -4.71 46.73
CA SER D 93 17.44 -4.29 47.97
C SER D 93 17.59 -2.77 47.88
N SER D 94 16.49 -2.08 48.20
CA SER D 94 16.39 -0.65 47.93
C SER D 94 17.43 0.17 48.69
N ASN D 95 17.92 -0.32 49.83
CA ASN D 95 19.00 0.38 50.53
C ASN D 95 20.28 0.37 49.69
N VAL D 96 20.60 -0.77 49.08
CA VAL D 96 21.79 -0.87 48.22
C VAL D 96 21.71 0.15 47.09
N LEU D 97 20.56 0.22 46.42
CA LEU D 97 20.43 1.10 45.26
C LEU D 97 20.45 2.58 45.66
N LEU D 98 19.98 2.91 46.86
CA LEU D 98 20.02 4.30 47.30
C LEU D 98 21.45 4.76 47.57
N HIS D 99 22.27 3.89 48.17
CA HIS D 99 23.69 4.20 48.30
C HIS D 99 24.31 4.47 46.94
N LEU D 100 23.89 3.72 45.92
CA LEU D 100 24.44 3.83 44.58
C LEU D 100 23.52 4.60 43.64
N TYR D 101 22.80 5.61 44.17
CA TYR D 101 21.86 6.36 43.34
C TYR D 101 22.57 7.08 42.18
N ASN D 102 23.88 7.32 42.30
CA ASN D 102 24.70 7.81 41.21
C ASN D 102 25.32 6.68 40.40
N GLY D 103 24.81 5.47 40.50
CA GLY D 103 25.36 4.33 39.81
C GLY D 103 26.53 3.72 40.56
N GLY D 104 26.87 2.50 40.17
CA GLY D 104 28.00 1.80 40.75
C GLY D 104 27.91 0.31 40.53
N PHE D 105 29.06 -0.34 40.69
CA PHE D 105 29.14 -1.80 40.62
C PHE D 105 28.68 -2.40 41.94
N VAL D 106 27.64 -3.24 41.89
CA VAL D 106 27.25 -4.00 43.07
C VAL D 106 28.18 -5.19 43.29
N CYS D 107 28.84 -5.66 42.24
CA CYS D 107 29.88 -6.67 42.29
C CYS D 107 30.51 -6.71 40.90
N PHE D 108 31.43 -7.65 40.71
CA PHE D 108 32.17 -7.70 39.45
C PHE D 108 31.24 -7.97 38.29
N ASN D 109 31.36 -7.14 37.24
CA ASN D 109 30.63 -7.24 35.97
C ASN D 109 29.15 -6.91 36.09
N MET D 110 28.68 -6.39 37.22
CA MET D 110 27.29 -6.00 37.40
C MET D 110 27.24 -4.53 37.78
N TYR D 111 26.84 -3.68 36.84
CA TYR D 111 26.83 -2.24 37.04
C TYR D 111 25.39 -1.73 37.14
N TYR D 112 25.08 -1.05 38.24
CA TYR D 112 23.81 -0.39 38.43
C TYR D 112 23.88 1.03 37.87
N LEU D 113 22.86 1.41 37.09
CA LEU D 113 22.88 2.71 36.42
C LEU D 113 22.46 3.86 37.33
N GLY D 114 21.96 3.58 38.52
CA GLY D 114 21.52 4.62 39.43
C GLY D 114 20.03 4.86 39.31
N VAL D 115 19.57 5.89 40.05
CA VAL D 115 18.19 6.37 39.90
C VAL D 115 17.89 6.63 38.44
N CYS D 116 18.82 7.28 37.75
CA CYS D 116 18.80 7.46 36.31
C CYS D 116 20.19 7.90 35.90
N SER D 117 20.57 7.57 34.66
CA SER D 117 21.84 8.02 34.12
C SER D 117 21.92 7.63 32.65
N CYS D 118 22.98 8.10 32.01
CA CYS D 118 23.34 7.68 30.66
C CYS D 118 24.79 7.20 30.66
N ILE D 119 25.05 6.10 29.95
CA ILE D 119 26.39 5.55 29.86
C ILE D 119 26.74 5.36 28.39
N ASN D 120 28.05 5.16 28.15
CA ASN D 120 28.56 4.89 26.81
C ASN D 120 29.23 3.52 26.80
N ILE D 121 29.01 2.76 25.72
CA ILE D 121 29.67 1.48 25.52
C ILE D 121 29.56 1.08 24.07
N ASN D 122 30.69 0.70 23.46
CA ASN D 122 30.74 0.24 22.07
C ASN D 122 30.06 1.23 21.13
N GLY D 123 30.27 2.52 21.37
CA GLY D 123 29.67 3.55 20.55
C GLY D 123 28.18 3.76 20.75
N LEU D 124 27.61 3.19 21.80
CA LEU D 124 26.19 3.33 22.08
C LEU D 124 25.97 4.22 23.31
N ARG D 125 24.86 4.96 23.29
CA ARG D 125 24.42 5.75 24.42
C ARG D 125 23.17 5.10 25.00
N ILE D 126 23.25 4.69 26.26
CA ILE D 126 22.19 3.93 26.91
C ILE D 126 21.71 4.70 28.14
N VAL D 127 20.40 4.88 28.24
CA VAL D 127 19.77 5.60 29.35
C VAL D 127 18.94 4.61 30.17
N GLY D 128 18.99 4.75 31.47
CA GLY D 128 18.18 3.92 32.36
C GLY D 128 17.36 4.75 33.32
N VAL D 129 16.15 4.28 33.60
CA VAL D 129 15.23 4.91 34.54
C VAL D 129 14.72 3.83 35.48
N SER D 130 15.10 3.94 36.75
CA SER D 130 14.79 2.91 37.74
C SER D 130 13.43 3.15 38.39
N GLY D 131 12.86 2.07 38.91
CA GLY D 131 11.65 2.15 39.71
C GLY D 131 10.37 1.93 38.92
N ILE D 132 9.27 1.92 39.66
CA ILE D 132 7.93 1.92 39.09
C ILE D 132 7.21 3.17 39.58
N TYR D 133 6.13 3.51 38.87
CA TYR D 133 5.43 4.76 39.12
C TYR D 133 4.33 4.59 40.15
N LYS D 134 4.30 5.50 41.13
CA LYS D 134 3.16 5.68 42.02
C LYS D 134 2.95 7.18 42.17
N SER D 135 1.74 7.64 41.87
CA SER D 135 1.48 9.08 41.79
C SER D 135 1.76 9.78 43.11
N PHE D 136 1.45 9.12 44.24
CA PHE D 136 1.55 9.77 45.54
C PHE D 136 2.99 9.93 46.03
N ASP D 137 3.98 9.37 45.33
CA ASP D 137 5.37 9.48 45.74
C ASP D 137 6.27 10.11 44.70
N GLU D 138 5.71 10.66 43.61
CA GLU D 138 6.55 11.11 42.50
C GLU D 138 7.25 12.43 42.79
N LYS D 139 6.78 13.22 43.76
CA LYS D 139 7.46 14.45 44.14
C LYS D 139 8.01 14.40 45.55
N LYS D 140 8.22 13.19 46.10
CA LYS D 140 8.79 12.93 47.41
C LYS D 140 10.31 12.80 47.31
N PRO D 141 11.06 13.42 48.21
CA PRO D 141 12.52 13.29 48.17
C PRO D 141 12.98 11.96 48.76
N TYR D 142 14.25 11.65 48.50
CA TYR D 142 14.91 10.54 49.16
C TYR D 142 15.51 11.02 50.48
N THR D 143 15.34 10.22 51.52
CA THR D 143 15.97 10.48 52.80
C THR D 143 17.11 9.49 53.02
N TYR D 144 18.24 9.99 53.50
CA TYR D 144 19.45 9.20 53.61
C TYR D 144 20.07 9.38 54.99
N PRO D 145 20.62 8.30 55.58
CA PRO D 145 20.75 6.93 55.07
C PRO D 145 19.43 6.18 54.99
N PRO D 146 19.38 5.09 54.22
CA PRO D 146 18.13 4.33 54.10
C PRO D 146 17.62 3.84 55.45
N SER D 147 16.31 3.81 55.59
CA SER D 147 15.64 3.38 56.80
C SER D 147 14.57 2.35 56.44
N PRO D 148 14.36 1.36 57.32
CA PRO D 148 13.32 0.35 57.04
C PRO D 148 11.92 0.92 56.90
N ASN D 149 11.68 2.15 57.36
CA ASN D 149 10.38 2.77 57.18
C ASN D 149 10.11 3.14 55.73
N ASP D 150 11.14 3.18 54.88
CA ASP D 150 11.02 3.61 53.51
C ASP D 150 11.02 2.46 52.51
N VAL D 151 10.82 1.22 52.98
CA VAL D 151 10.81 0.07 52.08
CA VAL D 151 10.81 0.07 52.08
C VAL D 151 9.70 0.21 51.04
N VAL D 152 8.61 0.87 51.40
CA VAL D 152 7.48 0.99 50.48
C VAL D 152 7.73 2.04 49.40
N SER D 153 8.50 3.10 49.70
CA SER D 153 8.58 4.26 48.83
C SER D 153 9.89 4.42 48.10
N LEU D 154 10.95 3.68 48.49
CA LEU D 154 12.27 3.91 47.91
C LEU D 154 12.30 3.59 46.41
N PHE D 155 11.52 2.62 45.95
CA PHE D 155 11.59 2.18 44.57
C PHE D 155 10.58 2.87 43.67
N HIS D 156 9.92 3.92 44.14
CA HIS D 156 8.95 4.66 43.33
C HIS D 156 9.65 5.74 42.53
N THR D 157 9.43 5.74 41.22
CA THR D 157 10.10 6.68 40.33
C THR D 157 9.72 8.12 40.67
N ARG D 158 10.73 8.95 40.86
CA ARG D 158 10.51 10.36 41.15
C ARG D 158 10.37 11.17 39.87
N ASN D 159 9.56 12.22 39.94
CA ASN D 159 9.27 13.04 38.77
C ASN D 159 10.51 13.78 38.26
N TYR D 160 11.46 14.09 39.16
CA TYR D 160 12.55 14.98 38.79
C TYR D 160 13.50 14.37 37.75
N VAL D 161 13.50 13.04 37.59
CA VAL D 161 14.38 12.41 36.62
C VAL D 161 14.06 12.86 35.20
N ILE D 162 12.84 13.33 34.96
CA ILE D 162 12.50 13.89 33.65
C ILE D 162 13.40 15.07 33.34
N GLN D 163 13.55 15.98 34.30
CA GLN D 163 14.37 17.16 34.07
C GLN D 163 15.86 16.82 34.03
N MET D 164 16.27 15.74 34.69
CA MET D 164 17.67 15.34 34.67
C MET D 164 18.07 14.76 33.31
N LEU D 165 17.13 14.15 32.59
CA LEU D 165 17.43 13.42 31.37
C LEU D 165 16.99 14.13 30.09
N SER D 166 16.24 15.23 30.20
CA SER D 166 15.54 15.76 29.03
C SER D 166 16.48 16.31 27.97
N ASN D 167 17.68 16.77 28.36
CA ASN D 167 18.59 17.40 27.41
C ASN D 167 19.64 16.44 26.85
N LEU D 168 19.46 15.14 27.04
CA LEU D 168 20.51 14.18 26.67
C LEU D 168 20.54 13.87 25.18
N SER D 169 19.49 14.21 24.43
CA SER D 169 19.44 13.94 23.01
C SER D 169 19.69 15.20 22.17
N GLN D 170 20.21 16.26 22.78
CA GLN D 170 20.49 17.48 22.04
C GLN D 170 21.61 17.26 21.02
N SER D 171 22.76 16.75 21.48
CA SER D 171 23.91 16.57 20.59
C SER D 171 23.74 15.34 19.71
N SER D 172 23.62 14.17 20.32
CA SER D 172 23.43 12.91 19.60
C SER D 172 22.23 12.18 20.20
N GLN D 173 21.75 11.18 19.47
CA GLN D 173 20.56 10.46 19.89
C GLN D 173 20.91 9.34 20.87
N ILE D 174 19.88 8.87 21.56
CA ILE D 174 20.01 7.77 22.51
C ILE D 174 19.71 6.47 21.79
N ASP D 175 20.61 5.50 21.91
CA ASP D 175 20.40 4.22 21.22
C ASP D 175 19.38 3.36 21.95
N ILE D 176 19.57 3.16 23.25
CA ILE D 176 18.72 2.28 24.05
C ILE D 176 18.32 3.03 25.32
N SER D 177 17.06 2.89 25.71
CA SER D 177 16.59 3.40 26.99
C SER D 177 15.91 2.26 27.75
N LEU D 178 16.00 2.32 29.08
CA LEU D 178 15.57 1.23 29.95
C LEU D 178 14.66 1.75 31.04
N SER D 179 13.53 1.08 31.24
CA SER D 179 12.65 1.32 32.38
C SER D 179 12.14 -0.03 32.87
N HIS D 180 11.67 -0.06 34.12
CA HIS D 180 11.13 -1.31 34.63
C HIS D 180 9.68 -1.50 34.18
N ASP D 181 8.79 -0.61 34.62
CA ASP D 181 7.42 -0.66 34.11
C ASP D 181 7.34 0.05 32.76
N TRP D 182 6.28 -0.28 32.02
CA TRP D 182 6.16 0.20 30.65
C TRP D 182 5.89 1.70 30.61
N PRO D 183 6.33 2.38 29.56
CA PRO D 183 5.85 3.75 29.32
C PRO D 183 4.34 3.73 29.13
N GLN D 184 3.66 4.67 29.79
CA GLN D 184 2.20 4.68 29.76
C GLN D 184 1.70 4.87 28.34
N GLY D 185 0.67 4.10 27.98
CA GLY D 185 0.06 4.18 26.67
C GLY D 185 0.73 3.37 25.59
N ILE D 186 1.91 2.82 25.84
CA ILE D 186 2.62 2.06 24.80
C ILE D 186 1.90 0.75 24.48
N VAL D 187 1.06 0.26 25.38
CA VAL D 187 0.33 -0.98 25.13
C VAL D 187 -0.57 -0.84 23.90
N MET D 188 -1.08 0.37 23.66
CA MET D 188 -1.97 0.60 22.53
C MET D 188 -1.23 0.74 21.20
N LYS D 189 0.10 0.77 21.21
CA LYS D 189 0.88 0.92 20.00
C LYS D 189 1.40 -0.40 19.46
N GLY D 190 0.90 -1.53 19.96
CA GLY D 190 1.26 -2.83 19.42
C GLY D 190 0.05 -3.69 19.16
N ASN D 191 0.25 -5.00 19.06
CA ASN D 191 -0.84 -5.95 18.88
C ASN D 191 -1.51 -6.21 20.23
N TYR D 192 -2.22 -5.20 20.71
CA TYR D 192 -2.77 -5.27 22.07
C TYR D 192 -3.91 -6.26 22.18
N LYS D 193 -4.67 -6.47 21.11
CA LYS D 193 -5.73 -7.48 21.14
C LYS D 193 -5.16 -8.87 21.36
N GLN D 194 -4.07 -9.20 20.67
CA GLN D 194 -3.38 -10.46 20.92
C GLN D 194 -2.80 -10.51 22.33
N LEU D 195 -2.33 -9.37 22.83
CA LEU D 195 -1.79 -9.32 24.19
C LEU D 195 -2.89 -9.58 25.23
N TYR D 196 -4.07 -8.97 25.03
CA TYR D 196 -5.18 -9.24 25.93
C TYR D 196 -5.63 -10.68 25.88
N ARG D 197 -5.44 -11.34 24.73
CA ARG D 197 -5.77 -12.76 24.62
C ARG D 197 -4.82 -13.61 25.45
N PHE D 198 -3.60 -13.14 25.69
CA PHE D 198 -2.63 -13.88 26.48
C PHE D 198 -2.59 -13.43 27.93
N GLN D 199 -2.88 -12.16 28.20
CA GLN D 199 -2.92 -11.62 29.56
C GLN D 199 -4.17 -10.77 29.71
N PRO D 200 -5.32 -11.40 29.98
CA PRO D 200 -6.58 -10.64 30.03
C PRO D 200 -6.69 -9.70 31.23
N GLY D 201 -5.76 -9.77 32.19
CA GLY D 201 -5.80 -8.83 33.30
C GLY D 201 -5.40 -7.41 32.91
N PHE D 202 -4.71 -7.26 31.78
CA PHE D 202 -4.26 -5.93 31.36
C PHE D 202 -5.38 -5.12 30.71
N LYS D 203 -6.41 -5.77 30.18
CA LYS D 203 -7.45 -5.08 29.44
C LYS D 203 -8.23 -4.11 30.32
N LYS D 204 -8.32 -4.40 31.62
CA LYS D 204 -9.00 -3.49 32.54
C LYS D 204 -8.30 -2.14 32.60
N ASP D 205 -6.97 -2.14 32.54
CA ASP D 205 -6.22 -0.89 32.63
C ASP D 205 -6.31 -0.09 31.34
N GLY D 206 -6.31 -0.79 30.19
CA GLY D 206 -6.44 -0.10 28.92
C GLY D 206 -5.20 0.71 28.60
N ALA D 207 -5.42 1.93 28.08
CA ALA D 207 -4.31 2.78 27.70
C ALA D 207 -3.57 3.36 28.90
N SER D 208 -4.21 3.42 30.06
CA SER D 208 -3.57 3.99 31.25
C SER D 208 -2.50 3.08 31.85
N LEU D 209 -2.26 1.92 31.26
CA LEU D 209 -1.26 0.99 31.79
C LEU D 209 0.14 1.56 31.55
N GLY D 210 0.92 1.69 32.62
CA GLY D 210 2.31 2.08 32.53
C GLY D 210 2.61 3.33 33.33
N SER D 211 3.86 3.79 33.19
CA SER D 211 4.36 4.94 33.93
C SER D 211 4.24 6.19 33.08
N PRO D 212 3.56 7.24 33.55
CA PRO D 212 3.57 8.52 32.81
C PRO D 212 4.94 9.17 32.81
N ILE D 213 5.80 8.88 33.78
CA ILE D 213 7.15 9.43 33.78
C ILE D 213 7.95 8.84 32.63
N ASN D 214 7.89 7.52 32.46
CA ASN D 214 8.59 6.89 31.34
C ASN D 214 8.03 7.33 30.00
N LYS D 215 6.73 7.63 29.94
CA LYS D 215 6.14 8.12 28.69
C LYS D 215 6.73 9.46 28.29
N VAL D 216 6.89 10.38 29.24
CA VAL D 216 7.47 11.69 28.94
C VAL D 216 8.92 11.54 28.49
N ILE D 217 9.69 10.69 29.17
CA ILE D 217 11.09 10.50 28.81
C ILE D 217 11.20 9.89 27.41
N LEU D 218 10.31 8.95 27.08
CA LEU D 218 10.33 8.37 25.74
C LEU D 218 10.01 9.42 24.69
N ASN D 219 9.00 10.25 24.94
CA ASN D 219 8.64 11.30 23.97
C ASN D 219 9.73 12.36 23.87
N THR D 220 10.53 12.53 24.93
CA THR D 220 11.58 13.55 24.91
C THR D 220 12.82 13.06 24.19
N LEU D 221 13.35 11.91 24.59
CA LEU D 221 14.61 11.42 24.04
C LEU D 221 14.41 10.67 22.72
N LYS D 222 13.24 10.06 22.53
CA LYS D 222 12.94 9.27 21.34
C LYS D 222 14.08 8.33 20.97
N PRO D 223 14.44 7.40 21.84
CA PRO D 223 15.56 6.51 21.55
C PRO D 223 15.21 5.52 20.45
N LYS D 224 16.25 4.88 19.91
CA LYS D 224 16.04 3.85 18.90
C LYS D 224 15.27 2.67 19.49
N TYR D 225 15.55 2.32 20.74
CA TYR D 225 14.88 1.23 21.43
C TYR D 225 14.52 1.64 22.84
N TRP D 226 13.32 1.28 23.27
CA TRP D 226 12.92 1.36 24.68
C TRP D 226 12.60 -0.04 25.15
N ILE D 227 13.23 -0.47 26.24
CA ILE D 227 13.13 -1.84 26.73
C ILE D 227 12.63 -1.80 28.16
N SER D 228 11.66 -2.66 28.48
CA SER D 228 11.05 -2.69 29.79
C SER D 228 10.71 -4.12 30.18
N GLY D 229 10.33 -4.29 31.44
CA GLY D 229 9.90 -5.58 31.94
C GLY D 229 8.70 -5.46 32.85
N HIS D 230 8.86 -5.89 34.10
CA HIS D 230 7.86 -5.75 35.16
C HIS D 230 6.59 -6.58 34.93
N MET D 231 6.15 -6.71 33.68
CA MET D 231 4.84 -7.29 33.39
C MET D 231 4.87 -8.80 33.17
N HIS D 232 6.06 -9.41 33.13
CA HIS D 232 6.20 -10.86 33.01
C HIS D 232 5.56 -11.40 31.72
N CYS D 233 5.77 -10.68 30.61
CA CYS D 233 5.27 -11.12 29.32
C CYS D 233 6.04 -10.42 28.22
N GLU D 234 6.03 -11.04 27.05
CA GLU D 234 6.67 -10.48 25.86
C GLU D 234 5.72 -9.55 25.13
N TYR D 235 6.28 -8.49 24.54
CA TYR D 235 5.45 -7.55 23.78
C TYR D 235 6.34 -6.70 22.88
N HIS D 236 5.76 -6.27 21.76
CA HIS D 236 6.42 -5.39 20.80
C HIS D 236 5.49 -4.24 20.46
N ALA D 237 6.08 -3.07 20.25
CA ALA D 237 5.30 -1.88 19.91
C ALA D 237 6.20 -0.88 19.21
N GLU D 238 5.56 0.03 18.47
CA GLU D 238 6.26 1.09 17.74
C GLU D 238 5.64 2.42 18.10
N GLU D 239 6.44 3.31 18.69
CA GLU D 239 6.00 4.66 19.04
C GLU D 239 6.88 5.64 18.27
N GLY D 240 6.42 6.05 17.09
CA GLY D 240 7.20 6.88 16.21
C GLY D 240 8.48 6.17 15.80
N PRO D 241 9.61 6.82 16.04
CA PRO D 241 10.90 6.21 15.71
C PRO D 241 11.43 5.23 16.74
N THR D 242 10.66 4.90 17.78
CA THR D 242 11.13 4.10 18.90
C THR D 242 10.55 2.69 18.82
N HIS D 243 11.43 1.69 18.85
CA HIS D 243 11.02 0.29 18.96
C HIS D 243 10.91 -0.04 20.45
N PHE D 244 9.69 -0.33 20.90
CA PHE D 244 9.47 -0.75 22.28
C PHE D 244 9.50 -2.27 22.36
N ILE D 245 10.21 -2.79 23.35
CA ILE D 245 10.32 -4.23 23.57
C ILE D 245 10.13 -4.50 25.06
N ALA D 246 9.20 -5.40 25.37
CA ALA D 246 8.94 -5.82 26.74
C ALA D 246 9.32 -7.28 26.91
N LEU D 247 9.99 -7.60 28.01
CA LEU D 247 10.53 -8.94 28.26
C LEU D 247 9.89 -9.55 29.49
N GLY D 248 9.96 -10.87 29.56
CA GLY D 248 9.37 -11.63 30.65
C GLY D 248 10.31 -11.79 31.82
N LYS D 249 10.05 -12.82 32.62
CA LYS D 249 10.75 -13.07 33.86
C LYS D 249 11.63 -14.30 33.72
N ILE D 250 12.84 -14.23 34.28
CA ILE D 250 13.79 -15.34 34.20
C ILE D 250 13.15 -16.60 34.76
N GLY D 251 13.26 -17.69 34.01
CA GLY D 251 12.53 -18.92 34.28
C GLY D 251 11.52 -19.25 33.22
N TYR D 252 11.23 -18.31 32.31
CA TYR D 252 10.33 -18.52 31.19
C TYR D 252 11.05 -18.11 29.92
N LYS D 253 10.53 -18.58 28.78
CA LYS D 253 11.25 -18.41 27.53
C LYS D 253 11.29 -16.95 27.08
N ASN D 254 10.23 -16.19 27.35
CA ASN D 254 10.15 -14.81 26.87
C ASN D 254 10.90 -13.85 27.77
N ALA D 255 11.95 -14.33 28.45
CA ALA D 255 12.68 -13.51 29.40
C ALA D 255 13.90 -12.83 28.78
N ILE D 256 14.59 -13.52 27.87
CA ILE D 256 15.82 -13.02 27.28
C ILE D 256 15.65 -12.91 25.78
N SER D 257 15.95 -11.73 25.25
CA SER D 257 16.01 -11.49 23.81
C SER D 257 17.39 -10.92 23.47
N TYR D 258 17.63 -10.69 22.18
CA TYR D 258 18.95 -10.28 21.72
C TYR D 258 18.82 -9.21 20.65
N LEU D 259 19.65 -8.17 20.76
CA LEU D 259 19.70 -7.08 19.80
C LEU D 259 20.99 -7.18 19.01
N ASP D 260 20.88 -7.08 17.68
CA ASP D 260 22.02 -7.13 16.78
C ASP D 260 22.19 -5.73 16.21
N LEU D 261 23.04 -4.93 16.86
CA LEU D 261 23.22 -3.52 16.56
C LEU D 261 24.57 -3.29 15.87
N PRO D 262 24.68 -2.25 15.04
CA PRO D 262 25.97 -1.95 14.41
C PRO D 262 27.02 -1.57 15.44
N LEU D 263 28.26 -1.99 15.18
CA LEU D 263 29.39 -1.74 16.07
C LEU D 263 30.33 -0.76 15.37
N LYS D 264 30.16 0.53 15.67
CA LYS D 264 31.04 1.55 15.11
C LYS D 264 32.46 1.36 15.61
N GLN D 265 32.63 1.35 16.93
CA GLN D 265 33.91 1.08 17.57
C GLN D 265 33.66 0.29 18.84
N LYS D 266 34.60 -0.58 19.19
CA LYS D 266 34.51 -1.34 20.44
C LYS D 266 35.19 -0.54 21.55
N THR D 267 34.42 -0.18 22.58
CA THR D 267 34.89 0.72 23.62
C THR D 267 34.40 0.22 24.98
N ASP D 268 35.24 0.38 25.99
CA ASP D 268 34.88 -0.01 27.35
C ASP D 268 33.74 0.85 27.87
N LEU D 269 33.13 0.39 28.96
CA LEU D 269 32.04 1.12 29.60
C LEU D 269 32.53 2.47 30.09
N GLU D 270 31.83 3.53 29.72
CA GLU D 270 32.22 4.89 30.07
C GLU D 270 31.01 5.68 30.55
N TYR D 271 31.28 6.67 31.39
CA TYR D 271 30.26 7.66 31.73
C TYR D 271 29.97 8.52 30.51
N ASP D 272 28.69 8.90 30.36
CA ASP D 272 28.32 9.80 29.28
C ASP D 272 28.69 11.23 29.64
N LYS D 273 29.27 11.95 28.67
CA LYS D 273 29.77 13.29 28.95
C LYS D 273 28.64 14.27 29.20
N ASP D 274 27.57 14.20 28.42
CA ASP D 274 26.41 15.06 28.69
C ASP D 274 25.81 14.77 30.06
N TRP D 275 25.73 13.49 30.44
CA TRP D 275 25.17 13.13 31.74
C TRP D 275 26.07 13.62 32.87
N VAL D 276 27.39 13.47 32.72
CA VAL D 276 28.31 13.96 33.73
C VAL D 276 28.11 15.46 33.96
N CYS D 277 27.95 16.22 32.87
CA CYS D 277 27.72 17.66 33.01
C CYS D 277 26.41 17.96 33.73
N ASN D 278 25.36 17.17 33.45
CA ASN D 278 24.12 17.35 34.19
C ASN D 278 24.31 17.00 35.67
N LEU D 279 25.13 15.99 35.95
CA LEU D 279 25.35 15.57 37.32
C LEU D 279 26.08 16.66 38.12
N ILE D 280 27.04 17.35 37.50
CA ILE D 280 27.81 18.36 38.20
C ILE D 280 26.98 19.62 38.42
N MET D 281 26.25 20.06 37.39
CA MET D 281 25.54 21.32 37.48
C MET D 281 24.32 21.26 38.39
N THR D 282 23.79 20.06 38.65
CA THR D 282 22.66 19.92 39.57
C THR D 282 23.10 19.65 41.01
N TRP D 283 24.40 19.73 41.29
CA TRP D 283 24.88 19.46 42.64
C TRP D 283 24.20 20.30 43.73
N PRO D 284 23.91 21.60 43.55
CA PRO D 284 23.21 22.34 44.61
C PRO D 284 21.92 21.68 45.06
N ALA D 285 21.19 21.03 44.15
CA ALA D 285 19.96 20.35 44.52
C ALA D 285 20.23 19.06 45.29
N PHE D 286 21.45 18.55 45.26
CA PHE D 286 21.80 17.30 45.92
C PHE D 286 22.80 17.49 47.06
N SER D 287 23.13 18.74 47.42
CA SER D 287 24.20 18.98 48.38
C SER D 287 23.84 18.56 49.80
N ASN D 288 22.55 18.35 50.10
CA ASN D 288 22.13 17.90 51.42
C ASN D 288 22.02 16.38 51.38
N LYS D 289 23.03 15.70 51.96
CA LYS D 289 23.08 14.25 51.92
C LYS D 289 21.91 13.59 52.65
N ALA D 290 21.29 14.30 53.59
CA ALA D 290 20.20 13.71 54.36
C ALA D 290 18.89 13.71 53.61
N GLN D 291 18.69 14.64 52.68
CA GLN D 291 17.43 14.74 51.94
C GLN D 291 17.71 15.36 50.58
N PHE D 292 17.50 14.58 49.52
CA PHE D 292 17.73 15.05 48.16
C PHE D 292 16.75 14.39 47.20
N PRO D 293 16.41 15.09 46.10
CA PRO D 293 16.85 16.44 45.76
C PRO D 293 16.04 17.52 46.47
N ASP D 294 16.66 18.68 46.70
CA ASP D 294 15.96 19.85 47.23
C ASP D 294 15.30 20.54 46.05
N LEU D 295 13.99 20.37 45.92
CA LEU D 295 13.26 20.86 44.76
C LEU D 295 12.79 22.30 44.92
N SER D 296 13.23 23.00 45.96
CA SER D 296 13.18 24.45 45.93
C SER D 296 14.04 24.99 44.79
N TYR D 297 15.11 24.26 44.47
CA TYR D 297 15.84 24.50 43.22
C TYR D 297 15.02 24.00 42.04
N SER D 298 15.17 24.69 40.91
CA SER D 298 14.65 24.22 39.64
C SER D 298 15.77 23.46 38.93
N ILE D 299 15.53 22.18 38.65
CA ILE D 299 16.55 21.37 37.97
C ILE D 299 16.83 21.92 36.59
N SER D 300 15.78 22.28 35.86
CA SER D 300 15.97 22.83 34.51
C SER D 300 16.72 24.16 34.56
N GLU D 301 16.47 24.96 35.59
CA GLU D 301 17.20 26.21 35.74
C GLU D 301 18.67 25.97 36.03
N LEU D 302 18.98 24.96 36.85
CA LEU D 302 20.36 24.60 37.11
C LEU D 302 21.05 24.12 35.85
N LEU D 303 20.38 23.27 35.07
CA LEU D 303 20.96 22.77 33.83
C LEU D 303 21.09 23.86 32.77
N SER D 304 20.27 24.92 32.83
CA SER D 304 20.35 25.99 31.85
C SER D 304 21.64 26.79 31.95
N LYS D 305 22.42 26.61 33.02
CA LYS D 305 23.71 27.27 33.16
C LYS D 305 24.83 26.55 32.44
N ARG D 306 24.54 25.42 31.77
CA ARG D 306 25.57 24.70 31.04
C ARG D 306 26.02 25.49 29.81
N THR D 307 27.33 25.58 29.62
CA THR D 307 27.92 26.14 28.42
C THR D 307 28.95 25.17 27.88
N LYS D 308 29.34 25.38 26.62
CA LYS D 308 30.36 24.53 26.01
C LYS D 308 31.68 24.65 26.75
N GLU D 309 32.05 25.88 27.14
CA GLU D 309 33.31 26.10 27.85
C GLU D 309 33.27 25.45 29.22
N LEU D 310 32.14 25.56 29.93
CA LEU D 310 32.00 24.90 31.22
C LEU D 310 31.93 23.38 31.08
N ASP D 311 31.32 22.89 30.00
CA ASP D 311 31.28 21.45 29.77
C ASP D 311 32.67 20.87 29.59
N LYS D 312 33.53 21.57 28.83
CA LYS D 312 34.89 21.07 28.62
C LYS D 312 35.65 21.01 29.93
N LYS D 313 35.45 22.00 30.80
CA LYS D 313 36.15 22.02 32.08
C LYS D 313 35.63 20.92 33.00
N ILE D 314 34.33 20.63 32.96
CA ILE D 314 33.76 19.59 33.80
C ILE D 314 34.33 18.23 33.42
N ILE D 315 34.37 17.94 32.12
CA ILE D 315 34.91 16.67 31.66
C ILE D 315 36.39 16.54 32.04
N GLU D 316 37.13 17.65 31.95
CA GLU D 316 38.54 17.63 32.33
C GLU D 316 38.72 17.22 33.78
N LEU D 317 37.96 17.84 34.68
CA LEU D 317 38.11 17.54 36.11
C LEU D 317 37.55 16.16 36.44
N TRP D 318 36.47 15.75 35.77
CA TRP D 318 35.93 14.41 36.01
C TRP D 318 36.92 13.35 35.61
N GLU D 319 37.57 13.52 34.45
CA GLU D 319 38.57 12.56 34.00
C GLU D 319 39.77 12.50 34.93
N LYS D 320 40.05 13.57 35.67
CA LYS D 320 41.17 13.61 36.61
C LYS D 320 40.84 12.87 37.90
N TYR D 321 39.71 13.18 38.51
CA TYR D 321 39.38 12.62 39.82
C TYR D 321 38.66 11.29 39.75
N ILE D 322 37.84 11.06 38.72
CA ILE D 322 37.04 9.85 38.61
C ILE D 322 37.43 9.02 37.39
N GLY D 323 37.58 9.66 36.24
CA GLY D 323 37.91 8.98 35.02
C GLY D 323 36.68 8.70 34.17
N LEU D 324 36.87 8.77 32.85
CA LEU D 324 35.75 8.48 31.95
C LEU D 324 35.39 7.00 31.95
N LYS D 325 36.38 6.12 32.09
CA LYS D 325 36.09 4.70 32.21
C LYS D 325 35.37 4.41 33.52
N ILE D 326 34.35 3.57 33.45
CA ILE D 326 33.67 3.09 34.65
C ILE D 326 34.42 1.86 35.13
N ILE D 327 35.19 2.01 36.20
CA ILE D 327 36.07 0.96 36.70
C ILE D 327 35.44 0.34 37.93
N TYR D 328 35.95 -0.84 38.28
CA TYR D 328 35.38 -1.59 39.40
C TYR D 328 35.85 -1.01 40.74
N ASP D 329 34.91 -0.93 41.68
CA ASP D 329 35.17 -0.42 43.03
C ASP D 329 34.45 -1.35 44.00
N SER D 330 35.18 -1.92 44.95
CA SER D 330 34.61 -2.86 45.91
C SER D 330 34.49 -2.27 47.31
N ASP D 331 34.60 -0.95 47.44
CA ASP D 331 34.28 -0.33 48.72
C ASP D 331 32.83 -0.58 49.07
N THR D 332 32.53 -0.59 50.36
CA THR D 332 31.15 -0.73 50.79
C THR D 332 30.32 0.42 50.22
N PHE D 333 29.05 0.13 49.93
CA PHE D 333 28.23 1.06 49.16
C PHE D 333 28.03 2.38 49.90
N ASP D 334 28.09 2.37 51.23
CA ASP D 334 28.00 3.63 51.97
C ASP D 334 29.25 4.48 51.77
N ILE D 335 30.40 3.85 51.51
CA ILE D 335 31.61 4.61 51.20
C ILE D 335 31.53 5.16 49.79
N GLN D 336 31.07 4.35 48.83
CA GLN D 336 30.95 4.83 47.45
C GLN D 336 29.97 5.98 47.34
N PHE D 337 28.90 5.96 48.15
CA PHE D 337 27.99 7.10 48.22
C PHE D 337 28.75 8.39 48.55
N THR D 338 29.46 8.38 49.68
CA THR D 338 30.20 9.57 50.11
C THR D 338 31.29 9.93 49.11
N SER D 339 32.00 8.93 48.58
CA SER D 339 33.14 9.19 47.71
C SER D 339 32.70 9.89 46.42
N ARG D 340 31.69 9.34 45.75
CA ARG D 340 31.26 9.92 44.48
C ARG D 340 30.72 11.33 44.67
N ARG D 341 29.97 11.56 45.75
CA ARG D 341 29.47 12.90 46.05
C ARG D 341 30.61 13.85 46.38
N PHE D 342 31.68 13.35 47.01
CA PHE D 342 32.82 14.20 47.33
C PHE D 342 33.44 14.79 46.07
N TYR D 343 33.57 13.98 45.02
CA TYR D 343 34.21 14.46 43.80
C TYR D 343 33.26 15.26 42.92
N ILE D 344 31.95 14.96 42.97
CA ILE D 344 30.98 15.81 42.30
C ILE D 344 31.01 17.21 42.90
N GLU D 345 31.01 17.28 44.24
CA GLU D 345 31.08 18.57 44.92
C GLU D 345 32.40 19.28 44.64
N LYS D 346 33.50 18.52 44.65
CA LYS D 346 34.81 19.12 44.40
C LYS D 346 34.87 19.76 43.01
N ILE D 347 34.31 19.08 42.01
CA ILE D 347 34.33 19.62 40.65
C ILE D 347 33.45 20.85 40.55
N TYR D 348 32.25 20.81 41.15
CA TYR D 348 31.34 21.96 41.08
C TYR D 348 31.99 23.20 41.69
N ASN D 349 32.64 23.05 42.85
CA ASN D 349 33.25 24.21 43.50
C ASN D 349 34.45 24.74 42.73
N GLU D 350 35.10 23.91 41.92
CA GLU D 350 36.20 24.39 41.09
C GLU D 350 35.73 25.19 39.88
N LEU D 351 34.46 25.06 39.49
CA LEU D 351 33.95 25.78 38.34
C LEU D 351 33.78 27.27 38.61
N ASN D 352 33.62 27.66 39.88
CA ASN D 352 33.43 29.05 40.30
C ASN D 352 32.18 29.66 39.65
N ILE D 353 31.03 29.23 40.18
CA ILE D 353 29.75 29.73 39.73
C ILE D 353 28.80 29.92 40.91
N GLN E 5 -12.24 54.32 3.89
CA GLN E 5 -11.80 53.27 2.98
C GLN E 5 -11.23 52.09 3.76
N ILE E 6 -11.87 50.93 3.65
CA ILE E 6 -11.51 49.75 4.42
C ILE E 6 -11.11 48.63 3.45
N GLN E 7 -10.49 47.60 4.00
CA GLN E 7 -10.12 46.40 3.27
C GLN E 7 -10.74 45.18 3.92
N HIS E 8 -11.12 44.21 3.09
CA HIS E 8 -11.79 43.01 3.55
C HIS E 8 -10.82 41.83 3.48
N ILE E 9 -10.49 41.27 4.64
CA ILE E 9 -9.53 40.19 4.76
C ILE E 9 -10.28 38.93 5.18
N ALA E 10 -10.08 37.86 4.43
CA ALA E 10 -10.66 36.55 4.79
C ALA E 10 -9.69 35.83 5.70
N ILE E 11 -10.21 35.36 6.85
CA ILE E 11 -9.44 34.56 7.80
C ILE E 11 -10.03 33.16 7.83
N VAL E 12 -9.16 32.15 7.76
CA VAL E 12 -9.58 30.76 7.56
C VAL E 12 -8.95 29.91 8.65
N GLY E 13 -9.71 28.95 9.15
CA GLY E 13 -9.20 27.99 10.11
C GLY E 13 -8.41 26.88 9.46
N CYS E 14 -8.75 25.64 9.76
CA CYS E 14 -8.05 24.48 9.20
C CYS E 14 -8.55 24.22 7.78
N VAL E 15 -7.61 24.09 6.84
CA VAL E 15 -7.95 23.73 5.47
C VAL E 15 -8.01 22.22 5.29
N HIS E 16 -6.98 21.51 5.79
CA HIS E 16 -6.89 20.06 5.68
C HIS E 16 -7.03 19.59 4.24
N GLY E 17 -6.37 20.29 3.33
CA GLY E 17 -6.30 19.87 1.95
C GLY E 17 -7.51 20.18 1.09
N LYS E 18 -8.52 20.85 1.64
CA LYS E 18 -9.73 21.18 0.88
C LYS E 18 -9.62 22.58 0.30
N TYR E 19 -8.70 22.74 -0.65
CA TYR E 19 -8.42 24.06 -1.21
C TYR E 19 -9.52 24.49 -2.17
N ARG E 20 -9.96 23.59 -3.05
CA ARG E 20 -11.03 23.95 -3.99
C ARG E 20 -12.31 24.34 -3.26
N GLU E 21 -12.62 23.65 -2.16
CA GLU E 21 -13.80 23.99 -1.39
CA GLU E 21 -13.81 24.00 -1.39
C GLU E 21 -13.62 25.34 -0.68
N MET E 22 -12.41 25.62 -0.20
CA MET E 22 -12.16 26.89 0.47
C MET E 22 -12.34 28.06 -0.48
N TYR E 23 -11.68 28.00 -1.65
CA TYR E 23 -11.81 29.09 -2.61
C TYR E 23 -13.20 29.18 -3.20
N ARG E 24 -13.97 28.10 -3.17
CA ARG E 24 -15.36 28.18 -3.60
C ARG E 24 -16.19 29.03 -2.63
N GLN E 25 -16.00 28.82 -1.32
CA GLN E 25 -16.73 29.63 -0.34
C GLN E 25 -16.31 31.08 -0.40
N LEU E 26 -15.03 31.35 -0.64
CA LEU E 26 -14.56 32.72 -0.74
C LEU E 26 -15.13 33.43 -1.96
N SER E 27 -15.34 32.71 -3.07
CA SER E 27 -15.95 33.31 -4.24
C SER E 27 -17.41 33.68 -3.99
N GLU E 28 -18.12 32.89 -3.18
CA GLU E 28 -19.52 33.18 -2.90
C GLU E 28 -19.67 34.39 -1.99
N TYR E 29 -18.66 34.64 -1.13
CA TYR E 29 -18.70 35.85 -0.31
C TYR E 29 -18.58 37.09 -1.17
N GLU E 30 -17.67 37.09 -2.16
CA GLU E 30 -17.58 38.21 -3.08
C GLU E 30 -18.83 38.32 -3.94
N LYS E 31 -19.39 37.18 -4.36
CA LYS E 31 -20.55 37.19 -5.24
C LYS E 31 -21.79 37.71 -4.50
N SER E 32 -22.06 37.18 -3.31
CA SER E 32 -23.30 37.51 -2.62
C SER E 32 -23.23 38.90 -2.01
N THR E 33 -22.25 39.13 -1.13
CA THR E 33 -22.17 40.39 -0.40
C THR E 33 -21.81 41.56 -1.31
N GLY E 34 -21.15 41.30 -2.43
CA GLY E 34 -20.65 42.35 -3.29
C GLY E 34 -19.31 42.92 -2.89
N LYS E 35 -18.86 42.66 -1.67
CA LYS E 35 -17.53 43.08 -1.25
C LYS E 35 -16.46 42.28 -1.97
N GLU E 36 -15.23 42.79 -1.96
CA GLU E 36 -14.10 42.10 -2.54
C GLU E 36 -13.06 41.80 -1.48
N ILE E 37 -12.37 40.67 -1.65
CA ILE E 37 -11.35 40.23 -0.71
C ILE E 37 -10.00 40.77 -1.13
N SER E 38 -9.29 41.38 -0.19
CA SER E 38 -7.93 41.82 -0.46
C SER E 38 -6.97 40.63 -0.49
N PHE E 39 -6.91 39.87 0.60
CA PHE E 39 -6.06 38.68 0.66
C PHE E 39 -6.65 37.73 1.69
N VAL E 40 -6.07 36.53 1.75
CA VAL E 40 -6.58 35.45 2.59
C VAL E 40 -5.52 35.06 3.61
N ILE E 41 -5.97 34.69 4.80
CA ILE E 41 -5.11 34.28 5.91
C ILE E 41 -5.62 32.96 6.47
N CYS E 42 -4.74 31.97 6.54
CA CYS E 42 -5.08 30.63 7.03
C CYS E 42 -4.21 30.29 8.24
N THR E 43 -4.79 29.61 9.21
CA THR E 43 -4.15 29.37 10.50
C THR E 43 -3.49 28.00 10.61
N GLY E 44 -3.33 27.27 9.51
CA GLY E 44 -2.53 26.06 9.52
C GLY E 44 -3.31 24.84 9.09
N ASP E 45 -2.66 23.68 9.26
CA ASP E 45 -3.13 22.40 8.75
C ASP E 45 -3.45 22.50 7.25
N MET E 46 -2.44 22.92 6.51
CA MET E 46 -2.58 23.17 5.07
C MET E 46 -2.38 21.93 4.22
N GLN E 47 -1.54 21.00 4.67
CA GLN E 47 -1.27 19.75 3.96
C GLN E 47 -0.82 20.02 2.52
N THR E 48 0.28 20.75 2.40
CA THR E 48 0.83 21.13 1.10
C THR E 48 1.74 20.03 0.56
N LEU E 49 1.14 18.87 0.32
CA LEU E 49 1.86 17.72 -0.22
C LEU E 49 2.02 17.88 -1.73
N ARG E 50 3.27 18.00 -2.19
CA ARG E 50 3.52 18.19 -3.62
C ARG E 50 3.17 16.94 -4.41
N TYR E 51 3.58 15.78 -3.92
CA TYR E 51 3.36 14.52 -4.62
C TYR E 51 3.24 13.40 -3.61
N GLU E 52 3.07 12.17 -4.10
CA GLU E 52 2.80 11.03 -3.24
C GLU E 52 3.87 10.84 -2.18
N ALA E 53 5.14 11.11 -2.53
CA ALA E 53 6.23 10.85 -1.61
C ALA E 53 6.13 11.69 -0.34
N ASP E 54 5.45 12.83 -0.42
CA ASP E 54 5.32 13.68 0.75
C ASP E 54 4.37 13.11 1.80
N LEU E 55 3.57 12.09 1.46
CA LEU E 55 2.69 11.47 2.44
C LEU E 55 3.46 10.95 3.66
N VAL E 56 4.74 10.65 3.48
CA VAL E 56 5.58 10.18 4.58
C VAL E 56 5.59 11.20 5.72
N TYR E 57 5.58 12.49 5.40
CA TYR E 57 5.77 13.54 6.39
C TYR E 57 4.45 14.10 6.93
N LEU E 58 3.31 13.52 6.56
CA LEU E 58 2.02 13.97 7.05
C LEU E 58 1.65 13.16 8.29
N LYS E 59 1.71 13.80 9.45
CA LYS E 59 1.49 13.12 10.74
C LYS E 59 0.00 13.15 11.04
N VAL E 60 -0.72 12.15 10.54
CA VAL E 60 -2.16 12.02 10.74
C VAL E 60 -2.50 10.56 10.95
N PRO E 61 -3.68 10.28 11.50
CA PRO E 61 -4.13 8.89 11.56
C PRO E 61 -4.32 8.33 10.17
N PRO E 62 -4.23 7.00 10.02
CA PRO E 62 -4.26 6.40 8.67
C PRO E 62 -5.45 6.79 7.82
N LYS E 63 -6.63 6.99 8.42
CA LYS E 63 -7.81 7.37 7.65
C LYS E 63 -7.65 8.72 6.94
N TYR E 64 -6.67 9.53 7.35
CA TYR E 64 -6.44 10.84 6.75
C TYR E 64 -5.16 10.89 5.93
N LYS E 65 -4.55 9.74 5.62
CA LYS E 65 -3.37 9.70 4.75
C LYS E 65 -3.84 9.92 3.31
N GLN E 66 -4.10 11.19 3.00
CA GLN E 66 -4.68 11.57 1.72
C GLN E 66 -3.91 12.75 1.14
N MET E 67 -3.96 12.87 -0.19
CA MET E 67 -3.21 13.93 -0.86
C MET E 67 -3.90 15.28 -0.71
N GLY E 68 -5.23 15.31 -0.80
CA GLY E 68 -5.94 16.57 -0.79
C GLY E 68 -5.85 17.26 -2.14
N ASP E 69 -6.11 18.56 -2.13
CA ASP E 69 -6.19 19.34 -3.36
C ASP E 69 -4.91 20.09 -3.70
N PHE E 70 -3.97 20.23 -2.76
CA PHE E 70 -2.85 21.14 -2.98
C PHE E 70 -2.06 20.80 -4.23
N HIS E 71 -1.83 19.51 -4.48
CA HIS E 71 -1.01 19.12 -5.62
C HIS E 71 -1.60 19.64 -6.93
N LEU E 72 -2.92 19.80 -7.00
CA LEU E 72 -3.52 20.40 -8.19
C LEU E 72 -3.01 21.82 -8.42
N TYR E 73 -2.84 22.59 -7.34
CA TYR E 73 -2.30 23.93 -7.46
C TYR E 73 -0.79 23.91 -7.65
N TYR E 74 -0.11 22.95 -7.03
CA TYR E 74 1.34 22.82 -7.22
C TYR E 74 1.68 22.47 -8.66
N GLU E 75 0.85 21.64 -9.30
N GLU E 75 0.85 21.65 -9.32
CA GLU E 75 1.05 21.26 -10.69
CA GLU E 75 1.09 21.28 -10.70
C GLU E 75 0.61 22.35 -11.66
C GLU E 75 0.51 22.28 -11.70
N GLY E 76 -0.25 23.27 -11.23
CA GLY E 76 -0.79 24.29 -12.10
C GLY E 76 -2.16 23.99 -12.67
N LYS E 77 -2.74 22.84 -12.35
CA LYS E 77 -4.08 22.52 -12.84
C LYS E 77 -5.12 23.49 -12.27
N GLU E 78 -4.95 23.91 -11.03
CA GLU E 78 -5.80 24.90 -10.40
C GLU E 78 -4.98 26.13 -10.04
N LYS E 79 -5.65 27.28 -9.99
CA LYS E 79 -4.98 28.54 -9.72
C LYS E 79 -5.70 29.24 -8.56
N ALA E 80 -4.96 29.54 -7.50
CA ALA E 80 -5.52 30.21 -6.34
C ALA E 80 -5.97 31.61 -6.72
N PRO E 81 -7.26 31.95 -6.62
CA PRO E 81 -7.73 33.27 -7.06
C PRO E 81 -7.41 34.41 -6.09
N TYR E 82 -6.90 34.11 -4.90
CA TYR E 82 -6.55 35.13 -3.93
C TYR E 82 -5.18 34.86 -3.36
N LEU E 83 -4.46 35.94 -3.05
CA LEU E 83 -3.21 35.82 -2.32
C LEU E 83 -3.47 35.21 -0.94
N THR E 84 -2.84 34.08 -0.66
CA THR E 84 -3.11 33.30 0.53
C THR E 84 -1.84 33.21 1.38
N LEU E 85 -1.88 33.82 2.55
CA LEU E 85 -0.78 33.74 3.51
C LEU E 85 -1.15 32.74 4.59
N PHE E 86 -0.22 31.85 4.94
CA PHE E 86 -0.56 30.81 5.90
C PHE E 86 0.65 30.45 6.74
N ILE E 87 0.36 29.83 7.89
CA ILE E 87 1.35 29.25 8.75
C ILE E 87 1.17 27.73 8.72
N GLY E 88 2.09 27.03 9.39
CA GLY E 88 1.98 25.60 9.51
C GLY E 88 1.26 25.19 10.78
N GLY E 89 0.56 24.07 10.72
CA GLY E 89 -0.09 23.51 11.89
C GLY E 89 0.58 22.22 12.33
N ASN E 90 -0.23 21.20 12.63
CA ASN E 90 0.30 19.88 12.96
C ASN E 90 0.09 18.86 11.84
N ALA E 91 -0.89 19.07 10.97
CA ALA E 91 -1.12 18.21 9.80
C ALA E 91 -0.53 18.92 8.60
N GLU E 92 0.75 18.66 8.31
CA GLU E 92 1.47 19.37 7.27
C GLU E 92 2.39 18.41 6.54
N SER E 93 2.79 18.83 5.34
CA SER E 93 3.94 18.23 4.66
C SER E 93 5.17 18.86 5.30
N SER E 94 5.56 18.29 6.45
CA SER E 94 6.54 18.94 7.32
C SER E 94 7.90 19.11 6.63
N ASN E 95 8.23 18.22 5.68
CA ASN E 95 9.47 18.39 4.94
C ASN E 95 9.45 19.66 4.10
N VAL E 96 8.29 19.96 3.49
CA VAL E 96 8.16 21.17 2.69
C VAL E 96 8.39 22.41 3.55
N LEU E 97 7.76 22.45 4.72
CA LEU E 97 7.83 23.64 5.56
C LEU E 97 9.21 23.82 6.18
N LEU E 98 9.94 22.72 6.41
CA LEU E 98 11.31 22.85 6.91
C LEU E 98 12.24 23.40 5.84
N HIS E 99 12.07 22.95 4.59
CA HIS E 99 12.79 23.57 3.48
C HIS E 99 12.53 25.07 3.43
N LEU E 100 11.28 25.47 3.71
CA LEU E 100 10.85 26.86 3.65
C LEU E 100 10.73 27.48 5.04
N TYR E 101 11.61 27.11 5.97
CA TYR E 101 11.51 27.64 7.33
C TYR E 101 11.72 29.15 7.37
N ASN E 102 12.42 29.71 6.39
CA ASN E 102 12.50 31.16 6.21
C ASN E 102 11.38 31.71 5.35
N GLY E 103 10.30 30.95 5.18
CA GLY E 103 9.18 31.38 4.36
C GLY E 103 9.40 31.12 2.89
N GLY E 104 8.32 31.23 2.12
CA GLY E 104 8.40 31.07 0.69
C GLY E 104 7.06 30.70 0.10
N PHE E 105 6.96 30.90 -1.21
CA PHE E 105 5.77 30.48 -1.96
C PHE E 105 5.84 28.99 -2.21
N VAL E 106 4.82 28.26 -1.74
CA VAL E 106 4.72 26.84 -2.07
C VAL E 106 4.15 26.64 -3.47
N CYS E 107 3.40 27.63 -3.97
CA CYS E 107 2.90 27.67 -5.35
C CYS E 107 2.39 29.09 -5.56
N PHE E 108 1.80 29.32 -6.73
CA PHE E 108 1.32 30.67 -7.06
C PHE E 108 0.24 31.11 -6.09
N ASN E 109 0.43 32.30 -5.51
CA ASN E 109 -0.52 32.99 -4.63
C ASN E 109 -0.69 32.32 -3.28
N MET E 110 0.18 31.39 -2.90
CA MET E 110 0.16 30.77 -1.58
C MET E 110 1.53 30.96 -0.94
N TYR E 111 1.61 31.83 0.06
CA TYR E 111 2.88 32.16 0.71
C TYR E 111 2.90 31.59 2.13
N TYR E 112 3.92 30.77 2.40
CA TYR E 112 4.17 30.27 3.74
C TYR E 112 5.05 31.25 4.50
N LEU E 113 4.66 31.56 5.74
CA LEU E 113 5.38 32.55 6.52
C LEU E 113 6.60 31.97 7.25
N GLY E 114 6.81 30.67 7.18
CA GLY E 114 7.96 30.08 7.83
C GLY E 114 7.66 29.55 9.23
N VAL E 115 8.73 29.11 9.89
CA VAL E 115 8.64 28.78 11.31
C VAL E 115 8.01 29.94 12.08
N CYS E 116 8.50 31.14 11.80
CA CYS E 116 7.91 32.38 12.27
C CYS E 116 8.51 33.51 11.46
N SER E 117 7.73 34.57 11.28
CA SER E 117 8.20 35.77 10.58
C SER E 117 7.15 36.85 10.73
N CYS E 118 7.47 38.02 10.19
CA CYS E 118 6.56 39.15 10.10
C CYS E 118 6.60 39.66 8.66
N ILE E 119 5.44 39.94 8.08
CA ILE E 119 5.34 40.45 6.73
C ILE E 119 4.57 41.77 6.75
N ASN E 120 4.63 42.49 5.64
CA ASN E 120 3.91 43.74 5.45
C ASN E 120 3.00 43.62 4.23
N ILE E 121 1.78 44.14 4.36
CA ILE E 121 0.84 44.18 3.25
C ILE E 121 -0.29 45.15 3.59
N ASN E 122 -0.57 46.08 2.67
CA ASN E 122 -1.64 47.06 2.83
C ASN E 122 -1.52 47.85 4.13
N GLY E 123 -0.28 48.23 4.46
CA GLY E 123 -0.04 48.97 5.68
C GLY E 123 -0.17 48.19 6.97
N LEU E 124 -0.30 46.86 6.88
CA LEU E 124 -0.45 46.00 8.04
C LEU E 124 0.82 45.20 8.27
N ARG E 125 1.10 44.91 9.54
CA ARG E 125 2.21 44.03 9.93
C ARG E 125 1.61 42.76 10.51
N ILE E 126 1.94 41.62 9.90
CA ILE E 126 1.31 40.34 10.24
C ILE E 126 2.39 39.37 10.69
N VAL E 127 2.23 38.84 11.90
CA VAL E 127 3.17 37.88 12.49
C VAL E 127 2.54 36.49 12.44
N GLY E 128 3.35 35.49 12.12
CA GLY E 128 2.90 34.11 12.11
C GLY E 128 3.79 33.24 12.99
N VAL E 129 3.16 32.28 13.66
CA VAL E 129 3.85 31.32 14.51
C VAL E 129 3.31 29.93 14.15
N SER E 130 4.18 29.08 13.61
CA SER E 130 3.76 27.79 13.10
C SER E 130 3.84 26.70 14.17
N GLY E 131 3.06 25.64 13.96
CA GLY E 131 3.13 24.45 14.77
C GLY E 131 2.20 24.47 15.98
N ILE E 132 2.25 23.37 16.73
CA ILE E 132 1.54 23.25 18.00
C ILE E 132 2.54 22.90 19.09
N TYR E 133 2.14 23.15 20.33
CA TYR E 133 3.05 23.06 21.46
C TYR E 133 3.08 21.64 22.03
N LYS E 134 4.30 21.13 22.22
CA LYS E 134 4.53 19.93 23.02
C LYS E 134 5.77 20.20 23.87
N SER E 135 5.61 20.09 25.19
CA SER E 135 6.68 20.51 26.10
C SER E 135 7.97 19.72 25.88
N PHE E 136 7.86 18.45 25.48
CA PHE E 136 9.04 17.60 25.35
C PHE E 136 9.84 17.89 24.08
N ASP E 137 9.35 18.75 23.18
CA ASP E 137 10.06 19.06 21.96
C ASP E 137 10.39 20.55 21.80
N GLU E 138 10.01 21.40 22.76
CA GLU E 138 10.19 22.83 22.57
C GLU E 138 11.66 23.26 22.61
N LYS E 139 12.54 22.48 23.23
CA LYS E 139 13.96 22.78 23.27
C LYS E 139 14.74 22.01 22.21
N LYS E 140 14.06 21.27 21.35
CA LYS E 140 14.71 20.41 20.38
C LYS E 140 15.09 21.21 19.13
N PRO E 141 16.30 21.03 18.60
CA PRO E 141 16.68 21.71 17.37
C PRO E 141 16.08 21.04 16.15
N TYR E 142 16.10 21.79 15.03
CA TYR E 142 15.76 21.23 13.74
C TYR E 142 16.99 20.57 13.13
N THR E 143 16.77 19.41 12.51
CA THR E 143 17.83 18.70 11.79
C THR E 143 17.49 18.68 10.31
N TYR E 144 18.47 19.01 9.47
CA TYR E 144 18.25 19.14 8.05
C TYR E 144 19.30 18.34 7.29
N PRO E 145 18.91 17.70 6.17
CA PRO E 145 17.59 17.67 5.52
C PRO E 145 16.54 16.89 6.31
N PRO E 146 15.26 17.12 6.02
CA PRO E 146 14.21 16.42 6.77
C PRO E 146 14.31 14.92 6.61
N SER E 147 14.01 14.21 7.69
CA SER E 147 14.10 12.76 7.75
C SER E 147 12.77 12.17 8.17
N PRO E 148 12.40 11.00 7.64
CA PRO E 148 11.16 10.34 8.08
C PRO E 148 11.14 10.03 9.57
N ASN E 149 12.29 9.96 10.22
CA ASN E 149 12.34 9.74 11.66
C ASN E 149 11.83 10.94 12.46
N ASP E 150 11.67 12.10 11.82
CA ASP E 150 11.27 13.33 12.50
C ASP E 150 9.84 13.74 12.18
N VAL E 151 9.05 12.87 11.54
CA VAL E 151 7.69 13.24 11.18
CA VAL E 151 7.67 13.22 11.19
C VAL E 151 6.85 13.53 12.43
N VAL E 152 7.17 12.89 13.56
CA VAL E 152 6.40 13.10 14.78
C VAL E 152 6.81 14.34 15.54
N SER E 153 7.87 15.03 15.13
CA SER E 153 8.39 16.15 15.89
C SER E 153 8.59 17.44 15.09
N LEU E 154 8.54 17.39 13.75
CA LEU E 154 8.90 18.57 12.96
C LEU E 154 7.94 19.72 13.17
N PHE E 155 6.67 19.44 13.50
CA PHE E 155 5.65 20.47 13.61
C PHE E 155 5.46 20.97 15.03
N HIS E 156 6.32 20.58 15.97
CA HIS E 156 6.20 21.06 17.34
C HIS E 156 6.89 22.41 17.47
N THR E 157 6.18 23.38 18.02
CA THR E 157 6.70 24.75 18.11
C THR E 157 7.89 24.80 19.06
N ARG E 158 8.97 25.42 18.59
CA ARG E 158 10.18 25.57 19.39
C ARG E 158 10.11 26.83 20.24
N ASN E 159 10.70 26.75 21.43
CA ASN E 159 10.67 27.87 22.37
C ASN E 159 11.41 29.10 21.82
N TYR E 160 12.39 28.89 20.93
CA TYR E 160 13.26 30.01 20.54
C TYR E 160 12.54 31.05 19.71
N VAL E 161 11.40 30.72 19.10
CA VAL E 161 10.66 31.71 18.32
C VAL E 161 10.21 32.88 19.19
N ILE E 162 10.12 32.68 20.50
CA ILE E 162 9.81 33.77 21.41
C ILE E 162 10.86 34.87 21.30
N GLN E 163 12.14 34.48 21.38
CA GLN E 163 13.22 35.46 21.29
C GLN E 163 13.38 36.03 19.89
N MET E 164 12.93 35.30 18.85
CA MET E 164 13.02 35.82 17.49
C MET E 164 11.99 36.93 17.24
N LEU E 165 10.86 36.90 17.95
CA LEU E 165 9.75 37.81 17.68
C LEU E 165 9.54 38.89 18.73
N SER E 166 10.29 38.87 19.83
CA SER E 166 9.93 39.67 20.99
C SER E 166 10.08 41.18 20.77
N ASN E 167 10.99 41.60 19.89
CA ASN E 167 11.23 43.02 19.71
C ASN E 167 10.43 43.62 18.56
N LEU E 168 9.57 42.84 17.91
CA LEU E 168 8.92 43.29 16.69
C LEU E 168 7.84 44.35 16.91
N SER E 169 7.50 44.67 18.16
CA SER E 169 6.46 45.66 18.45
C SER E 169 7.04 46.96 18.99
N GLN E 170 8.36 47.14 18.94
CA GLN E 170 8.98 48.33 19.50
C GLN E 170 8.88 49.52 18.55
N SER E 171 9.04 49.29 17.24
CA SER E 171 8.94 50.37 16.27
C SER E 171 7.47 50.74 16.02
N SER E 172 6.63 49.74 15.79
CA SER E 172 5.21 49.97 15.60
C SER E 172 4.47 48.72 16.07
N GLN E 173 3.16 48.85 16.23
CA GLN E 173 2.36 47.76 16.77
C GLN E 173 2.01 46.75 15.69
N ILE E 174 1.98 45.48 16.07
CA ILE E 174 1.61 44.40 15.15
C ILE E 174 0.09 44.37 15.02
N ASP E 175 -0.39 44.38 13.77
CA ASP E 175 -1.83 44.37 13.54
C ASP E 175 -2.43 42.99 13.80
N ILE E 176 -1.91 41.96 13.13
CA ILE E 176 -2.44 40.62 13.21
C ILE E 176 -1.33 39.65 13.55
N SER E 177 -1.63 38.67 14.39
CA SER E 177 -0.71 37.58 14.69
C SER E 177 -1.43 36.25 14.48
N LEU E 178 -0.68 35.25 14.02
CA LEU E 178 -1.25 33.96 13.63
C LEU E 178 -0.58 32.82 14.40
N SER E 179 -1.41 31.94 14.96
CA SER E 179 -0.94 30.68 15.52
C SER E 179 -1.93 29.60 15.12
N HIS E 180 -1.51 28.34 15.23
CA HIS E 180 -2.42 27.22 14.94
C HIS E 180 -3.22 26.88 16.20
N ASP E 181 -2.56 26.34 17.21
CA ASP E 181 -3.23 26.11 18.47
C ASP E 181 -3.38 27.42 19.24
N TRP E 182 -4.31 27.42 20.20
CA TRP E 182 -4.65 28.65 20.89
C TRP E 182 -3.55 29.06 21.86
N PRO E 183 -3.41 30.35 22.14
CA PRO E 183 -2.55 30.78 23.25
C PRO E 183 -3.08 30.20 24.56
N GLN E 184 -2.16 29.72 25.40
CA GLN E 184 -2.56 29.06 26.63
C GLN E 184 -3.29 30.04 27.54
N GLY E 185 -4.45 29.60 28.05
CA GLY E 185 -5.24 30.40 28.96
C GLY E 185 -6.28 31.29 28.31
N ILE E 186 -6.22 31.49 26.99
CA ILE E 186 -7.14 32.41 26.33
C ILE E 186 -8.59 31.94 26.43
N VAL E 187 -8.80 30.64 26.66
CA VAL E 187 -10.17 30.12 26.76
C VAL E 187 -10.90 30.77 27.93
N MET E 188 -10.18 31.06 29.02
CA MET E 188 -10.80 31.67 30.19
C MET E 188 -11.17 33.13 29.98
N LYS E 189 -10.70 33.76 28.91
CA LYS E 189 -10.95 35.17 28.67
C LYS E 189 -12.15 35.41 27.76
N GLY E 190 -12.92 34.36 27.47
CA GLY E 190 -14.17 34.51 26.74
C GLY E 190 -15.32 33.88 27.48
N ASN E 191 -16.36 33.49 26.77
CA ASN E 191 -17.52 32.83 27.39
C ASN E 191 -17.25 31.32 27.45
N TYR E 192 -16.34 30.95 28.35
CA TYR E 192 -15.90 29.56 28.44
C TYR E 192 -16.99 28.64 28.94
N LYS E 193 -17.96 29.17 29.71
CA LYS E 193 -19.05 28.33 30.18
C LYS E 193 -19.91 27.87 29.01
N GLN E 194 -20.13 28.72 28.02
CA GLN E 194 -20.91 28.31 26.86
C GLN E 194 -20.07 27.50 25.87
N LEU E 195 -18.76 27.72 25.86
CA LEU E 195 -17.88 26.87 25.06
C LEU E 195 -17.88 25.44 25.59
N TYR E 196 -17.90 25.29 26.92
CA TYR E 196 -17.88 23.96 27.51
C TYR E 196 -19.20 23.22 27.29
N ARG E 197 -20.31 23.94 27.12
CA ARG E 197 -21.58 23.29 26.89
C ARG E 197 -21.70 22.71 25.49
N PHE E 198 -20.94 23.23 24.53
CA PHE E 198 -20.95 22.70 23.18
C PHE E 198 -19.64 22.05 22.77
N GLN E 199 -18.61 22.12 23.63
CA GLN E 199 -17.35 21.41 23.43
C GLN E 199 -16.93 20.82 24.77
N PRO E 200 -17.69 19.85 25.29
CA PRO E 200 -17.45 19.40 26.68
C PRO E 200 -16.09 18.78 26.90
N GLY E 201 -15.40 18.34 25.85
CA GLY E 201 -14.06 17.80 26.03
C GLY E 201 -13.03 18.83 26.44
N PHE E 202 -13.30 20.12 26.21
CA PHE E 202 -12.36 21.17 26.57
C PHE E 202 -12.32 21.43 28.07
N LYS E 203 -13.36 21.01 28.80
CA LYS E 203 -13.49 21.39 30.20
C LYS E 203 -12.42 20.74 31.09
N LYS E 204 -12.01 19.52 30.76
CA LYS E 204 -11.02 18.84 31.59
C LYS E 204 -9.64 19.48 31.47
N ASP E 205 -9.35 20.11 30.33
CA ASP E 205 -8.08 20.80 30.17
C ASP E 205 -8.05 22.12 30.96
N GLY E 206 -9.21 22.76 31.11
CA GLY E 206 -9.29 23.95 31.94
C GLY E 206 -8.50 25.11 31.37
N ALA E 207 -7.89 25.89 32.26
CA ALA E 207 -7.14 27.06 31.86
C ALA E 207 -5.84 26.71 31.15
N SER E 208 -5.32 25.49 31.34
CA SER E 208 -4.06 25.09 30.72
C SER E 208 -4.22 24.73 29.25
N LEU E 209 -5.41 24.90 28.67
CA LEU E 209 -5.60 24.61 27.27
C LEU E 209 -4.87 25.62 26.40
N GLY E 210 -4.06 25.13 25.47
CA GLY E 210 -3.39 25.98 24.51
C GLY E 210 -1.88 25.93 24.64
N SER E 211 -1.22 26.79 23.88
CA SER E 211 0.23 26.83 23.81
C SER E 211 0.77 27.93 24.70
N PRO E 212 1.65 27.62 25.66
CA PRO E 212 2.27 28.71 26.45
C PRO E 212 3.27 29.53 25.65
N ILE E 213 3.80 28.98 24.55
CA ILE E 213 4.67 29.77 23.67
C ILE E 213 3.85 30.88 23.02
N ASN E 214 2.68 30.54 22.49
CA ASN E 214 1.82 31.54 21.88
C ASN E 214 1.27 32.52 22.92
N LYS E 215 1.13 32.08 24.16
CA LYS E 215 0.71 32.99 25.22
C LYS E 215 1.76 34.05 25.49
N VAL E 216 3.04 33.65 25.55
CA VAL E 216 4.11 34.60 25.79
C VAL E 216 4.21 35.58 24.63
N ILE E 217 4.11 35.08 23.39
CA ILE E 217 4.19 35.93 22.22
C ILE E 217 3.03 36.92 22.19
N LEU E 218 1.84 36.46 22.58
CA LEU E 218 0.70 37.35 22.67
C LEU E 218 0.92 38.43 23.73
N ASN E 219 1.51 38.06 24.87
CA ASN E 219 1.75 39.04 25.92
C ASN E 219 2.91 39.97 25.57
N THR E 220 3.83 39.52 24.73
CA THR E 220 4.96 40.36 24.34
C THR E 220 4.57 41.35 23.26
N LEU E 221 3.97 40.87 22.17
CA LEU E 221 3.63 41.74 21.05
C LEU E 221 2.33 42.50 21.27
N LYS E 222 1.38 41.90 21.97
CA LYS E 222 0.07 42.48 22.21
C LYS E 222 -0.57 43.01 20.91
N PRO E 223 -0.75 42.16 19.90
CA PRO E 223 -1.26 42.64 18.62
C PRO E 223 -2.74 43.00 18.72
N LYS E 224 -3.22 43.68 17.68
CA LYS E 224 -4.63 44.06 17.64
C LYS E 224 -5.52 42.82 17.55
N TYR E 225 -5.12 41.84 16.75
CA TYR E 225 -5.86 40.60 16.58
C TYR E 225 -4.91 39.42 16.72
N TRP E 226 -5.39 38.36 17.37
CA TRP E 226 -4.73 37.06 17.36
C TRP E 226 -5.71 36.03 16.84
N ILE E 227 -5.34 35.33 15.77
CA ILE E 227 -6.22 34.41 15.07
C ILE E 227 -5.61 33.02 15.15
N SER E 228 -6.43 32.04 15.54
CA SER E 228 -5.97 30.67 15.69
C SER E 228 -7.01 29.72 15.15
N GLY E 229 -6.58 28.47 14.92
CA GLY E 229 -7.48 27.42 14.48
C GLY E 229 -7.34 26.18 15.33
N HIS E 230 -7.08 25.04 14.68
CA HIS E 230 -6.73 23.78 15.33
C HIS E 230 -7.90 23.13 16.07
N MET E 231 -8.66 23.90 16.84
CA MET E 231 -9.67 23.31 17.72
C MET E 231 -10.99 23.01 17.02
N HIS E 232 -11.14 23.39 15.75
CA HIS E 232 -12.31 23.04 14.95
C HIS E 232 -13.60 23.62 15.53
N CYS E 233 -13.52 24.85 16.04
CA CYS E 233 -14.70 25.53 16.56
C CYS E 233 -14.46 27.02 16.53
N GLU E 234 -15.53 27.78 16.74
CA GLU E 234 -15.49 29.24 16.76
C GLU E 234 -15.44 29.73 18.20
N TYR E 235 -14.68 30.81 18.43
CA TYR E 235 -14.54 31.34 19.78
C TYR E 235 -13.92 32.73 19.72
N HIS E 236 -14.39 33.61 20.60
N HIS E 236 -14.35 33.61 20.62
CA HIS E 236 -13.85 34.95 20.76
CA HIS E 236 -13.82 34.95 20.71
C HIS E 236 -13.40 35.15 22.20
C HIS E 236 -13.51 35.29 22.17
N ALA E 237 -12.39 35.99 22.38
CA ALA E 237 -11.91 36.29 23.72
C ALA E 237 -11.16 37.62 23.68
N GLU E 238 -10.94 38.18 24.86
CA GLU E 238 -10.26 39.48 25.01
C GLU E 238 -9.14 39.34 26.04
N GLU E 239 -7.92 39.66 25.62
CA GLU E 239 -6.75 39.65 26.51
C GLU E 239 -6.05 41.00 26.35
N GLY E 240 -6.39 41.95 27.22
CA GLY E 240 -5.89 43.29 27.11
C GLY E 240 -6.37 43.96 25.84
N PRO E 241 -5.46 44.63 25.13
CA PRO E 241 -5.81 45.26 23.87
C PRO E 241 -5.89 44.30 22.68
N THR E 242 -5.81 43.00 22.91
CA THR E 242 -5.77 42.01 21.84
C THR E 242 -7.14 41.34 21.70
N HIS E 243 -7.64 41.26 20.47
CA HIS E 243 -8.85 40.53 20.16
C HIS E 243 -8.48 39.14 19.67
N PHE E 244 -8.93 38.12 20.38
CA PHE E 244 -8.68 36.74 20.00
C PHE E 244 -9.84 36.20 19.18
N ILE E 245 -9.53 35.52 18.08
CA ILE E 245 -10.53 34.92 17.20
C ILE E 245 -10.07 33.51 16.88
N ALA E 246 -10.96 32.54 17.12
CA ALA E 246 -10.70 31.14 16.79
C ALA E 246 -11.65 30.69 15.69
N LEU E 247 -11.11 29.98 14.70
CA LEU E 247 -11.86 29.60 13.51
C LEU E 247 -11.95 28.08 13.42
N GLY E 248 -13.00 27.62 12.73
CA GLY E 248 -13.27 26.20 12.60
C GLY E 248 -12.51 25.53 11.47
N LYS E 249 -13.09 24.46 10.95
CA LYS E 249 -12.47 23.59 9.96
C LYS E 249 -13.22 23.69 8.64
N ILE E 250 -12.47 23.83 7.55
CA ILE E 250 -13.07 24.00 6.23
C ILE E 250 -14.03 22.86 5.95
N GLY E 251 -15.22 23.20 5.48
CA GLY E 251 -16.30 22.26 5.35
C GLY E 251 -17.26 22.24 6.51
N TYR E 252 -17.15 23.18 7.45
CA TYR E 252 -17.97 23.18 8.66
C TYR E 252 -18.26 24.62 9.06
N LYS E 253 -19.43 25.12 8.63
CA LYS E 253 -20.10 26.26 9.23
C LYS E 253 -19.22 27.47 9.51
N ASN E 254 -18.35 27.35 10.52
N ASN E 254 -18.39 27.39 10.56
CA ASN E 254 -17.62 28.46 11.11
CA ASN E 254 -17.65 28.56 11.01
C ASN E 254 -16.12 28.42 10.75
C ASN E 254 -16.16 28.42 10.75
N ALA E 255 -15.80 28.11 9.50
CA ALA E 255 -14.40 27.98 9.10
C ALA E 255 -13.81 29.29 8.61
N ILE E 256 -14.60 30.16 8.00
CA ILE E 256 -14.13 31.39 7.39
C ILE E 256 -14.86 32.56 8.03
N SER E 257 -14.09 33.54 8.51
CA SER E 257 -14.60 34.82 8.98
C SER E 257 -13.93 35.93 8.19
N TYR E 258 -14.35 37.17 8.44
CA TYR E 258 -13.88 38.31 7.65
C TYR E 258 -13.59 39.49 8.55
N LEU E 259 -12.39 40.04 8.40
CA LEU E 259 -11.95 41.24 9.12
C LEU E 259 -12.06 42.44 8.19
N ASP E 260 -12.78 43.47 8.63
CA ASP E 260 -12.94 44.71 7.88
C ASP E 260 -12.07 45.77 8.56
N LEU E 261 -10.86 45.96 8.03
CA LEU E 261 -9.85 46.81 8.63
C LEU E 261 -9.59 48.07 7.79
N PRO E 262 -9.12 49.15 8.41
CA PRO E 262 -8.84 50.37 7.65
C PRO E 262 -7.75 50.13 6.61
N LEU E 263 -7.95 50.69 5.42
CA LEU E 263 -7.02 50.56 4.30
C LEU E 263 -6.43 51.93 4.01
N LYS E 264 -5.25 52.19 4.57
CA LYS E 264 -4.56 53.45 4.29
C LYS E 264 -3.89 53.42 2.92
N GLN E 265 -2.95 52.50 2.74
CA GLN E 265 -2.16 52.41 1.52
C GLN E 265 -2.18 50.97 1.02
N LYS E 266 -2.59 50.79 -0.23
CA LYS E 266 -2.65 49.47 -0.84
C LYS E 266 -1.26 49.13 -1.38
N THR E 267 -0.59 48.17 -0.75
CA THR E 267 0.79 47.84 -1.07
C THR E 267 0.93 46.34 -1.24
N ASP E 268 1.86 45.94 -2.11
CA ASP E 268 2.11 44.52 -2.35
C ASP E 268 2.74 43.88 -1.11
N LEU E 269 2.76 42.54 -1.12
CA LEU E 269 3.35 41.79 -0.03
C LEU E 269 4.85 42.08 0.06
N GLU E 270 5.29 42.43 1.27
CA GLU E 270 6.69 42.79 1.50
C GLU E 270 7.18 42.15 2.78
N TYR E 271 8.50 41.94 2.84
CA TYR E 271 9.13 41.54 4.09
C TYR E 271 9.08 42.68 5.10
N ASP E 272 8.94 42.33 6.37
CA ASP E 272 8.99 43.33 7.43
C ASP E 272 10.45 43.71 7.70
N LYS E 273 10.72 45.01 7.72
CA LYS E 273 12.10 45.47 7.88
C LYS E 273 12.68 45.04 9.21
N ASP E 274 11.91 45.16 10.30
CA ASP E 274 12.40 44.73 11.59
C ASP E 274 12.69 43.24 11.61
N TRP E 275 11.85 42.44 10.96
CA TRP E 275 12.09 40.99 10.91
C TRP E 275 13.32 40.65 10.09
N VAL E 276 13.53 41.37 8.98
CA VAL E 276 14.73 41.15 8.17
C VAL E 276 15.99 41.39 8.99
N CYS E 277 15.96 42.42 9.84
CA CYS E 277 17.10 42.70 10.70
C CYS E 277 17.34 41.58 11.69
N ASN E 278 16.26 41.06 12.31
CA ASN E 278 16.41 39.94 13.23
C ASN E 278 16.96 38.71 12.51
N LEU E 279 16.51 38.48 11.27
CA LEU E 279 16.96 37.32 10.51
C LEU E 279 18.44 37.38 10.24
N ILE E 280 18.97 38.56 9.93
CA ILE E 280 20.39 38.71 9.64
C ILE E 280 21.21 38.60 10.91
N MET E 281 20.78 39.28 11.97
CA MET E 281 21.58 39.37 13.19
C MET E 281 21.65 38.05 13.94
N THR E 282 20.72 37.11 13.68
CA THR E 282 20.75 35.80 14.32
C THR E 282 21.43 34.75 13.47
N TRP E 283 22.03 35.14 12.36
CA TRP E 283 22.68 34.16 11.47
C TRP E 283 23.69 33.25 12.16
N PRO E 284 24.56 33.73 13.08
CA PRO E 284 25.48 32.80 13.74
C PRO E 284 24.79 31.62 14.40
N ALA E 285 23.58 31.81 14.94
CA ALA E 285 22.84 30.71 15.54
C ALA E 285 22.28 29.75 14.51
N PHE E 286 22.22 30.15 13.23
CA PHE E 286 21.69 29.30 12.16
C PHE E 286 22.75 28.91 11.14
N SER E 287 24.03 29.11 11.46
CA SER E 287 25.08 28.91 10.46
C SER E 287 25.27 27.45 10.08
N ASN E 288 24.88 26.52 10.94
CA ASN E 288 25.00 25.08 10.66
C ASN E 288 23.71 24.62 9.99
N LYS E 289 23.80 24.28 8.70
CA LYS E 289 22.62 23.83 7.97
C LYS E 289 22.12 22.48 8.46
N ALA E 290 22.95 21.71 9.17
CA ALA E 290 22.56 20.38 9.60
C ALA E 290 21.77 20.41 10.91
N GLN E 291 21.97 21.44 11.72
CA GLN E 291 21.28 21.53 13.02
C GLN E 291 21.17 22.99 13.42
N PHE E 292 19.93 23.46 13.52
CA PHE E 292 19.67 24.86 13.87
C PHE E 292 18.35 24.97 14.62
N PRO E 293 18.26 25.93 15.56
CA PRO E 293 19.31 26.89 15.92
C PRO E 293 20.36 26.32 16.88
N ASP E 294 21.59 26.83 16.80
CA ASP E 294 22.63 26.50 17.76
C ASP E 294 22.37 27.33 19.02
N LEU E 295 21.72 26.71 19.99
CA LEU E 295 21.29 27.43 21.18
C LEU E 295 22.40 27.65 22.19
N SER E 296 23.64 27.29 21.86
CA SER E 296 24.77 27.80 22.63
C SER E 296 24.91 29.31 22.45
N TYR E 297 24.41 29.85 21.34
CA TYR E 297 24.23 31.28 21.18
C TYR E 297 22.96 31.72 21.90
N SER E 298 22.98 32.95 22.39
CA SER E 298 21.79 33.59 22.94
C SER E 298 21.15 34.44 21.87
N ILE E 299 19.92 34.08 21.47
CA ILE E 299 19.21 34.87 20.47
C ILE E 299 19.09 36.31 20.91
N SER E 300 18.77 36.52 22.19
CA SER E 300 18.65 37.89 22.71
C SER E 300 19.96 38.65 22.61
N GLU E 301 21.09 37.98 22.91
CA GLU E 301 22.37 38.66 22.83
C GLU E 301 22.74 39.02 21.39
N LEU E 302 22.34 38.18 20.43
CA LEU E 302 22.60 38.51 19.03
C LEU E 302 21.69 39.64 18.56
N LEU E 303 20.43 39.64 19.00
CA LEU E 303 19.50 40.69 18.63
C LEU E 303 19.80 42.00 19.36
N SER E 304 20.53 41.95 20.47
CA SER E 304 20.85 43.17 21.21
C SER E 304 21.86 44.04 20.46
N LYS E 305 22.56 43.48 19.47
CA LYS E 305 23.53 44.23 18.70
C LYS E 305 22.91 45.10 17.61
N ARG E 306 21.58 45.08 17.46
CA ARG E 306 20.92 45.90 16.47
C ARG E 306 21.05 47.37 16.81
N THR E 307 21.50 48.17 15.84
CA THR E 307 21.51 49.62 15.96
C THR E 307 20.73 50.21 14.79
N LYS E 308 20.30 51.47 14.97
CA LYS E 308 19.49 52.13 13.94
C LYS E 308 20.24 52.23 12.62
N GLU E 309 21.53 52.54 12.68
CA GLU E 309 22.31 52.67 11.46
C GLU E 309 22.66 51.32 10.85
N LEU E 310 22.86 50.29 11.67
CA LEU E 310 23.13 48.97 11.13
C LEU E 310 21.87 48.36 10.52
N ASP E 311 20.70 48.73 11.01
CA ASP E 311 19.45 48.29 10.38
C ASP E 311 19.30 48.89 9.00
N LYS E 312 19.65 50.18 8.84
CA LYS E 312 19.62 50.81 7.53
C LYS E 312 20.56 50.13 6.55
N LYS E 313 21.71 49.64 7.05
CA LYS E 313 22.64 48.91 6.20
C LYS E 313 22.08 47.54 5.81
N ILE E 314 21.42 46.87 6.75
CA ILE E 314 20.86 45.54 6.48
C ILE E 314 19.78 45.63 5.40
N ILE E 315 18.90 46.62 5.52
CA ILE E 315 17.77 46.73 4.58
C ILE E 315 18.27 47.03 3.18
N GLU E 316 19.30 47.88 3.05
CA GLU E 316 19.79 48.21 1.71
C GLU E 316 20.46 47.01 1.05
N LEU E 317 21.14 46.16 1.84
CA LEU E 317 21.72 44.95 1.27
C LEU E 317 20.66 43.91 0.95
N TRP E 318 19.60 43.84 1.76
CA TRP E 318 18.50 42.94 1.47
C TRP E 318 17.78 43.35 0.19
N GLU E 319 17.50 44.65 0.05
CA GLU E 319 16.86 45.14 -1.16
C GLU E 319 17.73 44.90 -2.38
N LYS E 320 19.05 44.82 -2.19
CA LYS E 320 19.96 44.58 -3.30
C LYS E 320 19.89 43.13 -3.76
N TYR E 321 20.08 42.18 -2.85
CA TYR E 321 20.21 40.78 -3.21
C TYR E 321 18.88 40.05 -3.33
N ILE E 322 17.87 40.45 -2.55
CA ILE E 322 16.60 39.75 -2.49
C ILE E 322 15.44 40.64 -2.91
N GLY E 323 15.41 41.88 -2.43
CA GLY E 323 14.30 42.78 -2.70
C GLY E 323 13.31 42.79 -1.56
N LEU E 324 12.65 43.94 -1.38
CA LEU E 324 11.68 44.07 -0.29
C LEU E 324 10.36 43.40 -0.63
N LYS E 325 9.99 43.34 -1.90
CA LYS E 325 8.77 42.65 -2.30
C LYS E 325 9.00 41.15 -2.34
N ILE E 326 8.02 40.41 -1.82
CA ILE E 326 8.08 38.95 -1.81
C ILE E 326 7.53 38.48 -3.16
N ILE E 327 8.44 38.04 -4.03
CA ILE E 327 8.09 37.66 -5.39
C ILE E 327 8.04 36.15 -5.48
N TYR E 328 7.35 35.65 -6.51
CA TYR E 328 7.18 34.21 -6.68
C TYR E 328 8.45 33.58 -7.24
N ASP E 329 8.89 32.51 -6.59
CA ASP E 329 10.05 31.72 -7.00
C ASP E 329 9.61 30.28 -7.17
N SER E 330 9.92 29.69 -8.32
CA SER E 330 9.50 28.33 -8.62
C SER E 330 10.64 27.31 -8.51
N ASP E 331 11.76 27.71 -7.92
CA ASP E 331 12.81 26.75 -7.61
C ASP E 331 12.29 25.70 -6.64
N THR E 332 12.86 24.50 -6.70
CA THR E 332 12.51 23.47 -5.73
C THR E 332 12.83 23.96 -4.32
N PHE E 333 12.09 23.44 -3.34
CA PHE E 333 12.15 24.00 -2.00
C PHE E 333 13.49 23.75 -1.33
N ASP E 334 14.20 22.69 -1.74
CA ASP E 334 15.56 22.49 -1.26
C ASP E 334 16.52 23.54 -1.79
N ILE E 335 16.27 24.05 -3.01
CA ILE E 335 17.11 25.10 -3.56
C ILE E 335 16.81 26.43 -2.87
N GLN E 336 15.53 26.71 -2.59
CA GLN E 336 15.17 27.94 -1.91
C GLN E 336 15.71 27.98 -0.49
N PHE E 337 15.84 26.80 0.15
CA PHE E 337 16.49 26.72 1.45
C PHE E 337 17.94 27.23 1.36
N THR E 338 18.70 26.72 0.40
CA THR E 338 20.09 27.10 0.26
C THR E 338 20.23 28.55 -0.18
N SER E 339 19.37 28.99 -1.11
CA SER E 339 19.50 30.32 -1.68
C SER E 339 19.24 31.40 -0.63
N ARG E 340 18.14 31.29 0.11
CA ARG E 340 17.82 32.31 1.11
C ARG E 340 18.87 32.36 2.21
N ARG E 341 19.34 31.20 2.66
CA ARG E 341 20.39 31.17 3.68
C ARG E 341 21.70 31.73 3.15
N PHE E 342 21.98 31.54 1.86
CA PHE E 342 23.22 32.07 1.29
C PHE E 342 23.26 33.59 1.38
N TYR E 343 22.13 34.25 1.08
CA TYR E 343 22.10 35.70 1.11
C TYR E 343 21.94 36.26 2.52
N ILE E 344 21.36 35.48 3.44
CA ILE E 344 21.41 35.85 4.86
C ILE E 344 22.85 35.88 5.33
N GLU E 345 23.61 34.83 4.98
CA GLU E 345 25.02 34.77 5.35
C GLU E 345 25.82 35.88 4.67
N LYS E 346 25.50 36.15 3.40
CA LYS E 346 26.24 37.16 2.65
C LYS E 346 26.05 38.55 3.26
N ILE E 347 24.80 38.91 3.56
CA ILE E 347 24.53 40.21 4.16
C ILE E 347 25.20 40.32 5.52
N TYR E 348 25.14 39.24 6.31
CA TYR E 348 25.76 39.27 7.64
C TYR E 348 27.27 39.46 7.53
N ASN E 349 27.92 38.75 6.61
CA ASN E 349 29.37 38.83 6.49
C ASN E 349 29.84 40.14 5.87
N GLU E 350 28.94 40.96 5.33
CA GLU E 350 29.30 42.26 4.80
C GLU E 350 29.01 43.39 5.79
N LEU E 351 28.40 43.08 6.94
CA LEU E 351 28.24 44.07 8.00
C LEU E 351 29.52 44.27 8.80
N ASN E 352 30.40 43.27 8.82
CA ASN E 352 31.69 43.33 9.52
C ASN E 352 31.49 43.50 11.02
N ILE E 353 31.03 42.42 11.64
CA ILE E 353 30.81 42.37 13.08
C ILE E 353 31.29 41.03 13.64
ZN ZN P . -54.31 -17.14 3.59
FE FE2 Q . -53.75 -14.44 5.81
S SO4 R . -33.42 -16.39 14.30
O1 SO4 R . -32.72 -16.40 15.58
O2 SO4 R . -34.19 -15.15 14.18
O3 SO4 R . -32.46 -16.46 13.20
O4 SO4 R . -34.33 -17.53 14.23
S SO4 S . -55.19 -26.33 2.59
O1 SO4 S . -54.61 -24.99 2.59
O2 SO4 S . -56.05 -26.49 3.76
O3 SO4 S . -54.11 -27.32 2.63
O4 SO4 S . -55.97 -26.52 1.37
S SO4 T . -15.05 5.66 1.15
O1 SO4 T . -13.75 5.93 1.76
O2 SO4 T . -15.74 4.63 1.91
O3 SO4 T . -14.87 5.22 -0.22
O4 SO4 T . -15.85 6.88 1.17
S SO4 U . -27.62 -21.28 6.63
O1 SO4 U . -26.73 -20.62 7.58
O2 SO4 U . -28.96 -20.69 6.75
O3 SO4 U . -27.11 -21.09 5.28
O4 SO4 U . -27.70 -22.70 6.93
S SO4 V . -24.01 -4.08 15.57
O1 SO4 V . -23.87 -4.76 16.85
O2 SO4 V . -23.85 -2.64 15.75
O3 SO4 V . -22.97 -4.56 14.65
O4 SO4 V . -25.32 -4.35 15.00
O OH W . -54.90 -15.55 4.63
FE FE2 X . -9.87 -19.58 -7.31
ZN ZN Y . -10.49 -20.70 -4.04
S SO4 Z . -16.62 1.69 -8.68
O1 SO4 Z . -17.56 0.60 -8.46
O2 SO4 Z . -16.08 2.15 -7.40
O3 SO4 Z . -15.52 1.22 -9.53
O4 SO4 Z . -17.29 2.79 -9.35
S SO4 AA . -16.74 -23.08 2.78
O1 SO4 AA . -15.56 -23.47 3.53
O2 SO4 AA . -17.84 -22.81 3.69
O3 SO4 AA . -16.46 -21.88 1.99
O4 SO4 AA . -17.12 -24.17 1.87
S SO4 BA . 3.66 -28.19 -20.73
O1 SO4 BA . 4.22 -28.47 -19.42
O2 SO4 BA . 2.48 -27.33 -20.58
O3 SO4 BA . 4.64 -27.51 -21.56
O4 SO4 BA . 3.25 -29.44 -21.37
S SO4 CA . 23.58 -0.32 -21.06
O1 SO4 CA . 24.35 -1.39 -20.43
O2 SO4 CA . 23.49 0.82 -20.13
O3 SO4 CA . 24.24 0.11 -22.28
O4 SO4 CA . 22.23 -0.79 -21.37
O OH DA . -9.86 -20.85 -5.91
ZN ZN EA . 34.01 -5.88 -41.86
FE FE2 FA . 30.61 -4.98 -40.97
S SO4 GA . 17.21 -11.87 -57.10
O1 SO4 GA . 18.03 -12.39 -56.01
O2 SO4 GA . 15.97 -11.32 -56.57
O3 SO4 GA . 17.94 -10.84 -57.82
O4 SO4 GA . 16.90 -12.97 -58.02
S SO4 HA . 2.00 -37.21 -46.72
O1 SO4 HA . 2.04 -38.13 -45.58
O2 SO4 HA . 1.71 -35.86 -46.24
O3 SO4 HA . 3.28 -37.22 -47.40
O4 SO4 HA . 0.94 -37.62 -47.64
S SO4 IA . 43.93 -4.80 -32.71
O1 SO4 IA . 44.77 -5.69 -31.91
O2 SO4 IA . 42.98 -4.11 -31.83
O3 SO4 IA . 44.76 -3.82 -33.39
O4 SO4 IA . 43.20 -5.59 -33.69
S SO4 JA . 41.30 -4.88 -47.95
O1 SO4 JA . 41.91 -5.85 -47.02
O2 SO4 JA . 41.42 -3.54 -47.39
O3 SO4 JA . 41.97 -4.95 -49.24
O4 SO4 JA . 39.88 -5.20 -48.12
S SO4 KA . 30.09 -8.80 -14.53
O1 SO4 KA . 30.74 -7.92 -13.56
O2 SO4 KA . 29.38 -9.86 -13.83
O3 SO4 KA . 31.10 -9.39 -15.41
O4 SO4 KA . 29.15 -8.03 -15.32
S SO4 LA . 44.17 -15.00 -53.73
O1 SO4 LA . 45.17 -15.16 -52.68
O2 SO4 LA . 43.04 -14.24 -53.23
O3 SO4 LA . 44.77 -14.29 -54.87
O4 SO4 LA . 43.72 -16.32 -54.18
S SO4 MA . 22.70 -20.76 -61.26
O1 SO4 MA . 22.76 -21.95 -60.41
O2 SO4 MA . 21.77 -19.80 -60.70
O3 SO4 MA . 24.04 -20.17 -61.34
O4 SO4 MA . 22.26 -21.15 -62.60
O OH NA . 32.53 -5.07 -40.80
FE FE2 OA . 8.47 -5.61 38.84
ZN ZN PA . 9.10 -9.01 37.85
S SO4 QA . 22.49 -0.28 55.01
O1 SO4 QA . 21.38 -1.14 55.41
O2 SO4 QA . 23.53 -0.32 56.04
O3 SO4 QA . 22.01 1.10 54.87
O4 SO4 QA . 23.05 -0.74 53.75
S SO4 RA . 23.81 10.90 15.78
O1 SO4 RA . 23.76 9.97 16.91
O2 SO4 RA . 24.06 12.25 16.27
O3 SO4 RA . 24.88 10.50 14.87
O4 SO4 RA . 22.54 10.86 15.07
S SO4 SA . 11.80 22.09 37.33
O1 SO4 SA . 12.63 21.56 38.42
O2 SO4 SA . 11.41 23.46 37.63
O3 SO4 SA . 12.56 22.06 36.09
O4 SO4 SA . 10.62 21.25 37.19
S SO4 TA . 20.74 -19.34 47.66
O1 SO4 TA . 21.01 -20.62 48.31
O2 SO4 TA . 20.58 -18.31 48.68
O3 SO4 TA . 21.87 -19.00 46.80
O4 SO4 TA . 19.52 -19.44 46.87
S SO4 UA . 8.93 -18.33 40.52
O1 SO4 UA . 10.29 -18.09 40.96
O2 SO4 UA . 8.36 -19.45 41.27
O3 SO4 UA . 8.12 -17.14 40.74
O4 SO4 UA . 8.93 -18.66 39.09
O OH VA . 7.98 -7.32 37.88
FE FE2 WA . -4.57 21.15 13.91
ZN ZN XA . -7.58 20.97 12.05
S SO4 YA . 12.36 15.94 0.59
O1 SO4 YA . 12.41 16.78 1.78
O2 SO4 YA . 11.58 14.75 0.88
O3 SO4 YA . 13.72 15.55 0.20
O4 SO4 YA . 11.73 16.67 -0.50
S SO4 ZA . -13.79 15.50 7.12
O1 SO4 ZA . -13.66 15.01 8.49
O2 SO4 ZA . -12.77 16.50 6.85
O3 SO4 ZA . -15.11 16.09 6.94
O4 SO4 ZA . -13.62 14.38 6.19
S SO4 AB . 18.14 33.31 24.94
O1 SO4 AB . 19.22 33.55 25.90
O2 SO4 AB . 17.06 32.58 25.59
O3 SO4 AB . 17.64 34.60 24.46
O4 SO4 AB . 18.65 32.54 23.81
S SO4 BB . 8.87 19.59 -9.39
O1 SO4 BB . 8.41 19.14 -8.08
O2 SO4 BB . 10.30 19.89 -9.32
O3 SO4 BB . 8.13 20.78 -9.79
O4 SO4 BB . 8.65 18.53 -10.37
O OH CB . -6.55 21.13 13.69
#